data_7NL9
#
_entry.id   7NL9
#
_cell.length_a   1.00
_cell.length_b   1.00
_cell.length_c   1.00
_cell.angle_alpha   90.00
_cell.angle_beta   90.00
_cell.angle_gamma   90.00
#
_symmetry.space_group_name_H-M   'P 1'
#
loop_
_entity.id
_entity.type
_entity.pdbx_description
1 polymer 'ATP synthase subunit alpha'
2 polymer 'ATP synthase gamma chain'
3 polymer 'ATP synthase epsilon chain'
4 polymer 'ATP synthase subunit c'
5 polymer 'ATP synthase subunit a'
6 polymer 'ATP synthase subunit b'
7 polymer 'ATP synthase subunit b-delta'
#
loop_
_entity_poly.entity_id
_entity_poly.type
_entity_poly.pdbx_seq_one_letter_code
_entity_poly.pdbx_strand_id
1 'polypeptide(L)'
;MAELTISAADIEGAIEDYVSSFSADTEREEIGTVIDAGDGIAHVEGLPSVMTQELLEFPGGVLGVALNLDEHSVGAVILG
EFEKIEEGQQVKRTGEVLSVPVGDAFLGRVVNPLGQPIDGQGDIAAETRRALELQAPSVVQRQSVSEPLQTGIKAIDAMT
PIGRGQRQLIIGDRKTGKTAVCVDTILNQREAWLTGDPKQQVRCVYVAIGQKGTTIASVKRALEEGGAMEYTTIVAAPAS
DAAGFKWLAPYTGSAIGQHWMYNGKHVLIVFDDLSKQADAYRAISLLLRRPPGREAFPGDVFYLHSRLLERCAKLSDELG
GGSMTGLPIIETKANDISAFIPTNVISITDGQCFLESDLFNQGVRPAINVGVSVSRVGGAAQIKAMKEVAGSLRLDLSQY
RELEAFAAFASDLDAASKAQLDRGARLVELLKQPQYSPLAVEEQVVAIFLGTQGHLDSVPVEDVQRFESELLEHVKASHS
DIFDGIRETKKLSEEAEEKLVSVINEFKKGFQASDGSSVVVSENAEALDPEDLEKESVKVRKPAPKKA
;
C
2 'polypeptide(L)'
;MAATLRELRGRIRSAGSIKKITKAQELIATSRIAKAQARVEAARPYAAEITNMLTELAGASALDHPLLVERKQPKRAGVL
VVSSDRGLCGAYNANVLRRAEELFSLLRDEGKDPVLYVVGRKALGYFSFRQRTVVESWTGFSERPTYENAREIADTLVNA
FMAGADDEGDDAGADGILGVDELHIVFTEFRSMLSQTAVARRAAPMEVEYVGEVETGPRTLYSFEPDPETLFDALLPRYI
ATRVYAALLEAAASESASRRRAMKSATDNADDLIKALTLAANRERQAQITQEISEIVGGANALAGSK
;
G
3 'polypeptide(L)'
;MADLNVEIVAVERELWSGPATFVFTRTTAGEIGILPRHIPLVAQLVDDAMVRVEREGEDDLRIAVDGGFLSVTEETVRIL
VENAQFESEIDADAAKEDAASDDERTAAWGRARLRALGQID
;
H
4 'polypeptide(L)'
;MDLDPNAIITAGALIGGGLIMGGGAIGAGIGDGIAGNALISGIARQPEAQGRLFTPFFITVGLVEAAYFINLAFMALFVF
ATPGLQ
;
L,M,N,O,P,Q,R,S,T
5 'polypeptide(L)'
;MLAAEEGGAAIHVGHHTLVFELFGMTFNGDTILATAVTAVIVIALAFYLRAKVTSTGVPSGVQLFWEALTIQMRQQIEGS
IGMKIAPFVLPLSVTIFVFILISNWLAVLPLQYGGADGAAAELYKAPASDINFVLALALFVFVCYHAAGIWRRGIVGHPI
KVVKGHVAFLAPINIVEELAKPISLALRLFGNIFAGGILVALIAMFPWYIQWFPNAVWKTFDLFVGLIQAFIFSLLTILY
FSQSMELDHEDH
;
a
6 'polypeptide(L)'
;MGEFSATILAASQAAEEGGGGSNFLIPNGTFFAVLIIFLIVLGVISKWVVPPISKVLAEREAMLAKTAADNRKSAEQVAA
AQADYEKEMAEARAQASALRDEARAAGRSVVDEKRAQASGEVAQTLTQADQQLSAQGDQVRSGLESSVDGLSAKLASRIL
GVDVNSGGTQHHHHHHHHHH
;
b
7 'polypeptide(L)'
;MSIFIGQLIGFAVIAFIIVKWVVPPVRTLMRNQQEAVRAALAESAEAAKKLADADAMHAKALADAKAESEKVTEEAKQDS
ERIAAQLSEQAGSEAERIKAQGAQQIQLMRQQLIRQLRTGLGAEAVNKAAEIVRAHVADPQAQSATVDRFLSELEQMAPS
SVVIDTAATSRLRAASRQSLAALVEKFDSVAGGLDADGLTNLADELASVAKLLLSETALNKHLAEPTDDSAPKVRLLERL
LSDKVSATTLDLLRTAVSNRWSTESNLIDAVEHTARLALLKRAEIAGEVDEVEEQLFRFGRVLDAEPRLSALLSDYTTPA
EGRVALLDKALTGRPGVNQTAAALLSQTVGLLRGERADEAVIDLAELAVSRRGEVVAHVSAAAELSDAQRTRLTEVLSRI
YGRPVSVQLHVDPELLGGLSITVGDEVIDGSIASRLAAAQTGLPD
;
d
#
# COMPACT_ATOMS: atom_id res chain seq x y z
N VAL A 538 35.44 -25.45 -21.53
CA VAL A 538 34.12 -24.91 -21.28
C VAL A 538 33.64 -24.10 -22.47
N LYS A 539 32.85 -24.74 -23.33
CA LYS A 539 32.32 -24.07 -24.50
C LYS A 539 31.50 -22.85 -24.10
N VAL A 540 31.71 -21.74 -24.81
CA VAL A 540 30.94 -20.53 -24.62
C VAL A 540 30.41 -20.08 -25.98
N ARG A 541 29.09 -19.89 -26.07
CA ARG A 541 28.45 -19.54 -27.34
C ARG A 541 28.45 -18.02 -27.53
N LYS A 542 29.65 -17.45 -27.52
CA LYS A 542 29.84 -16.03 -27.76
C LYS A 542 31.08 -15.82 -28.61
N PRO A 543 31.14 -14.74 -29.37
CA PRO A 543 32.36 -14.47 -30.15
C PRO A 543 33.54 -14.19 -29.25
N ALA A 544 34.74 -14.48 -29.77
CA ALA A 544 35.95 -14.25 -29.00
C ALA A 544 36.15 -12.76 -28.73
N PRO A 545 36.86 -12.40 -27.66
CA PRO A 545 37.04 -10.99 -27.31
C PRO A 545 38.14 -10.32 -28.12
N ASN B 52 25.57 -28.60 -21.53
CA ASN B 52 24.67 -27.62 -22.14
C ASN B 52 24.34 -26.50 -21.15
N MET B 53 23.81 -26.86 -19.99
CA MET B 53 23.55 -25.86 -18.96
C MET B 53 24.81 -25.10 -18.60
N LEU B 54 25.94 -25.80 -18.54
CA LEU B 54 27.20 -25.12 -18.23
C LEU B 54 27.53 -24.10 -19.30
N THR B 55 27.30 -24.42 -20.56
CA THR B 55 27.55 -23.47 -21.64
C THR B 55 26.67 -22.22 -21.48
N GLU B 56 25.39 -22.43 -21.21
CA GLU B 56 24.47 -21.30 -21.05
C GLU B 56 24.89 -20.42 -19.89
N LEU B 57 25.26 -21.04 -18.76
CA LEU B 57 25.69 -20.26 -17.60
C LEU B 57 26.98 -19.51 -17.90
N ALA B 58 27.92 -20.15 -18.60
CA ALA B 58 29.17 -19.50 -18.94
C ALA B 58 28.92 -18.28 -19.81
N GLY B 59 28.02 -18.40 -20.80
CA GLY B 59 27.73 -17.26 -21.64
C GLY B 59 27.25 -16.06 -20.85
N ALA B 60 26.32 -16.29 -19.92
CA ALA B 60 25.77 -15.18 -19.14
C ALA B 60 26.73 -14.71 -18.05
N SER B 61 27.42 -15.64 -17.40
CA SER B 61 28.21 -15.34 -16.22
C SER B 61 29.61 -14.87 -16.61
N ALA B 62 30.18 -14.00 -15.77
CA ALA B 62 31.57 -13.59 -15.95
C ALA B 62 32.49 -14.78 -15.76
N LEU B 63 33.44 -14.92 -16.69
CA LEU B 63 34.34 -16.07 -16.70
C LEU B 63 35.59 -15.78 -15.86
N ASP B 64 35.41 -15.88 -14.54
CA ASP B 64 36.47 -15.63 -13.58
C ASP B 64 36.57 -16.70 -12.51
N HIS B 65 35.88 -17.83 -12.68
CA HIS B 65 35.91 -18.87 -11.66
C HIS B 65 37.33 -19.39 -11.50
N PRO B 66 37.84 -19.53 -10.26
CA PRO B 66 39.21 -20.02 -10.10
C PRO B 66 39.45 -21.36 -10.78
N LEU B 67 38.52 -22.31 -10.62
CA LEU B 67 38.66 -23.60 -11.30
C LEU B 67 38.67 -23.42 -12.81
N LEU B 68 37.85 -22.49 -13.31
CA LEU B 68 37.82 -22.24 -14.75
C LEU B 68 39.17 -21.75 -15.25
N VAL B 69 39.79 -20.84 -14.51
CA VAL B 69 41.10 -20.31 -14.88
C VAL B 69 42.20 -21.15 -14.22
N GLU B 207 39.54 -24.55 -19.21
CA GLU B 207 39.81 -23.55 -20.22
C GLU B 207 38.52 -22.88 -20.69
N VAL B 208 38.62 -22.06 -21.72
CA VAL B 208 37.48 -21.34 -22.28
C VAL B 208 37.55 -21.41 -23.79
N GLU B 209 36.40 -21.64 -24.42
CA GLU B 209 36.28 -21.68 -25.87
C GLU B 209 35.14 -20.76 -26.29
N TYR B 210 35.26 -20.19 -27.49
CA TYR B 210 34.31 -19.21 -27.99
C TYR B 210 33.79 -19.63 -29.35
N VAL B 211 32.46 -19.61 -29.53
CA VAL B 211 31.82 -19.81 -30.81
C VAL B 211 30.71 -18.78 -30.96
N GLY B 212 30.33 -18.53 -32.21
CA GLY B 212 29.30 -17.55 -32.50
C GLY B 212 28.00 -17.81 -31.76
N THR B 220 15.41 -15.22 -27.47
CA THR B 220 14.94 -15.49 -26.11
C THR B 220 16.10 -15.87 -25.20
N LEU B 221 16.13 -15.27 -24.02
CA LEU B 221 17.21 -15.50 -23.07
C LEU B 221 16.81 -16.58 -22.06
N TYR B 222 17.82 -17.05 -21.33
CA TYR B 222 17.60 -17.98 -20.23
C TYR B 222 17.55 -17.21 -18.92
N SER B 223 16.49 -17.44 -18.14
CA SER B 223 16.41 -16.87 -16.80
C SER B 223 17.15 -17.76 -15.82
N PHE B 224 17.98 -17.16 -14.98
CA PHE B 224 18.71 -17.87 -13.94
C PHE B 224 18.17 -17.42 -12.60
N GLU B 225 17.54 -18.35 -11.87
CA GLU B 225 16.73 -17.94 -10.72
C GLU B 225 17.57 -17.23 -9.67
N PRO B 226 18.71 -17.76 -9.21
CA PRO B 226 19.66 -16.90 -8.50
C PRO B 226 20.57 -16.20 -9.50
N ASP B 227 21.57 -15.47 -9.03
CA ASP B 227 22.51 -14.86 -9.96
C ASP B 227 23.24 -15.95 -10.72
N PRO B 228 23.55 -15.74 -12.01
CA PRO B 228 24.25 -16.80 -12.77
C PRO B 228 25.58 -17.18 -12.17
N GLU B 229 26.22 -16.26 -11.44
CA GLU B 229 27.53 -16.57 -10.86
C GLU B 229 27.44 -17.72 -9.86
N THR B 230 26.42 -17.70 -8.99
CA THR B 230 26.28 -18.77 -8.01
C THR B 230 25.99 -20.11 -8.70
N LEU B 231 25.14 -20.11 -9.71
CA LEU B 231 24.86 -21.36 -10.43
C LEU B 231 26.11 -21.88 -11.11
N PHE B 232 26.90 -20.99 -11.73
CA PHE B 232 28.14 -21.42 -12.36
C PHE B 232 29.10 -22.00 -11.32
N ASP B 233 29.22 -21.35 -10.17
CA ASP B 233 30.11 -21.84 -9.13
C ASP B 233 29.67 -23.20 -8.62
N ALA B 234 28.37 -23.41 -8.45
CA ALA B 234 27.87 -24.67 -7.93
C ALA B 234 27.86 -25.78 -8.97
N LEU B 235 27.84 -25.43 -10.26
CA LEU B 235 27.73 -26.41 -11.32
C LEU B 235 29.09 -26.81 -11.90
N LEU B 236 30.02 -25.88 -12.02
CA LEU B 236 31.32 -26.19 -12.61
C LEU B 236 32.01 -27.36 -11.91
N PRO B 237 32.03 -27.44 -10.56
CA PRO B 237 32.61 -28.62 -9.90
C PRO B 237 31.99 -29.92 -10.37
N ASP C 3 0.32 -29.93 -22.21
CA ASP C 3 1.23 -30.72 -21.40
C ASP C 3 2.68 -30.40 -21.72
N LEU C 4 3.58 -30.68 -20.78
CA LEU C 4 4.99 -30.47 -20.97
C LEU C 4 5.74 -31.76 -20.63
N ASN C 5 6.83 -32.01 -21.35
CA ASN C 5 7.57 -33.25 -21.20
C ASN C 5 8.56 -33.09 -20.05
N VAL C 6 8.30 -33.75 -18.93
CA VAL C 6 9.22 -33.76 -17.81
C VAL C 6 10.20 -34.90 -18.02
N GLU C 7 11.46 -34.67 -17.65
CA GLU C 7 12.52 -35.68 -17.78
C GLU C 7 13.43 -35.55 -16.57
N ILE C 8 13.34 -36.52 -15.66
CA ILE C 8 14.21 -36.56 -14.48
C ILE C 8 15.42 -37.42 -14.82
N VAL C 9 16.60 -36.82 -14.74
CA VAL C 9 17.83 -37.52 -15.08
C VAL C 9 18.89 -37.26 -14.03
N TRP C 16 13.11 -40.95 -14.94
CA TRP C 16 11.75 -40.91 -15.44
C TRP C 16 11.63 -39.90 -16.58
N SER C 17 10.61 -40.07 -17.42
CA SER C 17 10.38 -39.17 -18.54
C SER C 17 8.98 -39.37 -19.11
N GLY C 18 8.22 -38.29 -19.26
CA GLY C 18 6.90 -38.36 -19.84
C GLY C 18 6.14 -37.06 -19.74
N PRO C 19 4.95 -37.02 -20.33
CA PRO C 19 4.12 -35.81 -20.25
C PRO C 19 3.64 -35.55 -18.84
N ALA C 20 3.41 -34.27 -18.53
CA ALA C 20 2.88 -33.87 -17.24
C ALA C 20 2.16 -32.55 -17.41
N THR C 21 1.35 -32.20 -16.41
CA THR C 21 0.60 -30.96 -16.42
C THR C 21 1.20 -29.90 -15.50
N PHE C 22 1.91 -30.29 -14.46
CA PHE C 22 2.47 -29.32 -13.53
C PHE C 22 3.71 -29.91 -12.87
N VAL C 23 4.69 -29.07 -12.59
CA VAL C 23 5.94 -29.51 -11.96
C VAL C 23 6.29 -28.57 -10.83
N PHE C 24 6.11 -29.03 -9.60
CA PHE C 24 6.47 -28.25 -8.41
C PHE C 24 7.82 -28.69 -7.89
N THR C 25 8.60 -27.74 -7.39
CA THR C 25 9.87 -28.06 -6.75
C THR C 25 10.29 -26.86 -5.91
N ARG C 26 11.46 -26.98 -5.29
CA ARG C 26 11.97 -25.95 -4.39
C ARG C 26 13.43 -25.69 -4.75
N THR C 27 13.71 -24.53 -5.34
CA THR C 27 15.06 -24.17 -5.70
C THR C 27 15.69 -23.37 -4.57
N THR C 28 16.92 -22.87 -4.80
CA THR C 28 17.57 -22.05 -3.81
C THR C 28 16.79 -20.76 -3.58
N ALA C 29 16.29 -20.14 -4.65
CA ALA C 29 15.50 -18.93 -4.50
C ALA C 29 14.22 -19.20 -3.72
N GLY C 30 13.53 -20.28 -4.02
CA GLY C 30 12.31 -20.62 -3.33
C GLY C 30 11.49 -21.60 -4.13
N GLU C 31 10.30 -21.88 -3.62
CA GLU C 31 9.40 -22.81 -4.28
C GLU C 31 9.00 -22.27 -5.65
N ILE C 32 8.98 -23.16 -6.64
CA ILE C 32 8.65 -22.79 -8.01
C ILE C 32 7.75 -23.85 -8.61
N GLY C 33 6.70 -23.42 -9.29
CA GLY C 33 5.83 -24.29 -10.06
C GLY C 33 5.94 -23.96 -11.53
N ILE C 34 6.09 -25.00 -12.35
CA ILE C 34 6.28 -24.88 -13.78
C ILE C 34 5.04 -25.43 -14.48
N LEU C 35 4.51 -24.65 -15.41
CA LEU C 35 3.37 -24.96 -16.25
C LEU C 35 3.81 -25.10 -17.70
N PRO C 36 2.90 -25.51 -18.59
CA PRO C 36 3.33 -25.94 -19.93
C PRO C 36 4.20 -24.96 -20.70
N ARG C 37 4.00 -23.65 -20.55
CA ARG C 37 4.73 -22.67 -21.37
C ARG C 37 5.56 -21.73 -20.52
N HIS C 38 6.12 -22.23 -19.42
CA HIS C 38 7.01 -21.42 -18.59
C HIS C 38 8.16 -20.87 -19.43
N ILE C 39 8.73 -19.77 -18.98
CA ILE C 39 9.87 -19.14 -19.64
C ILE C 39 11.09 -20.06 -19.50
N PRO C 40 12.06 -19.99 -20.40
CA PRO C 40 13.30 -20.74 -20.19
C PRO C 40 13.94 -20.36 -18.87
N LEU C 41 14.46 -21.35 -18.16
CA LEU C 41 14.93 -21.14 -16.80
C LEU C 41 16.04 -22.14 -16.50
N VAL C 42 16.99 -21.71 -15.68
CA VAL C 42 18.01 -22.60 -15.14
C VAL C 42 18.15 -22.29 -13.66
N ALA C 43 17.96 -23.28 -12.81
CA ALA C 43 17.97 -23.08 -11.37
C ALA C 43 18.61 -24.27 -10.70
N GLN C 44 18.99 -24.09 -9.44
CA GLN C 44 19.61 -25.13 -8.63
C GLN C 44 18.62 -25.55 -7.55
N LEU C 45 18.27 -26.83 -7.54
CA LEU C 45 17.38 -27.35 -6.52
C LEU C 45 18.04 -27.28 -5.15
N VAL C 46 17.21 -27.13 -4.12
CA VAL C 46 17.74 -27.06 -2.76
C VAL C 46 18.32 -28.42 -2.36
N ASP C 47 19.13 -28.40 -1.30
CA ASP C 47 19.81 -29.63 -0.89
C ASP C 47 18.83 -30.77 -0.65
N ASP C 48 17.72 -30.49 0.03
CA ASP C 48 16.69 -31.48 0.32
C ASP C 48 15.49 -31.33 -0.61
N ALA C 49 15.74 -30.98 -1.87
CA ALA C 49 14.66 -30.69 -2.80
C ALA C 49 13.79 -31.92 -3.02
N MET C 50 12.49 -31.66 -3.20
CA MET C 50 11.52 -32.67 -3.59
C MET C 50 10.81 -32.17 -4.83
N VAL C 51 10.62 -33.07 -5.80
CA VAL C 51 10.02 -32.72 -7.08
C VAL C 51 8.68 -33.43 -7.20
N ARG C 52 7.61 -32.67 -7.36
CA ARG C 52 6.28 -33.21 -7.54
C ARG C 52 5.86 -33.01 -8.99
N VAL C 53 5.39 -34.07 -9.63
CA VAL C 53 4.93 -34.02 -11.02
C VAL C 53 3.46 -34.41 -11.04
N GLU C 54 2.63 -33.54 -11.60
CA GLU C 54 1.20 -33.76 -11.72
C GLU C 54 0.88 -34.00 -13.19
N ARG C 55 0.33 -35.18 -13.48
CA ARG C 55 0.00 -35.62 -14.83
C ARG C 55 -1.51 -35.57 -15.04
N GLU C 56 -1.91 -35.72 -16.30
CA GLU C 56 -3.31 -35.63 -16.67
C GLU C 56 -4.04 -36.88 -16.23
N GLY C 57 -4.68 -36.81 -15.06
CA GLY C 57 -5.44 -37.94 -14.54
C GLY C 57 -4.60 -39.12 -14.09
N GLU C 58 -3.48 -38.88 -13.42
CA GLU C 58 -2.71 -39.93 -12.78
C GLU C 58 -2.19 -39.41 -11.45
N ASP C 59 -1.78 -40.35 -10.59
CA ASP C 59 -1.24 -39.97 -9.30
C ASP C 59 0.06 -39.18 -9.48
N ASP C 60 0.26 -38.19 -8.62
CA ASP C 60 1.44 -37.34 -8.71
C ASP C 60 2.69 -38.11 -8.33
N LEU C 61 3.77 -37.90 -9.06
CA LEU C 61 5.06 -38.51 -8.77
C LEU C 61 5.82 -37.60 -7.81
N ARG C 62 6.16 -38.11 -6.63
CA ARG C 62 6.84 -37.33 -5.59
C ARG C 62 8.26 -37.88 -5.47
N ILE C 63 9.17 -37.35 -6.29
CA ILE C 63 10.55 -37.80 -6.34
C ILE C 63 11.37 -37.04 -5.31
N ALA C 64 12.31 -37.73 -4.70
CA ALA C 64 13.31 -37.11 -3.84
C ALA C 64 14.58 -36.89 -4.66
N VAL C 65 15.23 -35.76 -4.44
CA VAL C 65 16.35 -35.33 -5.27
C VAL C 65 17.49 -34.86 -4.39
N ASP C 66 18.72 -35.15 -4.82
CA ASP C 66 19.93 -34.71 -4.13
C ASP C 66 20.81 -33.98 -5.13
N GLY C 67 21.17 -32.73 -4.82
CA GLY C 67 22.03 -31.96 -5.69
C GLY C 67 21.45 -31.79 -7.08
N GLY C 68 20.16 -31.45 -7.16
CA GLY C 68 19.51 -31.34 -8.44
C GLY C 68 19.79 -30.04 -9.15
N PHE C 69 19.32 -29.97 -10.39
CA PHE C 69 19.46 -28.77 -11.22
C PHE C 69 18.31 -28.76 -12.20
N LEU C 70 17.42 -27.77 -12.06
CA LEU C 70 16.25 -27.65 -12.93
C LEU C 70 16.60 -26.83 -14.16
N SER C 71 16.08 -27.27 -15.31
CA SER C 71 16.28 -26.57 -16.58
C SER C 71 14.97 -26.62 -17.34
N VAL C 72 14.29 -25.49 -17.45
CA VAL C 72 13.05 -25.38 -18.20
C VAL C 72 13.38 -24.84 -19.57
N THR C 73 12.93 -25.54 -20.61
CA THR C 73 13.14 -25.16 -22.00
C THR C 73 11.77 -24.92 -22.62
N GLU C 74 11.77 -24.38 -23.84
CA GLU C 74 10.52 -24.13 -24.52
C GLU C 74 9.71 -25.40 -24.73
N GLU C 75 10.35 -26.56 -24.70
CA GLU C 75 9.68 -27.83 -24.91
C GLU C 75 9.58 -28.69 -23.65
N THR C 76 10.69 -28.92 -22.96
CA THR C 76 10.75 -29.91 -21.89
C THR C 76 11.31 -29.30 -20.62
N VAL C 77 10.97 -29.93 -19.50
CA VAL C 77 11.50 -29.58 -18.18
C VAL C 77 12.43 -30.72 -17.76
N ARG C 78 13.74 -30.45 -17.73
CA ARG C 78 14.73 -31.45 -17.41
C ARG C 78 15.27 -31.20 -16.01
N ILE C 79 15.16 -32.19 -15.14
CA ILE C 79 15.71 -32.13 -13.80
C ILE C 79 16.91 -33.07 -13.74
N LEU C 80 18.08 -32.51 -13.44
CA LEU C 80 19.32 -33.28 -13.39
C LEU C 80 19.65 -33.55 -11.92
N VAL C 81 19.04 -34.61 -11.40
CA VAL C 81 19.22 -34.99 -10.00
C VAL C 81 20.67 -35.36 -9.74
N PHE C 86 11.75 -41.64 -5.79
CA PHE C 86 10.32 -41.89 -5.75
C PHE C 86 9.86 -42.27 -4.34
N GLU C 87 8.62 -41.94 -4.01
CA GLU C 87 8.11 -42.24 -2.68
C GLU C 87 7.80 -43.72 -2.52
N SER C 88 7.45 -44.42 -3.61
CA SER C 88 7.13 -45.84 -3.52
C SER C 88 8.34 -46.66 -3.08
N GLU C 89 9.53 -46.29 -3.56
CA GLU C 89 10.75 -47.01 -3.24
C GLU C 89 11.54 -46.36 -2.10
N ILE C 90 10.83 -45.76 -1.15
CA ILE C 90 11.46 -45.11 0.00
C ILE C 90 10.87 -45.71 1.27
N ASP C 91 11.74 -46.00 2.23
CA ASP C 91 11.33 -46.53 3.52
C ASP C 91 11.39 -45.44 4.59
N ALA C 92 10.28 -45.27 5.31
CA ALA C 92 10.20 -44.21 6.31
C ALA C 92 11.17 -44.44 7.45
N ASP C 93 11.33 -45.69 7.90
CA ASP C 93 12.15 -45.96 9.07
C ASP C 93 13.59 -45.51 8.85
N ALA C 94 14.16 -45.85 7.69
CA ALA C 94 15.53 -45.42 7.40
C ALA C 94 15.58 -43.94 7.04
N ALA C 95 14.50 -43.40 6.47
CA ALA C 95 14.47 -41.97 6.17
C ALA C 95 14.60 -41.15 7.44
N LYS C 96 13.93 -41.54 8.51
CA LYS C 96 14.03 -40.85 9.79
C LYS C 96 15.40 -41.12 10.42
N GLU C 104 26.22 -33.67 7.27
CA GLU C 104 25.47 -32.55 6.72
C GLU C 104 24.61 -33.01 5.55
N ARG C 105 25.25 -33.45 4.47
CA ARG C 105 24.52 -33.93 3.30
C ARG C 105 23.62 -35.11 3.66
N THR C 106 24.02 -35.91 4.65
CA THR C 106 23.16 -37.00 5.10
C THR C 106 21.85 -36.46 5.66
N ALA C 107 21.92 -35.38 6.44
CA ALA C 107 20.71 -34.76 6.95
C ALA C 107 19.85 -34.22 5.81
N ALA C 108 20.49 -33.63 4.80
CA ALA C 108 19.75 -33.12 3.65
C ALA C 108 19.03 -34.24 2.92
N TRP C 109 19.70 -35.37 2.73
CA TRP C 109 19.07 -36.51 2.04
C TRP C 109 17.94 -37.09 2.87
N GLY C 110 18.12 -37.18 4.18
CA GLY C 110 17.03 -37.61 5.05
C GLY C 110 15.83 -36.69 4.95
N ARG C 111 16.08 -35.38 4.98
CA ARG C 111 15.00 -34.42 4.81
C ARG C 111 14.32 -34.58 3.46
N ALA C 112 15.10 -34.90 2.42
CA ALA C 112 14.54 -35.10 1.10
C ALA C 112 13.57 -36.29 1.09
N ARG C 113 13.98 -37.41 1.68
CA ARG C 113 13.06 -38.55 1.78
C ARG C 113 11.84 -38.20 2.62
N LEU C 114 12.04 -37.48 3.73
CA LEU C 114 10.89 -37.11 4.56
C LEU C 114 9.90 -36.27 3.79
N ARG C 115 10.39 -35.29 3.03
CA ARG C 115 9.51 -34.46 2.21
C ARG C 115 8.81 -35.28 1.15
N ALA C 116 9.55 -36.18 0.49
CA ALA C 116 8.94 -36.97 -0.59
C ALA C 116 7.84 -37.87 -0.05
N LEU C 117 8.07 -38.52 1.09
CA LEU C 117 7.08 -39.43 1.64
C LEU C 117 5.80 -38.68 1.99
N GLY C 118 5.93 -37.50 2.59
CA GLY C 118 4.80 -36.73 3.09
C GLY C 118 4.85 -36.44 4.57
N GLN C 119 5.79 -37.04 5.30
CA GLN C 119 5.92 -36.73 6.72
C GLN C 119 6.30 -35.28 6.93
N ILE C 120 7.20 -34.75 6.10
CA ILE C 120 7.65 -33.38 6.21
C ILE C 120 8.40 -33.20 7.54
N LEU D 3 -16.46 39.27 8.46
CA LEU D 3 -17.54 38.40 8.03
C LEU D 3 -17.87 37.35 9.10
N ASP D 4 -18.51 36.27 8.68
CA ASP D 4 -18.93 35.24 9.63
C ASP D 4 -17.74 34.37 10.04
N PRO D 5 -17.39 34.31 11.32
CA PRO D 5 -16.30 33.39 11.72
C PRO D 5 -16.56 31.94 11.31
N ASN D 6 -17.80 31.50 11.42
CA ASN D 6 -18.13 30.12 11.08
C ASN D 6 -17.81 29.81 9.63
N ALA D 7 -17.99 30.78 8.73
CA ALA D 7 -17.68 30.55 7.32
C ALA D 7 -16.20 30.26 7.13
N ILE D 8 -15.34 31.07 7.75
CA ILE D 8 -13.89 30.85 7.64
C ILE D 8 -13.53 29.50 8.23
N ILE D 9 -14.08 29.19 9.41
CA ILE D 9 -13.74 27.93 10.07
C ILE D 9 -14.18 26.76 9.20
N THR D 10 -15.37 26.85 8.60
CA THR D 10 -15.88 25.76 7.78
C THR D 10 -15.06 25.58 6.51
N ALA D 11 -14.63 26.70 5.89
CA ALA D 11 -13.77 26.57 4.72
C ALA D 11 -12.45 25.91 5.09
N GLY D 12 -11.86 26.31 6.21
CA GLY D 12 -10.64 25.67 6.66
C GLY D 12 -10.84 24.19 6.94
N ALA D 13 -11.97 23.84 7.55
CA ALA D 13 -12.25 22.44 7.83
C ALA D 13 -12.42 21.64 6.55
N LEU D 14 -13.09 22.22 5.55
CA LEU D 14 -13.25 21.53 4.28
C LEU D 14 -11.90 21.29 3.62
N ILE D 15 -11.03 22.30 3.63
CA ILE D 15 -9.70 22.13 3.03
C ILE D 15 -8.92 21.07 3.79
N GLY D 16 -8.97 21.09 5.12
CA GLY D 16 -8.26 20.09 5.90
C GLY D 16 -8.76 18.69 5.64
N GLY D 17 -10.08 18.53 5.56
CA GLY D 17 -10.63 17.21 5.24
C GLY D 17 -10.25 16.76 3.85
N GLY D 18 -10.23 17.68 2.89
CA GLY D 18 -9.76 17.32 1.57
C GLY D 18 -8.33 16.84 1.57
N LEU D 19 -7.46 17.53 2.31
CA LEU D 19 -6.07 17.08 2.44
C LEU D 19 -6.01 15.70 3.08
N ILE D 20 -6.80 15.50 4.13
CA ILE D 20 -6.80 14.20 4.82
C ILE D 20 -7.17 13.09 3.85
N MET D 21 -8.26 13.28 3.11
CA MET D 21 -8.73 12.24 2.21
C MET D 21 -7.77 12.05 1.04
N GLY D 22 -7.16 13.13 0.54
CA GLY D 22 -6.20 12.96 -0.53
C GLY D 22 -5.00 12.14 -0.10
N GLY D 23 -4.44 12.47 1.07
CA GLY D 23 -3.33 11.68 1.57
C GLY D 23 -3.71 10.24 1.82
N GLY D 24 -4.89 10.03 2.42
CA GLY D 24 -5.34 8.66 2.65
C GLY D 24 -5.51 7.88 1.37
N ALA D 25 -6.11 8.50 0.36
CA ALA D 25 -6.30 7.82 -0.92
C ALA D 25 -4.97 7.48 -1.57
N ILE D 26 -4.02 8.41 -1.55
CA ILE D 26 -2.70 8.13 -2.11
C ILE D 26 -2.09 6.92 -1.40
N GLY D 27 -2.07 6.97 -0.07
CA GLY D 27 -1.45 5.89 0.68
C GLY D 27 -2.12 4.56 0.43
N ALA D 28 -3.45 4.52 0.49
CA ALA D 28 -4.17 3.27 0.30
C ALA D 28 -3.96 2.73 -1.11
N GLY D 29 -4.10 3.58 -2.13
CA GLY D 29 -3.93 3.11 -3.48
C GLY D 29 -2.55 2.52 -3.72
N ILE D 30 -1.51 3.24 -3.29
CA ILE D 30 -0.16 2.76 -3.57
C ILE D 30 0.16 1.53 -2.75
N GLY D 31 -0.24 1.50 -1.48
CA GLY D 31 0.02 0.32 -0.66
C GLY D 31 -0.73 -0.91 -1.16
N ASP D 32 -1.98 -0.74 -1.55
CA ASP D 32 -2.74 -1.86 -2.12
C ASP D 32 -2.11 -2.33 -3.41
N GLY D 33 -1.66 -1.41 -4.25
CA GLY D 33 -0.98 -1.81 -5.47
C GLY D 33 0.27 -2.61 -5.19
N ILE D 34 1.06 -2.18 -4.20
CA ILE D 34 2.30 -2.90 -3.88
C ILE D 34 1.99 -4.28 -3.32
N ALA D 35 1.02 -4.38 -2.42
CA ALA D 35 0.66 -5.68 -1.87
C ALA D 35 0.11 -6.61 -2.95
N GLY D 36 -0.74 -6.09 -3.83
CA GLY D 36 -1.23 -6.90 -4.92
C GLY D 36 -0.13 -7.30 -5.88
N ASN D 37 0.87 -6.45 -6.06
CA ASN D 37 2.02 -6.83 -6.86
C ASN D 37 2.74 -8.01 -6.25
N ALA D 38 2.96 -7.98 -4.94
CA ALA D 38 3.59 -9.10 -4.26
C ALA D 38 2.75 -10.36 -4.44
N LEU D 39 1.44 -10.26 -4.24
CA LEU D 39 0.56 -11.42 -4.36
C LEU D 39 0.60 -12.01 -5.77
N ILE D 40 0.46 -11.15 -6.77
CA ILE D 40 0.41 -11.61 -8.16
C ILE D 40 1.74 -12.23 -8.55
N SER D 41 2.85 -11.61 -8.17
CA SER D 41 4.16 -12.18 -8.49
C SER D 41 4.34 -13.53 -7.81
N GLY D 42 3.94 -13.64 -6.54
CA GLY D 42 4.05 -14.91 -5.86
C GLY D 42 3.23 -16.00 -6.53
N ILE D 43 2.00 -15.67 -6.94
CA ILE D 43 1.16 -16.66 -7.59
C ILE D 43 1.75 -17.06 -8.95
N ALA D 44 2.22 -16.07 -9.72
CA ALA D 44 2.79 -16.39 -11.03
C ALA D 44 4.02 -17.25 -10.89
N ARG D 45 4.86 -16.99 -9.89
CA ARG D 45 6.06 -17.78 -9.69
C ARG D 45 5.72 -19.23 -9.40
N GLN D 46 4.73 -19.47 -8.54
CA GLN D 46 4.38 -20.82 -8.15
C GLN D 46 2.87 -20.88 -7.94
N PRO D 47 2.09 -21.25 -8.96
CA PRO D 47 0.64 -21.00 -8.91
C PRO D 47 -0.08 -21.60 -7.72
N GLU D 48 0.36 -22.76 -7.22
CA GLU D 48 -0.43 -23.45 -6.22
C GLU D 48 -0.33 -22.82 -4.83
N ALA D 49 0.53 -21.83 -4.63
CA ALA D 49 0.62 -21.14 -3.35
C ALA D 49 -0.53 -20.15 -3.12
N GLN D 50 -1.35 -19.90 -4.13
CA GLN D 50 -2.40 -18.89 -4.01
C GLN D 50 -3.04 -18.91 -2.63
N GLY D 51 -3.55 -20.06 -2.21
CA GLY D 51 -4.23 -20.13 -0.93
C GLY D 51 -3.41 -19.50 0.19
N ARG D 52 -2.22 -20.04 0.45
CA ARG D 52 -1.46 -19.59 1.61
C ARG D 52 -1.02 -18.14 1.47
N LEU D 53 -1.12 -17.57 0.27
CA LEU D 53 -0.74 -16.18 0.10
C LEU D 53 -1.86 -15.23 0.53
N PHE D 54 -3.11 -15.70 0.46
CA PHE D 54 -4.22 -14.81 0.76
C PHE D 54 -4.26 -14.41 2.22
N THR D 55 -3.64 -15.20 3.10
CA THR D 55 -3.64 -14.84 4.52
C THR D 55 -2.74 -13.64 4.79
N PRO D 56 -1.43 -13.70 4.53
CA PRO D 56 -0.59 -12.51 4.77
C PRO D 56 -1.04 -11.31 3.96
N PHE D 57 -1.52 -11.53 2.74
CA PHE D 57 -1.96 -10.43 1.90
C PHE D 57 -2.99 -9.58 2.63
N PHE D 58 -4.05 -10.21 3.15
CA PHE D 58 -5.07 -9.46 3.87
C PHE D 58 -4.55 -8.91 5.19
N ILE D 59 -3.49 -9.50 5.75
CA ILE D 59 -2.82 -8.85 6.87
C ILE D 59 -2.19 -7.55 6.41
N THR D 60 -1.55 -7.57 5.24
CA THR D 60 -0.98 -6.35 4.68
C THR D 60 -2.08 -5.34 4.36
N VAL D 61 -3.08 -5.77 3.60
CA VAL D 61 -4.11 -4.85 3.14
C VAL D 61 -4.74 -4.13 4.32
N GLY D 62 -5.16 -4.88 5.33
CA GLY D 62 -5.68 -4.24 6.53
C GLY D 62 -4.73 -3.20 7.07
N LEU D 63 -3.48 -3.59 7.32
CA LEU D 63 -2.52 -2.65 7.87
C LEU D 63 -2.40 -1.41 7.02
N VAL D 64 -2.63 -1.53 5.72
CA VAL D 64 -2.71 -0.36 4.85
C VAL D 64 -4.03 0.36 5.03
N GLU D 65 -5.14 -0.36 4.77
CA GLU D 65 -6.44 0.28 4.71
C GLU D 65 -6.70 1.10 5.97
N ALA D 66 -6.29 0.58 7.13
CA ALA D 66 -6.48 1.28 8.39
C ALA D 66 -6.19 2.76 8.22
N ALA D 67 -4.96 3.09 7.82
CA ALA D 67 -4.59 4.49 7.65
C ALA D 67 -5.68 5.23 6.91
N TYR D 68 -5.92 4.84 5.65
CA TYR D 68 -6.97 5.46 4.85
C TYR D 68 -8.24 5.63 5.66
N PHE D 69 -8.80 4.52 6.13
CA PHE D 69 -10.10 4.61 6.77
C PHE D 69 -10.03 5.39 8.06
N ILE D 70 -8.92 5.28 8.80
CA ILE D 70 -8.75 6.13 9.97
C ILE D 70 -8.86 7.58 9.55
N ASN D 71 -8.10 7.96 8.51
CA ASN D 71 -8.21 9.30 7.97
C ASN D 71 -9.66 9.64 7.68
N LEU D 72 -10.35 8.74 6.98
CA LEU D 72 -11.74 9.00 6.64
C LEU D 72 -12.54 9.38 7.87
N ALA D 73 -12.41 8.59 8.94
CA ALA D 73 -13.14 8.90 10.15
C ALA D 73 -12.85 10.33 10.59
N PHE D 74 -11.57 10.66 10.73
CA PHE D 74 -11.22 12.00 11.18
C PHE D 74 -11.69 13.03 10.17
N MET D 75 -11.64 12.70 8.88
CA MET D 75 -12.12 13.66 7.89
C MET D 75 -13.58 13.99 8.16
N ALA D 76 -14.39 12.99 8.47
CA ALA D 76 -15.78 13.26 8.82
C ALA D 76 -15.84 14.21 10.01
N LEU D 77 -15.05 13.92 11.04
CA LEU D 77 -15.01 14.80 12.20
C LEU D 77 -14.66 16.22 11.81
N PHE D 78 -13.87 16.39 10.74
CA PHE D 78 -13.53 17.74 10.30
C PHE D 78 -14.72 18.45 9.66
N VAL D 79 -15.52 17.72 8.88
CA VAL D 79 -16.49 18.37 8.01
C VAL D 79 -17.89 18.33 8.60
N PHE D 80 -18.18 17.32 9.41
CA PHE D 80 -19.53 17.12 9.95
C PHE D 80 -19.66 17.63 11.38
N ALA D 81 -18.63 17.47 12.21
CA ALA D 81 -18.59 18.06 13.56
C ALA D 81 -17.26 18.79 13.69
N THR D 82 -17.21 20.01 13.18
CA THR D 82 -15.94 20.73 13.09
C THR D 82 -15.48 21.15 14.48
N PRO D 83 -14.30 20.72 14.95
CA PRO D 83 -13.82 21.18 16.24
C PRO D 83 -13.59 22.68 16.25
N GLY D 84 -13.87 23.30 17.39
CA GLY D 84 -13.67 24.74 17.52
C GLY D 84 -14.51 25.56 16.56
N LEU D 85 -15.72 25.11 16.26
CA LEU D 85 -16.64 25.85 15.40
C LEU D 85 -17.50 26.73 16.29
N GLN D 86 -17.21 28.02 16.29
CA GLN D 86 -17.92 28.97 17.13
C GLN D 86 -19.40 29.04 16.75
N LEU E 3 -13.01 41.10 12.54
CA LEU E 3 -13.07 39.66 12.35
C LEU E 3 -12.47 38.93 13.55
N ASP E 4 -12.99 37.75 13.85
CA ASP E 4 -12.54 37.02 15.02
C ASP E 4 -11.13 36.47 14.80
N PRO E 5 -10.15 36.84 15.63
CA PRO E 5 -8.83 36.19 15.51
C PRO E 5 -8.89 34.68 15.69
N ASN E 6 -9.76 34.22 16.61
CA ASN E 6 -9.88 32.79 16.85
C ASN E 6 -10.33 32.05 15.59
N ALA E 7 -11.15 32.69 14.75
CA ALA E 7 -11.57 32.05 13.51
C ALA E 7 -10.38 31.77 12.59
N ILE E 8 -9.52 32.78 12.41
CA ILE E 8 -8.34 32.59 11.57
C ILE E 8 -7.45 31.52 12.16
N ILE E 9 -7.22 31.58 13.47
CA ILE E 9 -6.34 30.61 14.10
C ILE E 9 -6.90 29.20 13.96
N THR E 10 -8.22 29.05 14.11
CA THR E 10 -8.83 27.74 14.01
C THR E 10 -8.79 27.20 12.58
N ALA E 11 -9.02 28.06 11.59
CA ALA E 11 -8.89 27.62 10.21
C ALA E 11 -7.47 27.17 9.90
N GLY E 12 -6.49 27.94 10.35
CA GLY E 12 -5.11 27.53 10.17
C GLY E 12 -4.80 26.22 10.86
N ALA E 13 -5.31 26.04 12.08
CA ALA E 13 -5.10 24.80 12.81
C ALA E 13 -5.73 23.62 12.08
N LEU E 14 -6.94 23.81 11.55
CA LEU E 14 -7.58 22.73 10.80
C LEU E 14 -6.77 22.35 9.57
N ILE E 15 -6.28 23.35 8.83
CA ILE E 15 -5.48 23.06 7.65
C ILE E 15 -4.18 22.34 8.03
N GLY E 16 -3.54 22.79 9.12
CA GLY E 16 -2.32 22.14 9.55
C GLY E 16 -2.55 20.71 10.00
N GLY E 17 -3.62 20.47 10.75
CA GLY E 17 -3.95 19.12 11.14
C GLY E 17 -4.27 18.23 9.95
N GLY E 18 -4.96 18.79 8.96
CA GLY E 18 -5.20 18.03 7.75
C GLY E 18 -3.92 17.66 7.04
N LEU E 19 -2.98 18.59 6.95
CA LEU E 19 -1.68 18.28 6.36
C LEU E 19 -0.98 17.19 7.14
N ILE E 20 -0.98 17.29 8.47
CA ILE E 20 -0.32 16.28 9.30
C ILE E 20 -0.92 14.91 9.03
N MET E 21 -2.25 14.82 9.04
CA MET E 21 -2.90 13.53 8.93
C MET E 21 -2.76 12.96 7.52
N GLY E 22 -2.81 13.82 6.49
CA GLY E 22 -2.59 13.34 5.14
C GLY E 22 -1.18 12.83 4.93
N GLY E 23 -0.17 13.54 5.43
CA GLY E 23 1.19 13.07 5.32
C GLY E 23 1.39 11.76 6.06
N GLY E 24 0.85 11.67 7.28
CA GLY E 24 0.93 10.41 8.02
C GLY E 24 0.25 9.28 7.28
N ALA E 25 -0.90 9.56 6.65
CA ALA E 25 -1.60 8.54 5.90
C ALA E 25 -0.75 8.05 4.74
N ILE E 26 -0.17 8.96 3.97
CA ILE E 26 0.67 8.56 2.85
C ILE E 26 1.82 7.70 3.34
N GLY E 27 2.53 8.18 4.36
CA GLY E 27 3.69 7.44 4.85
C GLY E 27 3.31 6.06 5.36
N ALA E 28 2.28 5.99 6.21
CA ALA E 28 1.88 4.71 6.78
C ALA E 28 1.42 3.75 5.70
N GLY E 29 0.56 4.21 4.80
CA GLY E 29 0.06 3.33 3.76
C GLY E 29 1.17 2.77 2.90
N ILE E 30 2.07 3.64 2.43
CA ILE E 30 3.09 3.17 1.49
C ILE E 30 4.11 2.29 2.23
N GLY E 31 4.51 2.68 3.43
CA GLY E 31 5.45 1.86 4.19
C GLY E 31 4.88 0.49 4.52
N ASP E 32 3.62 0.45 4.96
CA ASP E 32 3.00 -0.83 5.27
C ASP E 32 2.84 -1.67 4.01
N GLY E 33 2.49 -1.06 2.89
CA GLY E 33 2.42 -1.81 1.65
C GLY E 33 3.75 -2.40 1.25
N ILE E 34 4.83 -1.63 1.42
CA ILE E 34 6.16 -2.13 1.06
C ILE E 34 6.55 -3.29 1.97
N ALA E 35 6.36 -3.13 3.28
CA ALA E 35 6.70 -4.20 4.21
C ALA E 35 5.86 -5.44 3.94
N GLY E 36 4.57 -5.26 3.65
CA GLY E 36 3.74 -6.39 3.32
C GLY E 36 4.13 -7.06 2.02
N ASN E 37 4.62 -6.29 1.06
CA ASN E 37 5.16 -6.89 -0.16
C ASN E 37 6.33 -7.78 0.17
N ALA E 38 7.24 -7.30 1.02
CA ALA E 38 8.36 -8.13 1.45
C ALA E 38 7.87 -9.41 2.12
N LEU E 39 6.90 -9.28 3.03
CA LEU E 39 6.39 -10.43 3.76
C LEU E 39 5.73 -11.44 2.81
N ILE E 40 4.93 -10.94 1.86
CA ILE E 40 4.23 -11.83 0.94
C ILE E 40 5.23 -12.57 0.06
N SER E 41 6.25 -11.86 -0.44
CA SER E 41 7.27 -12.53 -1.23
C SER E 41 7.98 -13.60 -0.41
N GLY E 42 8.38 -13.26 0.81
CA GLY E 42 9.07 -14.22 1.65
C GLY E 42 8.24 -15.45 1.92
N ILE E 43 6.93 -15.27 2.15
CA ILE E 43 6.07 -16.42 2.38
C ILE E 43 5.90 -17.23 1.12
N ALA E 44 5.73 -16.56 -0.03
CA ALA E 44 5.55 -17.28 -1.29
C ALA E 44 6.77 -18.12 -1.62
N ARG E 45 7.96 -17.65 -1.28
CA ARG E 45 9.17 -18.37 -1.63
C ARG E 45 9.60 -19.37 -0.56
N GLN E 46 9.33 -19.09 0.71
CA GLN E 46 9.69 -19.97 1.82
C GLN E 46 8.48 -20.16 2.72
N PRO E 47 7.61 -21.13 2.41
CA PRO E 47 6.42 -21.33 3.26
C PRO E 47 6.73 -21.44 4.74
N GLU E 48 7.75 -22.23 5.11
CA GLU E 48 8.07 -22.40 6.52
C GLU E 48 8.63 -21.14 7.14
N ALA E 49 9.00 -20.15 6.33
CA ALA E 49 9.60 -18.92 6.85
C ALA E 49 8.59 -17.99 7.47
N GLN E 50 7.29 -18.27 7.36
CA GLN E 50 6.27 -17.34 7.82
C GLN E 50 6.48 -16.96 9.27
N GLY E 51 6.58 -17.96 10.16
CA GLY E 51 6.74 -17.65 11.57
C GLY E 51 7.99 -16.83 11.84
N ARG E 52 9.06 -17.11 11.10
CA ARG E 52 10.29 -16.35 11.28
C ARG E 52 10.18 -14.93 10.75
N LEU E 53 9.30 -14.70 9.78
CA LEU E 53 9.24 -13.39 9.12
C LEU E 53 8.42 -12.37 9.90
N PHE E 54 7.49 -12.82 10.75
CA PHE E 54 6.64 -11.88 11.47
C PHE E 54 7.44 -11.05 12.46
N THR E 55 8.45 -11.65 13.09
CA THR E 55 9.23 -10.91 14.07
C THR E 55 9.86 -9.65 13.48
N PRO E 56 10.58 -9.71 12.35
CA PRO E 56 11.08 -8.46 11.75
C PRO E 56 9.97 -7.64 11.14
N PHE E 57 9.07 -8.29 10.40
CA PHE E 57 8.00 -7.57 9.72
C PHE E 57 7.34 -6.57 10.66
N PHE E 58 6.73 -7.07 11.73
CA PHE E 58 5.98 -6.17 12.60
C PHE E 58 6.89 -5.11 13.22
N ILE E 59 8.15 -5.45 13.49
CA ILE E 59 9.08 -4.41 13.93
C ILE E 59 9.00 -3.23 12.98
N THR E 60 9.26 -3.47 11.69
CA THR E 60 9.06 -2.45 10.68
C THR E 60 7.72 -1.75 10.88
N VAL E 61 6.63 -2.52 10.88
CA VAL E 61 5.31 -1.93 10.97
C VAL E 61 5.24 -1.04 12.20
N GLY E 62 5.74 -1.54 13.33
CA GLY E 62 5.80 -0.74 14.53
C GLY E 62 6.30 0.65 14.21
N LEU E 63 7.55 0.74 13.75
CA LEU E 63 8.12 2.04 13.40
C LEU E 63 7.21 2.78 12.43
N VAL E 64 6.79 2.10 11.37
CA VAL E 64 5.96 2.75 10.35
C VAL E 64 4.68 3.27 10.98
N GLU E 65 4.10 2.50 11.91
CA GLU E 65 2.90 2.98 12.59
C GLU E 65 3.23 4.15 13.51
N ALA E 66 4.34 4.06 14.24
CA ALA E 66 4.64 5.06 15.26
C ALA E 66 4.48 6.47 14.71
N ALA E 67 5.29 6.82 13.72
CA ALA E 67 5.19 8.13 13.08
C ALA E 67 3.74 8.52 12.86
N TYR E 68 3.00 7.68 12.13
CA TYR E 68 1.60 7.97 11.85
C TYR E 68 0.89 8.41 13.12
N PHE E 69 0.85 7.53 14.11
CA PHE E 69 0.06 7.84 15.30
C PHE E 69 0.65 9.03 16.03
N ILE E 70 1.98 9.17 16.03
CA ILE E 70 2.58 10.38 16.60
C ILE E 70 2.00 11.60 15.90
N ASN E 71 2.01 11.59 14.57
CA ASN E 71 1.37 12.65 13.82
C ASN E 71 -0.06 12.84 14.30
N LEU E 72 -0.82 11.74 14.38
CA LEU E 72 -2.19 11.82 14.84
C LEU E 72 -2.26 12.58 16.16
N ALA E 73 -1.41 12.21 17.11
CA ALA E 73 -1.41 12.89 18.40
C ALA E 73 -1.28 14.39 18.21
N PHE E 74 -0.26 14.81 17.46
CA PHE E 74 -0.06 16.24 17.26
C PHE E 74 -1.24 16.86 16.54
N MET E 75 -1.83 16.13 15.59
CA MET E 75 -3.01 16.65 14.91
C MET E 75 -4.10 16.97 15.92
N ALA E 76 -4.30 16.10 16.90
CA ALA E 76 -5.27 16.40 17.96
C ALA E 76 -4.91 17.71 18.63
N LEU E 77 -3.64 17.87 19.02
CA LEU E 77 -3.22 19.11 19.65
C LEU E 77 -3.52 20.31 18.76
N PHE E 78 -3.53 20.11 17.44
CA PHE E 78 -3.83 21.23 16.56
C PHE E 78 -5.31 21.59 16.60
N VAL E 79 -6.19 20.59 16.65
CA VAL E 79 -7.61 20.83 16.42
C VAL E 79 -8.45 20.82 17.71
N PHE E 80 -7.91 20.31 18.81
CA PHE E 80 -8.66 20.21 20.06
C PHE E 80 -8.11 21.12 21.16
N ALA E 81 -6.79 21.26 21.25
CA ALA E 81 -6.17 22.25 22.12
C ALA E 81 -5.17 23.03 21.27
N THR E 82 -5.67 24.02 20.54
CA THR E 82 -4.87 24.69 19.54
C THR E 82 -3.85 25.60 20.20
N PRO E 83 -2.54 25.37 20.01
CA PRO E 83 -1.56 26.30 20.57
C PRO E 83 -1.71 27.68 19.97
N GLY E 84 -1.53 28.70 20.83
CA GLY E 84 -1.64 30.08 20.42
C GLY E 84 -3.06 30.60 20.28
N LEU E 85 -4.06 29.74 20.40
CA LEU E 85 -5.45 30.18 20.29
C LEU E 85 -5.83 31.01 21.52
N GLN E 86 -6.47 32.14 21.28
CA GLN E 86 -6.91 33.01 22.37
C GLN E 86 -8.30 32.60 22.84
N LEU F 3 -7.81 42.64 11.34
CA LEU F 3 -7.27 41.33 11.64
C LEU F 3 -6.05 41.44 12.53
N ASP F 4 -6.08 40.76 13.67
CA ASP F 4 -4.95 40.82 14.60
C ASP F 4 -3.72 40.19 13.95
N PRO F 5 -2.59 40.90 13.90
CA PRO F 5 -1.40 40.28 13.28
C PRO F 5 -0.98 38.99 13.95
N ASN F 6 -1.16 38.88 15.27
CA ASN F 6 -0.82 37.65 15.96
C ASN F 6 -1.61 36.48 15.42
N ALA F 7 -2.88 36.71 15.09
CA ALA F 7 -3.69 35.62 14.55
C ALA F 7 -3.16 35.14 13.21
N ILE F 8 -2.80 36.06 12.32
CA ILE F 8 -2.23 35.68 11.03
C ILE F 8 -0.95 34.91 11.22
N ILE F 9 -0.08 35.40 12.11
CA ILE F 9 1.19 34.72 12.34
C ILE F 9 0.97 33.32 12.91
N THR F 10 0.01 33.19 13.84
CA THR F 10 -0.25 31.88 14.43
C THR F 10 -0.83 30.91 13.40
N ALA F 11 -1.73 31.38 12.55
CA ALA F 11 -2.27 30.52 11.50
C ALA F 11 -1.18 30.07 10.54
N GLY F 12 -0.31 31.00 10.14
CA GLY F 12 0.80 30.63 9.28
C GLY F 12 1.73 29.63 9.94
N ALA F 13 2.02 29.83 11.23
CA ALA F 13 2.87 28.90 11.96
C ALA F 13 2.25 27.53 12.04
N LEU F 14 0.94 27.46 12.30
CA LEU F 14 0.27 26.17 12.37
C LEU F 14 0.32 25.46 11.02
N ILE F 15 0.08 26.19 9.93
CA ILE F 15 0.15 25.57 8.61
C ILE F 15 1.56 25.09 8.31
N GLY F 16 2.57 25.90 8.65
CA GLY F 16 3.94 25.50 8.42
C GLY F 16 4.33 24.27 9.23
N GLY F 17 3.92 24.23 10.49
CA GLY F 17 4.20 23.05 11.31
C GLY F 17 3.49 21.82 10.78
N GLY F 18 2.26 21.99 10.30
CA GLY F 18 1.56 20.89 9.68
C GLY F 18 2.29 20.36 8.47
N LEU F 19 2.80 21.26 7.62
CA LEU F 19 3.60 20.83 6.48
C LEU F 19 4.85 20.10 6.95
N ILE F 20 5.52 20.62 7.98
CA ILE F 20 6.74 20.00 8.48
C ILE F 20 6.44 18.57 8.91
N MET F 21 5.40 18.37 9.72
CA MET F 21 5.11 17.05 10.24
C MET F 21 4.56 16.13 9.15
N GLY F 22 3.82 16.65 8.18
CA GLY F 22 3.39 15.82 7.07
C GLY F 22 4.56 15.28 6.27
N GLY F 23 5.50 16.16 5.93
CA GLY F 23 6.69 15.72 5.22
C GLY F 23 7.51 14.74 6.04
N GLY F 24 7.68 15.02 7.33
CA GLY F 24 8.41 14.10 8.19
C GLY F 24 7.75 12.75 8.27
N ALA F 25 6.41 12.73 8.37
CA ALA F 25 5.69 11.47 8.44
C ALA F 25 5.84 10.69 7.14
N ILE F 26 5.70 11.36 5.99
CA ILE F 26 5.87 10.68 4.71
C ILE F 26 7.26 10.06 4.64
N GLY F 27 8.29 10.86 4.92
CA GLY F 27 9.64 10.36 4.83
C GLY F 27 9.89 9.20 5.77
N ALA F 28 9.50 9.35 7.03
CA ALA F 28 9.73 8.30 8.01
C ALA F 28 9.01 7.02 7.61
N GLY F 29 7.72 7.12 7.29
CA GLY F 29 6.97 5.93 6.95
C GLY F 29 7.56 5.20 5.76
N ILE F 30 7.84 5.93 4.68
CA ILE F 30 8.31 5.26 3.47
C ILE F 30 9.72 4.72 3.66
N GLY F 31 10.61 5.49 4.28
CA GLY F 31 11.95 5.01 4.50
C GLY F 31 12.00 3.80 5.40
N ASP F 32 11.22 3.82 6.50
CA ASP F 32 11.16 2.67 7.38
C ASP F 32 10.56 1.47 6.68
N GLY F 33 9.54 1.68 5.85
CA GLY F 33 8.98 0.59 5.09
C GLY F 33 10.00 -0.04 4.15
N ILE F 34 10.80 0.78 3.49
CA ILE F 34 11.79 0.26 2.55
C ILE F 34 12.89 -0.50 3.30
N ALA F 35 13.38 0.08 4.40
CA ALA F 35 14.40 -0.60 5.20
C ALA F 35 13.88 -1.92 5.75
N GLY F 36 12.63 -1.93 6.23
CA GLY F 36 12.03 -3.15 6.71
C GLY F 36 11.81 -4.17 5.60
N ASN F 37 11.49 -3.71 4.40
CA ASN F 37 11.43 -4.64 3.27
C ASN F 37 12.77 -5.32 3.07
N ALA F 38 13.85 -4.53 3.11
CA ALA F 38 15.18 -5.12 2.96
C ALA F 38 15.45 -6.13 4.07
N LEU F 39 15.13 -5.77 5.31
CA LEU F 39 15.39 -6.66 6.43
C LEU F 39 14.58 -7.96 6.30
N ILE F 40 13.30 -7.84 5.95
CA ILE F 40 12.44 -9.00 5.85
C ILE F 40 12.92 -9.91 4.73
N SER F 41 13.27 -9.33 3.57
CA SER F 41 13.77 -10.14 2.47
C SER F 41 15.08 -10.84 2.84
N GLY F 42 15.98 -10.13 3.50
CA GLY F 42 17.22 -10.76 3.92
C GLY F 42 16.99 -11.91 4.87
N ILE F 43 16.09 -11.73 5.85
CA ILE F 43 15.80 -12.80 6.79
C ILE F 43 15.13 -13.96 6.07
N ALA F 44 14.30 -13.67 5.06
CA ALA F 44 13.65 -14.73 4.30
C ALA F 44 14.68 -15.56 3.55
N ARG F 45 15.63 -14.91 2.87
CA ARG F 45 16.62 -15.65 2.10
C ARG F 45 17.66 -16.31 3.02
N GLN F 46 18.06 -15.61 4.08
CA GLN F 46 19.11 -16.09 4.99
C GLN F 46 18.57 -16.10 6.41
N PRO F 47 17.91 -17.18 6.83
CA PRO F 47 17.33 -17.20 8.18
C PRO F 47 18.35 -16.92 9.27
N GLU F 48 19.57 -17.41 9.13
CA GLU F 48 20.60 -17.20 10.13
C GLU F 48 21.19 -15.79 10.08
N ALA F 49 20.84 -14.99 9.09
CA ALA F 49 21.40 -13.65 8.94
C ALA F 49 20.77 -12.62 9.86
N GLN F 50 19.69 -12.97 10.55
CA GLN F 50 18.96 -11.98 11.34
C GLN F 50 19.89 -11.21 12.26
N GLY F 51 20.71 -11.93 13.04
CA GLY F 51 21.54 -11.27 14.03
C GLY F 51 22.45 -10.22 13.42
N ARG F 52 23.02 -10.51 12.24
CA ARG F 52 23.91 -9.55 11.60
C ARG F 52 23.15 -8.46 10.85
N LEU F 53 21.89 -8.70 10.48
CA LEU F 53 21.16 -7.69 9.71
C LEU F 53 20.67 -6.55 10.57
N PHE F 54 20.32 -6.82 11.83
CA PHE F 54 19.78 -5.77 12.69
C PHE F 54 20.74 -4.60 12.87
N THR F 55 22.05 -4.83 12.68
CA THR F 55 22.99 -3.72 12.82
C THR F 55 22.80 -2.69 11.71
N PRO F 56 23.04 -3.01 10.43
CA PRO F 56 22.82 -1.99 9.40
C PRO F 56 21.39 -1.48 9.36
N PHE F 57 20.41 -2.36 9.55
CA PHE F 57 19.01 -1.94 9.47
C PHE F 57 18.76 -0.77 10.40
N PHE F 58 19.11 -0.93 11.68
CA PHE F 58 18.87 0.15 12.62
C PHE F 58 19.62 1.40 12.22
N ILE F 59 20.83 1.26 11.67
CA ILE F 59 21.56 2.42 11.19
C ILE F 59 20.68 3.19 10.22
N THR F 60 20.10 2.48 9.24
CA THR F 60 19.18 3.12 8.32
C THR F 60 18.08 3.82 9.09
N VAL F 61 17.42 3.10 9.99
CA VAL F 61 16.38 3.71 10.80
C VAL F 61 16.96 4.88 11.58
N GLY F 62 18.15 4.70 12.16
CA GLY F 62 18.76 5.76 12.93
C GLY F 62 18.89 7.03 12.13
N LEU F 63 19.07 6.91 10.82
CA LEU F 63 19.05 8.09 9.97
C LEU F 63 17.62 8.54 9.72
N VAL F 64 16.78 7.64 9.21
CA VAL F 64 15.41 8.01 8.85
C VAL F 64 14.72 8.71 10.01
N GLU F 65 14.61 8.00 11.14
CA GLU F 65 13.95 8.58 12.30
C GLU F 65 14.55 9.92 12.68
N ALA F 66 15.88 10.04 12.59
CA ALA F 66 16.50 11.33 12.91
C ALA F 66 15.88 12.43 12.07
N ALA F 67 15.86 12.25 10.75
CA ALA F 67 15.26 13.26 9.88
C ALA F 67 13.84 13.56 10.31
N TYR F 68 13.10 12.55 10.75
CA TYR F 68 11.76 12.78 11.26
C TYR F 68 11.78 13.62 12.52
N PHE F 69 12.55 13.20 13.53
CA PHE F 69 12.43 13.83 14.84
C PHE F 69 12.96 15.25 14.82
N ILE F 70 14.00 15.52 14.03
CA ILE F 70 14.44 16.90 13.86
C ILE F 70 13.27 17.77 13.43
N ASN F 71 12.53 17.30 12.43
CA ASN F 71 11.34 18.04 12.01
C ASN F 71 10.39 18.21 13.16
N LEU F 72 10.15 17.13 13.92
CA LEU F 72 9.27 17.21 15.07
C LEU F 72 9.71 18.31 16.03
N ALA F 73 11.03 18.49 16.17
CA ALA F 73 11.53 19.58 17.00
C ALA F 73 11.12 20.92 16.41
N PHE F 74 11.42 21.14 15.13
CA PHE F 74 11.18 22.45 14.54
C PHE F 74 9.70 22.80 14.52
N MET F 75 8.85 21.81 14.24
CA MET F 75 7.42 22.04 14.33
C MET F 75 7.07 22.64 15.69
N ALA F 76 7.60 22.06 16.77
CA ALA F 76 7.37 22.62 18.09
C ALA F 76 7.79 24.08 18.12
N LEU F 77 8.99 24.37 17.64
CA LEU F 77 9.44 25.76 17.57
C LEU F 77 8.45 26.60 16.77
N PHE F 78 7.93 26.06 15.68
CA PHE F 78 6.95 26.80 14.89
C PHE F 78 5.68 27.05 15.70
N VAL F 79 5.24 26.06 16.46
CA VAL F 79 3.90 26.11 17.04
C VAL F 79 3.91 26.70 18.45
N PHE F 80 4.87 26.29 19.29
CA PHE F 80 4.85 26.70 20.69
C PHE F 80 5.60 28.01 20.93
N ALA F 81 6.75 28.20 20.28
CA ALA F 81 7.48 29.46 20.33
C ALA F 81 7.62 29.96 18.90
N THR F 82 6.59 30.63 18.41
CA THR F 82 6.52 30.98 17.00
C THR F 82 7.53 32.07 16.69
N PRO F 83 8.49 31.84 15.79
CA PRO F 83 9.41 32.91 15.40
C PRO F 83 8.65 34.07 14.76
N GLY F 84 9.08 35.29 15.09
CA GLY F 84 8.47 36.47 14.50
C GLY F 84 7.10 36.81 15.03
N LEU F 85 6.65 36.14 16.10
CA LEU F 85 5.32 36.39 16.65
C LEU F 85 5.31 37.71 17.41
N GLN F 86 4.91 38.78 16.74
CA GLN F 86 4.84 40.10 17.36
C GLN F 86 3.54 40.28 18.12
N LEU G 3 -3.98 45.85 9.26
CA LEU G 3 -3.08 44.80 8.75
C LEU G 3 -1.63 45.24 8.80
N ASP G 4 -0.85 44.59 9.66
CA ASP G 4 0.57 44.87 9.74
C ASP G 4 1.31 44.10 8.66
N PRO G 5 2.06 44.76 7.79
CA PRO G 5 2.76 44.01 6.73
C PRO G 5 3.66 42.92 7.26
N ASN G 6 4.34 43.18 8.39
CA ASN G 6 5.24 42.17 8.95
C ASN G 6 4.50 40.89 9.30
N ALA G 7 3.24 41.00 9.73
CA ALA G 7 2.48 39.79 10.07
C ALA G 7 2.26 38.92 8.84
N ILE G 8 1.84 39.54 7.72
CA ILE G 8 1.63 38.78 6.50
C ILE G 8 2.94 38.16 6.02
N ILE G 9 4.02 38.95 6.05
CA ILE G 9 5.30 38.44 5.59
C ILE G 9 5.76 37.28 6.47
N THR G 10 5.55 37.39 7.78
CA THR G 10 5.96 36.32 8.69
C THR G 10 5.14 35.06 8.48
N ALA G 11 3.83 35.21 8.24
CA ALA G 11 3.01 34.04 7.95
C ALA G 11 3.48 33.35 6.67
N GLY G 12 3.74 34.14 5.63
CA GLY G 12 4.27 33.57 4.40
C GLY G 12 5.61 32.89 4.60
N ALA G 13 6.47 33.50 5.40
CA ALA G 13 7.78 32.91 5.67
C ALA G 13 7.65 31.60 6.44
N LEU G 14 6.74 31.55 7.41
CA LEU G 14 6.53 30.30 8.15
C LEU G 14 6.00 29.21 7.24
N ILE G 15 5.06 29.55 6.36
CA ILE G 15 4.55 28.56 5.41
C ILE G 15 5.67 28.07 4.49
N GLY G 16 6.49 28.99 4.00
CA GLY G 16 7.58 28.60 3.12
C GLY G 16 8.61 27.73 3.81
N GLY G 17 8.95 28.07 5.06
CA GLY G 17 9.86 27.23 5.81
C GLY G 17 9.29 25.85 6.09
N GLY G 18 7.99 25.79 6.38
CA GLY G 18 7.35 24.50 6.54
C GLY G 18 7.43 23.67 5.28
N LEU G 19 7.20 24.30 4.11
CA LEU G 19 7.36 23.59 2.85
C LEU G 19 8.80 23.10 2.69
N ILE G 20 9.77 23.97 3.00
CA ILE G 20 11.18 23.61 2.83
C ILE G 20 11.49 22.37 3.64
N MET G 21 11.12 22.37 4.93
CA MET G 21 11.47 21.24 5.77
C MET G 21 10.63 20.00 5.47
N GLY G 22 9.39 20.17 5.02
CA GLY G 22 8.62 19.01 4.62
C GLY G 22 9.24 18.30 3.44
N GLY G 23 9.61 19.06 2.41
CA GLY G 23 10.29 18.47 1.27
C GLY G 23 11.62 17.86 1.65
N GLY G 24 12.40 18.56 2.48
CA GLY G 24 13.67 18.02 2.93
C GLY G 24 13.50 16.73 3.69
N ALA G 25 12.51 16.66 4.58
CA ALA G 25 12.27 15.45 5.34
C ALA G 25 11.86 14.31 4.43
N ILE G 26 10.97 14.57 3.47
CA ILE G 26 10.56 13.53 2.54
C ILE G 26 11.79 12.99 1.81
N GLY G 27 12.59 13.88 1.24
CA GLY G 27 13.75 13.44 0.49
C GLY G 27 14.73 12.67 1.35
N ALA G 28 15.07 13.21 2.52
CA ALA G 28 16.03 12.56 3.39
C ALA G 28 15.54 11.19 3.82
N GLY G 29 14.29 11.10 4.29
CA GLY G 29 13.79 9.82 4.76
C GLY G 29 13.78 8.78 3.66
N ILE G 30 13.24 9.13 2.48
CA ILE G 30 13.11 8.12 1.43
C ILE G 30 14.48 7.73 0.88
N GLY G 31 15.37 8.71 0.69
CA GLY G 31 16.71 8.39 0.19
C GLY G 31 17.49 7.54 1.17
N ASP G 32 17.43 7.88 2.46
CA ASP G 32 18.10 7.05 3.46
C ASP G 32 17.51 5.66 3.49
N GLY G 33 16.19 5.54 3.38
CA GLY G 33 15.58 4.23 3.34
C GLY G 33 16.05 3.40 2.16
N ILE G 34 16.15 4.02 0.98
CA ILE G 34 16.57 3.29 -0.21
C ILE G 34 18.03 2.86 -0.10
N ALA G 35 18.90 3.79 0.34
CA ALA G 35 20.30 3.44 0.51
C ALA G 35 20.47 2.34 1.56
N GLY G 36 19.74 2.43 2.66
CA GLY G 36 19.79 1.39 3.67
C GLY G 36 19.25 0.06 3.17
N ASN G 37 18.25 0.09 2.30
CA ASN G 37 17.78 -1.15 1.68
C ASN G 37 18.89 -1.80 0.88
N ALA G 38 19.60 -0.99 0.09
CA ALA G 38 20.72 -1.54 -0.67
C ALA G 38 21.78 -2.11 0.27
N LEU G 39 22.11 -1.38 1.33
CA LEU G 39 23.14 -1.86 2.27
C LEU G 39 22.71 -3.16 2.94
N ILE G 40 21.45 -3.23 3.39
CA ILE G 40 20.96 -4.41 4.08
C ILE G 40 20.96 -5.61 3.14
N SER G 41 20.49 -5.42 1.91
CA SER G 41 20.50 -6.52 0.96
C SER G 41 21.92 -6.98 0.66
N GLY G 42 22.84 -6.04 0.46
CA GLY G 42 24.22 -6.42 0.19
C GLY G 42 24.84 -7.20 1.34
N ILE G 43 24.59 -6.77 2.57
CA ILE G 43 25.15 -7.46 3.73
C ILE G 43 24.50 -8.84 3.87
N ALA G 44 23.20 -8.95 3.63
CA ALA G 44 22.53 -10.24 3.72
C ALA G 44 23.09 -11.22 2.70
N ARG G 45 23.30 -10.76 1.47
CA ARG G 45 23.80 -11.66 0.43
C ARG G 45 25.20 -12.17 0.76
N GLN G 46 26.06 -11.29 1.27
CA GLN G 46 27.42 -11.68 1.65
C GLN G 46 27.86 -10.89 2.88
N PRO G 47 27.95 -11.53 4.05
CA PRO G 47 28.30 -10.76 5.27
C PRO G 47 29.64 -10.06 5.19
N GLU G 48 30.62 -10.66 4.52
CA GLU G 48 31.95 -10.06 4.48
C GLU G 48 31.95 -8.70 3.79
N ALA G 49 30.96 -8.45 2.92
CA ALA G 49 30.94 -7.20 2.16
C ALA G 49 30.73 -5.98 3.05
N GLN G 50 30.23 -6.17 4.27
CA GLN G 50 29.92 -5.05 5.16
C GLN G 50 31.01 -4.00 5.14
N GLY G 51 32.25 -4.40 5.44
CA GLY G 51 33.31 -3.42 5.60
C GLY G 51 33.48 -2.54 4.38
N ARG G 52 33.45 -3.13 3.18
CA ARG G 52 33.61 -2.35 1.97
C ARG G 52 32.33 -1.64 1.54
N LEU G 53 31.17 -2.06 2.03
CA LEU G 53 29.92 -1.47 1.58
C LEU G 53 29.66 -0.11 2.21
N PHE G 54 30.17 0.12 3.42
CA PHE G 54 29.92 1.38 4.10
C PHE G 54 30.54 2.57 3.37
N THR G 55 31.48 2.32 2.45
CA THR G 55 32.05 3.44 1.69
C THR G 55 31.02 4.05 0.76
N PRO G 56 30.50 3.34 -0.23
CA PRO G 56 29.46 3.95 -1.08
C PRO G 56 28.25 4.40 -0.28
N PHE G 57 27.83 3.61 0.71
CA PHE G 57 26.66 3.97 1.50
C PHE G 57 26.82 5.36 2.11
N PHE G 58 27.93 5.58 2.81
CA PHE G 58 28.16 6.90 3.40
C PHE G 58 28.19 7.98 2.34
N ILE G 59 28.67 7.67 1.14
CA ILE G 59 28.58 8.64 0.05
C ILE G 59 27.14 8.95 -0.27
N THR G 60 26.33 7.90 -0.48
CA THR G 60 24.93 8.10 -0.82
C THR G 60 24.23 8.93 0.25
N VAL G 61 24.33 8.52 1.51
CA VAL G 61 23.75 9.29 2.59
C VAL G 61 24.32 10.70 2.59
N GLY G 62 25.62 10.83 2.33
CA GLY G 62 26.22 12.15 2.27
C GLY G 62 25.55 13.03 1.23
N LEU G 63 25.19 12.46 0.08
CA LEU G 63 24.52 13.23 -0.95
C LEU G 63 23.06 13.47 -0.62
N VAL G 64 22.48 12.70 0.29
CA VAL G 64 21.08 12.86 0.66
C VAL G 64 20.99 13.84 1.83
N GLU G 65 21.63 13.50 2.95
CA GLU G 65 21.55 14.35 4.13
C GLU G 65 21.96 15.79 3.80
N ALA G 66 22.98 15.96 2.96
CA ALA G 66 23.39 17.31 2.58
C ALA G 66 22.21 18.09 2.04
N ALA G 67 21.51 17.51 1.04
CA ALA G 67 20.36 18.21 0.47
C ALA G 67 19.35 18.57 1.54
N TYR G 68 19.18 17.71 2.53
CA TYR G 68 18.32 18.04 3.66
C TYR G 68 18.86 19.22 4.44
N PHE G 69 20.12 19.14 4.88
CA PHE G 69 20.62 20.14 5.81
C PHE G 69 20.65 21.52 5.17
N ILE G 70 21.07 21.60 3.90
CA ILE G 70 20.97 22.86 3.18
C ILE G 70 19.58 23.46 3.38
N ASN G 71 18.55 22.69 3.03
CA ASN G 71 17.19 23.18 3.19
C ASN G 71 16.96 23.65 4.62
N LEU G 72 17.38 22.84 5.60
CA LEU G 72 17.21 23.25 6.99
C LEU G 72 17.81 24.64 7.20
N ALA G 73 19.06 24.82 6.78
CA ALA G 73 19.69 26.13 6.93
C ALA G 73 18.82 27.21 6.30
N PHE G 74 18.34 26.95 5.09
CA PHE G 74 17.52 27.94 4.40
C PHE G 74 16.26 28.25 5.19
N MET G 75 15.64 27.23 5.80
CA MET G 75 14.46 27.51 6.62
C MET G 75 14.79 28.54 7.68
N ALA G 76 15.97 28.42 8.31
CA ALA G 76 16.37 29.42 9.29
C ALA G 76 16.28 30.81 8.67
N LEU G 77 16.91 30.99 7.51
CA LEU G 77 16.83 32.27 6.82
C LEU G 77 15.38 32.71 6.66
N PHE G 78 14.50 31.78 6.30
CA PHE G 78 13.10 32.15 6.10
C PHE G 78 12.45 32.60 7.40
N VAL G 79 12.74 31.90 8.51
CA VAL G 79 11.94 32.05 9.72
C VAL G 79 12.58 33.02 10.70
N PHE G 80 13.92 33.00 10.82
CA PHE G 80 14.58 33.81 11.84
C PHE G 80 14.97 35.19 11.32
N ALA G 81 15.53 35.28 10.11
CA ALA G 81 15.80 36.56 9.47
C ALA G 81 15.09 36.53 8.11
N THR G 82 13.81 36.87 8.12
CA THR G 82 12.98 36.72 6.93
C THR G 82 13.45 37.68 5.86
N PRO G 83 13.86 37.21 4.67
CA PRO G 83 14.23 38.14 3.61
C PRO G 83 13.07 39.06 3.25
N GLY G 84 13.40 40.33 3.04
CA GLY G 84 12.37 41.31 2.73
C GLY G 84 11.33 41.42 3.82
N LEU G 85 11.72 41.32 5.09
CA LEU G 85 10.78 41.39 6.18
C LEU G 85 10.14 42.75 6.31
N GLN G 86 10.74 43.79 5.73
CA GLN G 86 10.17 45.13 5.79
C GLN G 86 10.06 45.62 7.22
N LEU H 3 -3.56 47.58 2.53
CA LEU H 3 -2.26 47.23 3.07
C LEU H 3 -1.17 47.31 1.99
N ASP H 4 0.07 47.15 2.40
CA ASP H 4 1.18 47.32 1.48
C ASP H 4 1.18 46.20 0.43
N PRO H 5 1.19 46.52 -0.86
CA PRO H 5 1.31 45.46 -1.88
C PRO H 5 2.58 44.64 -1.72
N ASN H 6 3.67 45.27 -1.30
CA ASN H 6 4.92 44.54 -1.10
C ASN H 6 4.74 43.40 -0.12
N ALA H 7 3.88 43.56 0.88
CA ALA H 7 3.65 42.48 1.83
C ALA H 7 3.09 41.25 1.13
N ILE H 8 2.05 41.43 0.32
CA ILE H 8 1.45 40.30 -0.38
C ILE H 8 2.46 39.68 -1.33
N ILE H 9 3.18 40.53 -2.08
CA ILE H 9 4.13 40.00 -3.05
C ILE H 9 5.23 39.20 -2.36
N THR H 10 5.73 39.71 -1.23
CA THR H 10 6.78 39.02 -0.50
C THR H 10 6.29 37.71 0.09
N ALA H 11 5.05 37.70 0.62
CA ALA H 11 4.51 36.44 1.13
C ALA H 11 4.39 35.41 0.02
N GLY H 12 3.88 35.82 -1.14
CA GLY H 12 3.80 34.91 -2.26
C GLY H 12 5.16 34.41 -2.71
N ALA H 13 6.15 35.30 -2.74
CA ALA H 13 7.50 34.91 -3.14
C ALA H 13 8.09 33.91 -2.15
N LEU H 14 7.88 34.14 -0.86
CA LEU H 14 8.38 33.19 0.14
C LEU H 14 7.72 31.83 -0.01
N ILE H 15 6.41 31.81 -0.24
CA ILE H 15 5.72 30.54 -0.42
C ILE H 15 6.25 29.83 -1.67
N GLY H 16 6.44 30.58 -2.76
CA GLY H 16 6.96 29.98 -3.97
C GLY H 16 8.37 29.43 -3.80
N GLY H 17 9.23 30.18 -3.13
CA GLY H 17 10.57 29.68 -2.86
C GLY H 17 10.56 28.45 -1.98
N GLY H 18 9.67 28.42 -0.99
CA GLY H 18 9.52 27.23 -0.17
C GLY H 18 9.09 26.03 -0.99
N LEU H 19 8.15 26.24 -1.91
CA LEU H 19 7.74 25.16 -2.80
C LEU H 19 8.90 24.68 -3.67
N ILE H 20 9.69 25.62 -4.18
CA ILE H 20 10.82 25.26 -5.03
C ILE H 20 11.82 24.40 -4.25
N MET H 21 12.13 24.82 -3.01
CA MET H 21 13.04 24.02 -2.18
C MET H 21 12.45 22.68 -1.81
N GLY H 22 11.15 22.63 -1.51
CA GLY H 22 10.55 21.35 -1.19
C GLY H 22 10.66 20.37 -2.34
N GLY H 23 10.31 20.82 -3.54
CA GLY H 23 10.41 19.95 -4.70
C GLY H 23 11.85 19.55 -4.99
N GLY H 24 12.77 20.52 -4.92
CA GLY H 24 14.16 20.21 -5.19
C GLY H 24 14.72 19.21 -4.20
N ALA H 25 14.41 19.38 -2.92
CA ALA H 25 14.90 18.45 -1.90
C ALA H 25 14.30 17.07 -2.10
N ILE H 26 13.00 16.98 -2.37
CA ILE H 26 12.40 15.67 -2.61
C ILE H 26 13.11 14.98 -3.77
N GLY H 27 13.24 15.69 -4.90
CA GLY H 27 13.86 15.09 -6.06
C GLY H 27 15.29 14.68 -5.80
N ALA H 28 16.08 15.59 -5.22
CA ALA H 28 17.49 15.30 -4.98
C ALA H 28 17.65 14.13 -4.03
N GLY H 29 16.95 14.15 -2.90
CA GLY H 29 17.09 13.07 -1.94
C GLY H 29 16.71 11.73 -2.53
N ILE H 30 15.56 11.66 -3.20
CA ILE H 30 15.10 10.37 -3.69
C ILE H 30 15.97 9.88 -4.84
N GLY H 31 16.36 10.77 -5.76
CA GLY H 31 17.22 10.36 -6.85
C GLY H 31 18.59 9.92 -6.38
N ASP H 32 19.17 10.66 -5.44
CA ASP H 32 20.46 10.25 -4.89
C ASP H 32 20.34 8.92 -4.16
N GLY H 33 19.24 8.72 -3.43
CA GLY H 33 19.04 7.42 -2.79
C GLY H 33 18.96 6.30 -3.79
N ILE H 34 18.25 6.50 -4.90
CA ILE H 34 18.10 5.45 -5.89
C ILE H 34 19.45 5.15 -6.55
N ALA H 35 20.17 6.20 -6.95
CA ALA H 35 21.47 6.00 -7.58
C ALA H 35 22.44 5.32 -6.63
N GLY H 36 22.44 5.72 -5.35
CA GLY H 36 23.28 5.08 -4.38
C GLY H 36 22.89 3.64 -4.11
N ASN H 37 21.59 3.33 -4.18
CA ASN H 37 21.17 1.95 -4.08
C ASN H 37 21.76 1.12 -5.21
N ALA H 38 21.70 1.65 -6.43
CA ALA H 38 22.31 0.96 -7.56
C ALA H 38 23.81 0.76 -7.32
N LEU H 39 24.49 1.81 -6.88
CA LEU H 39 25.93 1.74 -6.66
C LEU H 39 26.27 0.71 -5.59
N ILE H 40 25.54 0.72 -4.48
CA ILE H 40 25.82 -0.18 -3.38
C ILE H 40 25.58 -1.63 -3.81
N SER H 41 24.48 -1.88 -4.52
CA SER H 41 24.22 -3.24 -4.99
C SER H 41 25.30 -3.70 -5.96
N GLY H 42 25.71 -2.82 -6.88
CA GLY H 42 26.75 -3.19 -7.83
C GLY H 42 28.07 -3.49 -7.15
N ILE H 43 28.43 -2.69 -6.16
CA ILE H 43 29.68 -2.93 -5.43
C ILE H 43 29.58 -4.21 -4.61
N ALA H 44 28.41 -4.47 -4.03
CA ALA H 44 28.24 -5.70 -3.25
C ALA H 44 28.41 -6.92 -4.12
N ARG H 45 27.77 -6.93 -5.30
CA ARG H 45 27.87 -8.08 -6.18
C ARG H 45 29.27 -8.22 -6.77
N GLN H 46 29.83 -7.12 -7.27
CA GLN H 46 31.14 -7.11 -7.91
C GLN H 46 32.07 -6.17 -7.14
N PRO H 47 32.81 -6.68 -6.15
CA PRO H 47 33.74 -5.80 -5.43
C PRO H 47 34.75 -5.12 -6.33
N GLU H 48 35.22 -5.82 -7.37
CA GLU H 48 36.16 -5.23 -8.31
C GLU H 48 35.55 -4.09 -9.12
N ALA H 49 34.21 -4.04 -9.21
CA ALA H 49 33.54 -3.03 -10.03
C ALA H 49 33.54 -1.65 -9.39
N GLN H 50 34.00 -1.52 -8.14
CA GLN H 50 33.92 -0.24 -7.45
C GLN H 50 34.49 0.90 -8.29
N GLY H 51 35.62 0.67 -8.95
CA GLY H 51 36.19 1.71 -9.80
C GLY H 51 35.35 1.99 -11.02
N ARG H 52 34.79 0.95 -11.63
CA ARG H 52 34.06 1.12 -12.88
C ARG H 52 32.69 1.76 -12.67
N LEU H 53 32.08 1.53 -11.51
CA LEU H 53 30.73 2.01 -11.27
C LEU H 53 30.66 3.49 -10.92
N PHE H 54 31.77 4.10 -10.49
CA PHE H 54 31.72 5.48 -10.04
C PHE H 54 31.40 6.42 -11.20
N THR H 55 31.97 6.20 -12.37
CA THR H 55 31.76 7.14 -13.47
C THR H 55 30.29 7.26 -13.84
N PRO H 56 29.53 6.18 -14.07
CA PRO H 56 28.09 6.36 -14.25
C PRO H 56 27.41 7.02 -13.07
N PHE H 57 27.79 6.64 -11.85
CA PHE H 57 27.15 7.19 -10.67
C PHE H 57 27.27 8.71 -10.65
N PHE H 58 28.49 9.23 -10.84
CA PHE H 58 28.69 10.67 -10.86
C PHE H 58 27.92 11.31 -12.01
N ILE H 59 27.70 10.58 -13.09
CA ILE H 59 26.87 11.12 -14.17
C ILE H 59 25.43 11.24 -13.72
N THR H 60 24.95 10.25 -12.95
CA THR H 60 23.59 10.31 -12.41
C THR H 60 23.46 11.43 -11.40
N VAL H 61 24.25 11.36 -10.32
CA VAL H 61 24.17 12.35 -9.27
C VAL H 61 24.36 13.74 -9.84
N GLY H 62 25.35 13.91 -10.73
CA GLY H 62 25.58 15.20 -11.33
C GLY H 62 24.33 15.77 -11.99
N LEU H 63 23.58 14.92 -12.68
CA LEU H 63 22.30 15.36 -13.21
C LEU H 63 21.35 15.73 -12.09
N VAL H 64 21.16 14.81 -11.14
CA VAL H 64 20.19 15.04 -10.06
C VAL H 64 20.50 16.37 -9.37
N GLU H 65 21.68 16.47 -8.77
CA GLU H 65 22.06 17.69 -8.09
C GLU H 65 21.84 18.91 -8.97
N ALA H 66 22.17 18.79 -10.25
CA ALA H 66 21.99 19.91 -11.17
C ALA H 66 20.60 20.52 -10.96
N ALA H 67 19.56 19.72 -11.17
CA ALA H 67 18.20 20.24 -11.02
C ALA H 67 18.05 20.94 -9.68
N TYR H 68 18.42 20.25 -8.60
CA TYR H 68 18.29 20.83 -7.28
C TYR H 68 18.94 22.21 -7.23
N PHE H 69 20.20 22.30 -7.65
CA PHE H 69 20.90 23.56 -7.53
C PHE H 69 20.25 24.60 -8.42
N ILE H 70 19.80 24.22 -9.61
CA ILE H 70 19.08 25.17 -10.44
C ILE H 70 17.90 25.72 -9.67
N ASN H 71 17.11 24.83 -9.06
CA ASN H 71 16.00 25.28 -8.23
C ASN H 71 16.49 26.30 -7.21
N LEU H 72 17.57 25.97 -6.50
CA LEU H 72 18.10 26.88 -5.50
C LEU H 72 18.30 28.26 -6.10
N ALA H 73 18.97 28.33 -7.26
CA ALA H 73 19.20 29.61 -7.89
C ALA H 73 17.91 30.37 -8.04
N PHE H 74 16.90 29.73 -8.63
CA PHE H 74 15.64 30.41 -8.88
C PHE H 74 14.99 30.82 -7.57
N MET H 75 15.09 29.98 -6.54
CA MET H 75 14.56 30.37 -5.25
C MET H 75 15.27 31.62 -4.74
N ALA H 76 16.60 31.67 -4.88
CA ALA H 76 17.31 32.89 -4.53
C ALA H 76 16.77 34.07 -5.30
N LEU H 77 16.35 33.86 -6.55
CA LEU H 77 15.71 34.93 -7.31
C LEU H 77 14.35 35.27 -6.71
N PHE H 78 13.56 34.26 -6.33
CA PHE H 78 12.24 34.52 -5.80
C PHE H 78 12.29 35.34 -4.52
N VAL H 79 13.22 35.01 -3.63
CA VAL H 79 13.20 35.53 -2.27
C VAL H 79 13.98 36.84 -2.14
N PHE H 80 15.14 36.93 -2.80
CA PHE H 80 16.01 38.09 -2.61
C PHE H 80 15.73 39.20 -3.62
N ALA H 81 15.53 38.86 -4.89
CA ALA H 81 15.16 39.84 -5.91
C ALA H 81 13.84 39.36 -6.52
N THR H 82 12.75 39.70 -5.87
CA THR H 82 11.44 39.16 -6.25
C THR H 82 11.00 39.74 -7.59
N PRO H 83 10.75 38.93 -8.61
CA PRO H 83 10.20 39.48 -9.85
C PRO H 83 8.84 40.12 -9.61
N GLY H 84 8.59 41.24 -10.28
CA GLY H 84 7.33 41.93 -10.15
C GLY H 84 7.15 42.65 -8.84
N LEU H 85 8.19 42.80 -8.04
CA LEU H 85 8.07 43.50 -6.77
C LEU H 85 7.75 44.97 -6.99
N GLN H 86 6.93 45.53 -6.11
CA GLN H 86 6.53 46.92 -6.20
C GLN H 86 5.71 47.33 -4.98
N LEU I 3 -6.29 48.27 -2.48
CA LEU I 3 -5.35 47.16 -2.68
C LEU I 3 -5.07 46.98 -4.17
N ASP I 4 -3.79 46.87 -4.52
CA ASP I 4 -3.41 46.78 -5.92
C ASP I 4 -3.73 45.40 -6.47
N PRO I 5 -4.57 45.27 -7.50
CA PRO I 5 -4.81 43.94 -8.08
C PRO I 5 -3.55 43.30 -8.62
N ASN I 6 -2.62 44.11 -9.15
CA ASN I 6 -1.36 43.56 -9.63
C ASN I 6 -0.62 42.82 -8.52
N ALA I 7 -0.77 43.26 -7.26
CA ALA I 7 -0.13 42.56 -6.17
C ALA I 7 -0.69 41.15 -6.00
N ILE I 8 -2.01 41.02 -6.06
CA ILE I 8 -2.63 39.69 -5.95
C ILE I 8 -2.20 38.83 -7.12
N ILE I 9 -2.20 39.39 -8.34
CA ILE I 9 -1.81 38.62 -9.51
C ILE I 9 -0.36 38.16 -9.39
N THR I 10 0.52 39.05 -8.91
CA THR I 10 1.93 38.70 -8.77
C THR I 10 2.12 37.61 -7.72
N ALA I 11 1.40 37.70 -6.60
CA ALA I 11 1.50 36.65 -5.59
C ALA I 11 1.04 35.31 -6.14
N GLY I 12 -0.09 35.30 -6.86
CA GLY I 12 -0.56 34.08 -7.46
C GLY I 12 0.43 33.52 -8.48
N ALA I 13 1.03 34.40 -9.28
CA ALA I 13 2.00 33.96 -10.27
C ALA I 13 3.25 33.39 -9.60
N LEU I 14 3.69 34.00 -8.51
CA LEU I 14 4.85 33.48 -7.79
C LEU I 14 4.55 32.10 -7.21
N ILE I 15 3.37 31.93 -6.63
CA ILE I 15 3.00 30.62 -6.11
C ILE I 15 2.94 29.59 -7.23
N GLY I 16 2.34 29.96 -8.37
CA GLY I 16 2.26 29.03 -9.49
C GLY I 16 3.63 28.66 -10.03
N GLY I 17 4.52 29.64 -10.14
CA GLY I 17 5.87 29.33 -10.60
C GLY I 17 6.63 28.45 -9.63
N GLY I 18 6.45 28.69 -8.33
CA GLY I 18 7.04 27.81 -7.35
C GLY I 18 6.52 26.39 -7.46
N LEU I 19 5.22 26.24 -7.67
CA LEU I 19 4.64 24.91 -7.89
C LEU I 19 5.24 24.26 -9.12
N ILE I 20 5.35 25.01 -10.21
CA ILE I 20 5.87 24.46 -11.47
C ILE I 20 7.30 23.97 -11.27
N MET I 21 8.14 24.80 -10.64
CA MET I 21 9.53 24.40 -10.44
C MET I 21 9.65 23.25 -9.46
N GLY I 22 8.82 23.21 -8.42
CA GLY I 22 8.87 22.09 -7.49
C GLY I 22 8.52 20.79 -8.17
N GLY I 23 7.43 20.78 -8.95
CA GLY I 23 7.06 19.58 -9.67
C GLY I 23 8.12 19.17 -10.68
N GLY I 24 8.66 20.14 -11.41
CA GLY I 24 9.71 19.83 -12.37
C GLY I 24 10.95 19.24 -11.72
N ALA I 25 11.36 19.81 -10.58
CA ALA I 25 12.53 19.30 -9.88
C ALA I 25 12.28 17.91 -9.33
N ILE I 26 11.09 17.67 -8.77
CA ILE I 26 10.77 16.33 -8.29
C ILE I 26 10.88 15.33 -9.44
N GLY I 27 10.21 15.64 -10.55
CA GLY I 27 10.23 14.73 -11.69
C GLY I 27 11.63 14.50 -12.22
N ALA I 28 12.38 15.57 -12.40
CA ALA I 28 13.73 15.44 -12.93
C ALA I 28 14.61 14.60 -12.01
N GLY I 29 14.62 14.93 -10.72
CA GLY I 29 15.46 14.21 -9.79
C GLY I 29 15.12 12.73 -9.75
N ILE I 30 13.83 12.41 -9.62
CA ILE I 30 13.46 11.00 -9.46
C ILE I 30 13.67 10.23 -10.76
N GLY I 31 13.30 10.82 -11.90
CA GLY I 31 13.50 10.14 -13.17
C GLY I 31 14.97 9.92 -13.49
N ASP I 32 15.80 10.95 -13.25
CA ASP I 32 17.23 10.80 -13.48
C ASP I 32 17.82 9.76 -12.54
N GLY I 33 17.36 9.74 -11.28
CA GLY I 33 17.82 8.71 -10.37
C GLY I 33 17.48 7.32 -10.84
N ILE I 34 16.26 7.13 -11.34
CA ILE I 34 15.85 5.80 -11.81
C ILE I 34 16.66 5.40 -13.04
N ALA I 35 16.82 6.33 -13.99
CA ALA I 35 17.58 6.02 -15.20
C ALA I 35 19.04 5.71 -14.85
N GLY I 36 19.63 6.49 -13.95
CA GLY I 36 20.99 6.22 -13.53
C GLY I 36 21.13 4.92 -12.77
N ASN I 37 20.10 4.55 -12.00
CA ASN I 37 20.11 3.25 -11.36
C ASN I 37 20.16 2.14 -12.41
N ALA I 38 19.35 2.27 -13.46
CA ALA I 38 19.39 1.29 -14.54
C ALA I 38 20.77 1.25 -15.19
N LEU I 39 21.34 2.43 -15.45
CA LEU I 39 22.65 2.48 -16.11
C LEU I 39 23.72 1.83 -15.26
N ILE I 40 23.75 2.14 -13.96
CA ILE I 40 24.75 1.58 -13.08
C ILE I 40 24.58 0.07 -12.96
N SER I 41 23.35 -0.40 -12.83
CA SER I 41 23.12 -1.84 -12.76
C SER I 41 23.59 -2.52 -14.03
N GLY I 42 23.20 -1.98 -15.19
CA GLY I 42 23.60 -2.60 -16.44
C GLY I 42 25.10 -2.64 -16.61
N ILE I 43 25.79 -1.57 -16.23
CA ILE I 43 27.24 -1.56 -16.32
C ILE I 43 27.84 -2.56 -15.34
N ALA I 44 27.24 -2.71 -14.16
CA ALA I 44 27.73 -3.69 -13.19
C ALA I 44 27.62 -5.11 -13.75
N ARG I 45 26.48 -5.45 -14.35
CA ARG I 45 26.31 -6.78 -14.91
C ARG I 45 27.19 -6.98 -16.14
N GLN I 46 27.18 -6.02 -17.06
CA GLN I 46 27.88 -6.12 -18.34
C GLN I 46 28.86 -4.96 -18.48
N PRO I 47 30.10 -5.11 -18.00
CA PRO I 47 31.09 -4.05 -18.23
C PRO I 47 31.32 -3.76 -19.70
N GLU I 48 31.15 -4.76 -20.56
CA GLU I 48 31.31 -4.56 -22.00
C GLU I 48 30.31 -3.55 -22.56
N ALA I 49 29.19 -3.34 -21.87
CA ALA I 49 28.15 -2.43 -22.32
C ALA I 49 28.35 -1.01 -21.81
N GLN I 50 29.56 -0.65 -21.36
CA GLN I 50 29.77 0.66 -20.76
C GLN I 50 29.40 1.79 -21.71
N GLY I 51 29.54 1.58 -23.01
CA GLY I 51 29.23 2.61 -23.98
C GLY I 51 27.85 2.45 -24.58
N ARG I 52 27.51 1.21 -24.93
CA ARG I 52 26.22 0.93 -25.57
C ARG I 52 25.06 1.53 -24.78
N LEU I 53 25.03 1.26 -23.46
CA LEU I 53 23.90 1.71 -22.65
C LEU I 53 23.74 3.21 -22.67
N PHE I 54 24.80 3.97 -22.99
CA PHE I 54 24.67 5.41 -23.02
C PHE I 54 23.77 5.91 -24.14
N THR I 55 23.48 5.07 -25.14
CA THR I 55 22.55 5.50 -26.19
C THR I 55 21.13 5.59 -25.65
N PRO I 56 20.51 4.51 -25.16
CA PRO I 56 19.17 4.67 -24.56
C PRO I 56 19.17 5.61 -23.36
N PHE I 57 20.21 5.54 -22.52
CA PHE I 57 20.22 6.34 -21.30
C PHE I 57 19.98 7.81 -21.62
N PHE I 58 20.79 8.36 -22.53
CA PHE I 58 20.62 9.76 -22.91
C PHE I 58 19.18 10.02 -23.31
N ILE I 59 18.64 9.17 -24.20
CA ILE I 59 17.25 9.32 -24.61
C ILE I 59 16.38 9.51 -23.38
N THR I 60 16.43 8.55 -22.45
CA THR I 60 15.62 8.64 -21.24
C THR I 60 15.88 9.97 -20.56
N VAL I 61 17.15 10.27 -20.27
CA VAL I 61 17.46 11.51 -19.59
C VAL I 61 16.89 12.67 -20.38
N GLY I 62 17.14 12.68 -21.69
CA GLY I 62 16.60 13.70 -22.54
C GLY I 62 15.14 13.91 -22.20
N LEU I 63 14.34 12.87 -22.35
CA LEU I 63 12.91 13.00 -22.11
C LEU I 63 12.68 13.61 -20.74
N VAL I 64 13.26 13.01 -19.71
CA VAL I 64 13.11 13.56 -18.37
C VAL I 64 13.47 15.04 -18.38
N GLU I 65 14.71 15.34 -18.76
CA GLU I 65 15.16 16.73 -18.72
C GLU I 65 14.21 17.61 -19.50
N ALA I 66 13.75 17.12 -20.66
CA ALA I 66 12.83 17.91 -21.46
C ALA I 66 11.75 18.51 -20.58
N ALA I 67 10.97 17.65 -19.93
CA ALA I 67 9.87 18.14 -19.12
C ALA I 67 10.36 19.21 -18.16
N TYR I 68 11.42 18.89 -17.41
CA TYR I 68 11.96 19.86 -16.45
C TYR I 68 12.11 21.21 -17.11
N PHE I 69 12.91 21.28 -18.17
CA PHE I 69 13.23 22.58 -18.73
C PHE I 69 11.99 23.24 -19.30
N ILE I 70 11.08 22.45 -19.87
CA ILE I 70 9.82 23.04 -20.35
C ILE I 70 9.13 23.74 -19.19
N ASN I 71 8.99 23.04 -18.05
CA ASN I 71 8.44 23.69 -16.88
C ASN I 71 9.17 24.99 -16.60
N LEU I 72 10.50 24.92 -16.56
CA LEU I 72 11.29 26.12 -16.29
C LEU I 72 10.85 27.26 -17.21
N ALA I 73 10.78 26.96 -18.52
CA ALA I 73 10.38 28.00 -19.46
C ALA I 73 9.05 28.62 -19.04
N PHE I 74 8.05 27.77 -18.80
CA PHE I 74 6.74 28.31 -18.45
C PHE I 74 6.82 29.10 -17.15
N MET I 75 7.63 28.63 -16.19
CA MET I 75 7.76 29.37 -14.95
C MET I 75 8.23 30.79 -15.23
N ALA I 76 9.17 30.96 -16.14
CA ALA I 76 9.58 32.30 -16.53
C ALA I 76 8.37 33.09 -17.01
N LEU I 77 7.61 32.51 -17.94
CA LEU I 77 6.41 33.19 -18.42
C LEU I 77 5.45 33.49 -17.29
N PHE I 78 5.50 32.71 -16.21
CA PHE I 78 4.63 32.97 -15.07
C PHE I 78 5.12 34.17 -14.27
N VAL I 79 6.43 34.30 -14.10
CA VAL I 79 6.97 35.23 -13.09
C VAL I 79 7.45 36.51 -13.73
N PHE I 80 7.97 36.44 -14.95
CA PHE I 80 8.54 37.62 -15.59
C PHE I 80 7.52 38.34 -16.47
N ALA I 81 6.84 37.61 -17.36
CA ALA I 81 5.76 38.16 -18.15
C ALA I 81 4.48 37.46 -17.73
N THR I 82 3.88 37.93 -16.66
CA THR I 82 2.74 37.24 -16.05
C THR I 82 1.51 37.41 -16.93
N PRO I 83 0.89 36.33 -17.41
CA PRO I 83 -0.33 36.48 -18.21
C PRO I 83 -1.52 36.90 -17.36
N GLY I 84 -1.96 38.14 -17.50
CA GLY I 84 -3.12 38.65 -16.78
C GLY I 84 -2.85 39.89 -15.95
N LEU I 85 -1.67 40.49 -16.00
CA LEU I 85 -1.44 41.71 -15.25
C LEU I 85 -2.41 42.79 -15.69
N GLN I 86 -3.00 43.48 -14.72
CA GLN I 86 -3.99 44.51 -15.00
C GLN I 86 -4.32 45.29 -13.73
N LEU J 3 -11.34 45.78 -4.63
CA LEU J 3 -10.41 44.82 -5.21
C LEU J 3 -11.03 44.21 -6.47
N ASP J 4 -10.30 44.30 -7.58
CA ASP J 4 -10.82 43.83 -8.84
C ASP J 4 -11.12 42.34 -8.77
N PRO J 5 -12.35 41.91 -9.08
CA PRO J 5 -12.62 40.46 -9.09
C PRO J 5 -11.74 39.71 -10.07
N ASN J 6 -11.44 40.32 -11.22
CA ASN J 6 -10.58 39.66 -12.19
C ASN J 6 -9.20 39.38 -11.61
N ALA J 7 -8.74 40.20 -10.66
CA ALA J 7 -7.46 39.92 -10.03
C ALA J 7 -7.50 38.60 -9.26
N ILE J 8 -8.55 38.40 -8.47
CA ILE J 8 -8.69 37.15 -7.73
C ILE J 8 -8.82 35.98 -8.69
N ILE J 9 -9.62 36.15 -9.75
CA ILE J 9 -9.80 35.06 -10.70
C ILE J 9 -8.46 34.71 -11.36
N THR J 10 -7.68 35.73 -11.72
CA THR J 10 -6.40 35.47 -12.38
C THR J 10 -5.41 34.81 -11.43
N ALA J 11 -5.40 35.22 -10.16
CA ALA J 11 -4.52 34.56 -9.19
C ALA J 11 -4.90 33.10 -9.03
N GLY J 12 -6.21 32.82 -8.93
CA GLY J 12 -6.64 31.43 -8.85
C GLY J 12 -6.28 30.64 -10.09
N ALA J 13 -6.44 31.25 -11.26
CA ALA J 13 -6.08 30.57 -12.51
C ALA J 13 -4.59 30.29 -12.57
N LEU J 14 -3.77 31.24 -12.13
CA LEU J 14 -2.33 31.02 -12.14
C LEU J 14 -1.93 29.90 -11.19
N ILE J 15 -2.52 29.86 -10.00
CA ILE J 15 -2.20 28.78 -9.08
C ILE J 15 -2.67 27.44 -9.64
N GLY J 16 -3.85 27.41 -10.25
CA GLY J 16 -4.33 26.18 -10.84
C GLY J 16 -3.46 25.68 -11.98
N GLY J 17 -3.02 26.59 -12.84
CA GLY J 17 -2.11 26.21 -13.92
C GLY J 17 -0.77 25.74 -13.39
N GLY J 18 -0.27 26.39 -12.34
CA GLY J 18 0.94 25.91 -11.72
C GLY J 18 0.79 24.50 -11.18
N LEU J 19 -0.34 24.22 -10.54
CA LEU J 19 -0.59 22.86 -10.06
C LEU J 19 -0.67 21.88 -11.24
N ILE J 20 -1.34 22.28 -12.32
CA ILE J 20 -1.45 21.42 -13.48
C ILE J 20 -0.07 21.04 -13.99
N MET J 21 0.79 22.04 -14.17
CA MET J 21 2.10 21.79 -14.75
C MET J 21 3.01 21.06 -13.78
N GLY J 22 2.89 21.33 -12.48
CA GLY J 22 3.68 20.58 -11.51
C GLY J 22 3.33 19.10 -11.51
N GLY J 23 2.04 18.79 -11.49
CA GLY J 23 1.63 17.40 -11.55
C GLY J 23 2.03 16.74 -12.84
N GLY J 24 1.84 17.44 -13.97
CA GLY J 24 2.26 16.89 -15.24
C GLY J 24 3.75 16.62 -15.30
N ALA J 25 4.55 17.55 -14.77
CA ALA J 25 5.99 17.35 -14.77
C ALA J 25 6.39 16.16 -13.90
N ILE J 26 5.81 16.04 -12.71
CA ILE J 26 6.11 14.91 -11.85
C ILE J 26 5.80 13.61 -12.57
N GLY J 27 4.58 13.51 -13.11
CA GLY J 27 4.17 12.29 -13.77
C GLY J 27 5.05 11.96 -14.97
N ALA J 28 5.30 12.95 -15.82
CA ALA J 28 6.10 12.72 -17.02
C ALA J 28 7.51 12.30 -16.66
N GLY J 29 8.15 13.03 -15.75
CA GLY J 29 9.51 12.71 -15.38
C GLY J 29 9.64 11.32 -14.80
N ILE J 30 8.77 10.97 -13.85
CA ILE J 30 8.90 9.68 -13.20
C ILE J 30 8.54 8.55 -14.16
N GLY J 31 7.50 8.73 -14.98
CA GLY J 31 7.14 7.70 -15.93
C GLY J 31 8.21 7.47 -16.98
N ASP J 32 8.79 8.55 -17.50
CA ASP J 32 9.88 8.41 -18.45
C ASP J 32 11.09 7.77 -17.81
N GLY J 33 11.39 8.12 -16.56
CA GLY J 33 12.48 7.47 -15.85
C GLY J 33 12.26 5.97 -15.73
N ILE J 34 11.04 5.56 -15.38
CA ILE J 34 10.76 4.14 -15.20
C ILE J 34 10.84 3.40 -16.54
N ALA J 35 10.24 3.98 -17.58
CA ALA J 35 10.29 3.36 -18.90
C ALA J 35 11.73 3.26 -19.40
N GLY J 36 12.52 4.31 -19.19
CA GLY J 36 13.92 4.26 -19.58
C GLY J 36 14.72 3.26 -18.77
N ASN J 37 14.39 3.10 -17.49
CA ASN J 37 15.02 2.04 -16.70
C ASN J 37 14.77 0.68 -17.33
N ALA J 38 13.53 0.43 -17.70
CA ALA J 38 13.21 -0.83 -18.36
C ALA J 38 13.98 -0.98 -19.67
N LEU J 39 14.03 0.09 -20.47
CA LEU J 39 14.71 0.03 -21.77
C LEU J 39 16.20 -0.24 -21.58
N ILE J 40 16.83 0.46 -20.64
CA ILE J 40 18.26 0.29 -20.42
C ILE J 40 18.55 -1.12 -19.92
N SER J 41 17.75 -1.62 -18.98
CA SER J 41 17.96 -2.98 -18.50
C SER J 41 17.80 -4.00 -19.62
N GLY J 42 16.77 -3.82 -20.46
CA GLY J 42 16.55 -4.74 -21.56
C GLY J 42 17.68 -4.73 -22.55
N ILE J 43 18.19 -3.55 -22.89
CA ILE J 43 19.30 -3.47 -23.83
C ILE J 43 20.56 -4.05 -23.22
N ALA J 44 20.77 -3.86 -21.92
CA ALA J 44 21.93 -4.45 -21.26
C ALA J 44 21.86 -5.98 -21.28
N ARG J 45 20.67 -6.53 -21.01
CA ARG J 45 20.54 -7.99 -20.96
C ARG J 45 20.74 -8.62 -22.33
N GLN J 46 20.21 -7.99 -23.37
CA GLN J 46 20.26 -8.56 -24.72
C GLN J 46 20.78 -7.51 -25.70
N PRO J 47 21.98 -7.70 -26.26
CA PRO J 47 22.53 -6.68 -27.18
C PRO J 47 21.62 -6.38 -28.35
N GLU J 48 21.13 -7.42 -29.04
CA GLU J 48 20.40 -7.21 -30.29
C GLU J 48 18.99 -6.68 -30.07
N ALA J 49 18.54 -6.64 -28.82
CA ALA J 49 17.14 -6.30 -28.55
C ALA J 49 16.81 -4.84 -28.80
N GLN J 50 17.83 -3.99 -28.98
CA GLN J 50 17.62 -2.55 -28.99
C GLN J 50 16.44 -2.15 -29.87
N GLY J 51 16.54 -2.43 -31.17
CA GLY J 51 15.55 -1.95 -32.11
C GLY J 51 14.13 -2.32 -31.73
N ARG J 52 13.88 -3.63 -31.60
CA ARG J 52 12.55 -4.08 -31.20
C ARG J 52 12.08 -3.42 -29.91
N LEU J 53 12.98 -3.22 -28.94
CA LEU J 53 12.54 -2.68 -27.67
C LEU J 53 11.98 -1.28 -27.83
N PHE J 54 12.37 -0.56 -28.88
CA PHE J 54 11.85 0.79 -29.08
C PHE J 54 10.38 0.80 -29.43
N THR J 55 9.80 -0.34 -29.83
CA THR J 55 8.37 -0.37 -30.14
C THR J 55 7.55 -0.20 -28.86
N PRO J 56 7.58 -1.13 -27.89
CA PRO J 56 6.83 -0.88 -26.65
C PRO J 56 7.25 0.38 -25.94
N PHE J 57 8.56 0.68 -25.92
CA PHE J 57 9.04 1.88 -25.25
C PHE J 57 8.32 3.12 -25.79
N PHE J 58 8.34 3.30 -27.12
CA PHE J 58 7.67 4.45 -27.71
C PHE J 58 6.20 4.49 -27.32
N ILE J 59 5.57 3.33 -27.15
CA ILE J 59 4.19 3.32 -26.68
C ILE J 59 4.12 3.90 -25.28
N THR J 60 4.93 3.38 -24.37
CA THR J 60 4.88 3.83 -22.98
C THR J 60 5.12 5.32 -22.89
N VAL J 61 6.22 5.80 -23.48
CA VAL J 61 6.47 7.24 -23.49
C VAL J 61 5.31 7.96 -24.15
N GLY J 62 4.77 7.40 -25.23
CA GLY J 62 3.63 8.02 -25.87
C GLY J 62 2.47 8.20 -24.93
N LEU J 63 2.23 7.22 -24.06
CA LEU J 63 1.18 7.37 -23.06
C LEU J 63 1.59 8.35 -21.98
N VAL J 64 2.88 8.35 -21.61
CA VAL J 64 3.33 9.23 -20.52
C VAL J 64 3.32 10.68 -20.98
N GLU J 65 3.88 10.95 -22.16
CA GLU J 65 3.93 12.33 -22.65
C GLU J 65 2.55 12.87 -22.94
N ALA J 66 1.69 12.07 -23.59
CA ALA J 66 0.35 12.53 -23.96
C ALA J 66 -0.30 13.26 -22.79
N ALA J 67 -0.54 12.54 -21.69
CA ALA J 67 -1.09 13.15 -20.49
C ALA J 67 -0.41 14.48 -20.21
N TYR J 68 0.91 14.44 -20.01
CA TYR J 68 1.67 15.66 -19.76
C TYR J 68 1.23 16.77 -20.71
N PHE J 69 1.38 16.53 -22.01
CA PHE J 69 1.10 17.60 -22.96
C PHE J 69 -0.37 18.00 -22.90
N ILE J 70 -1.27 17.03 -22.73
CA ILE J 70 -2.68 17.37 -22.55
C ILE J 70 -2.81 18.37 -21.41
N ASN J 71 -2.20 18.03 -20.27
CA ASN J 71 -2.23 18.93 -19.12
C ASN J 71 -1.69 20.29 -19.52
N LEU J 72 -0.55 20.31 -20.22
CA LEU J 72 0.00 21.58 -20.67
C LEU J 72 -1.05 22.39 -21.39
N ALA J 73 -1.76 21.76 -22.33
CA ALA J 73 -2.80 22.47 -23.06
C ALA J 73 -3.78 23.11 -22.10
N PHE J 74 -4.30 22.33 -21.16
CA PHE J 74 -5.27 22.87 -20.22
C PHE J 74 -4.68 23.99 -19.39
N MET J 75 -3.40 23.88 -19.03
CA MET J 75 -2.77 24.98 -18.30
C MET J 75 -2.88 26.27 -19.11
N ALA J 76 -2.60 26.20 -20.41
CA ALA J 76 -2.77 27.38 -21.25
C ALA J 76 -4.19 27.90 -21.13
N LEU J 77 -5.17 27.01 -21.23
CA LEU J 77 -6.56 27.41 -21.07
C LEU J 77 -6.76 28.13 -19.74
N PHE J 78 -6.16 27.61 -18.67
CA PHE J 78 -6.29 28.26 -17.38
C PHE J 78 -5.66 29.65 -17.40
N VAL J 79 -4.50 29.78 -18.05
CA VAL J 79 -3.68 30.99 -17.90
C VAL J 79 -3.86 31.99 -19.02
N PHE J 80 -4.40 31.58 -20.16
CA PHE J 80 -4.54 32.47 -21.32
C PHE J 80 -5.98 32.75 -21.70
N ALA J 81 -6.90 31.79 -21.51
CA ALA J 81 -8.33 32.03 -21.65
C ALA J 81 -8.99 31.48 -20.38
N THR J 82 -9.00 32.29 -19.34
CA THR J 82 -9.43 31.81 -18.03
C THR J 82 -10.93 31.54 -18.03
N PRO J 83 -11.37 30.31 -17.76
CA PRO J 83 -12.81 30.07 -17.65
C PRO J 83 -13.41 30.87 -16.50
N GLY J 84 -14.65 31.32 -16.72
CA GLY J 84 -15.35 32.07 -15.69
C GLY J 84 -14.67 33.36 -15.31
N LEU J 85 -14.06 34.04 -16.29
CA LEU J 85 -13.39 35.31 -16.07
C LEU J 85 -14.19 36.42 -16.73
N GLN J 86 -14.46 37.47 -15.97
CA GLN J 86 -15.21 38.62 -16.48
C GLN J 86 -14.29 39.81 -16.68
N LEU K 3 -16.36 42.38 -2.61
CA LEU K 3 -15.87 41.26 -3.42
C LEU K 3 -17.03 40.47 -4.01
N ASP K 4 -16.95 40.20 -5.30
CA ASP K 4 -17.98 39.42 -5.95
C ASP K 4 -17.90 37.97 -5.48
N PRO K 5 -18.98 37.39 -4.97
CA PRO K 5 -18.94 35.97 -4.58
C PRO K 5 -18.48 35.07 -5.72
N ASN K 6 -18.93 35.37 -6.94
CA ASN K 6 -18.55 34.55 -8.08
C ASN K 6 -17.05 34.54 -8.29
N ALA K 7 -16.37 35.65 -8.01
CA ALA K 7 -14.92 35.69 -8.22
C ALA K 7 -14.21 34.72 -7.27
N ILE K 8 -14.57 34.76 -5.98
CA ILE K 8 -13.96 33.86 -5.02
C ILE K 8 -14.27 32.41 -5.37
N ILE K 9 -15.54 32.14 -5.73
CA ILE K 9 -15.92 30.77 -6.07
C ILE K 9 -15.15 30.29 -7.29
N THR K 10 -14.96 31.17 -8.27
CA THR K 10 -14.25 30.78 -9.48
C THR K 10 -12.78 30.56 -9.22
N ALA K 11 -12.17 31.37 -8.36
CA ALA K 11 -10.78 31.13 -7.98
C ALA K 11 -10.64 29.78 -7.29
N GLY K 12 -11.55 29.48 -6.37
CA GLY K 12 -11.53 28.17 -5.73
C GLY K 12 -11.72 27.04 -6.72
N ALA K 13 -12.62 27.23 -7.68
CA ALA K 13 -12.87 26.21 -8.69
C ALA K 13 -11.64 25.98 -9.56
N LEU K 14 -10.96 27.07 -9.94
CA LEU K 14 -9.74 26.92 -10.74
C LEU K 14 -8.66 26.20 -9.96
N ILE K 15 -8.49 26.53 -8.68
CA ILE K 15 -7.50 25.82 -7.87
C ILE K 15 -7.86 24.35 -7.75
N GLY K 16 -9.15 24.04 -7.55
CA GLY K 16 -9.55 22.66 -7.44
C GLY K 16 -9.34 21.88 -8.73
N GLY K 17 -9.67 22.49 -9.86
CA GLY K 17 -9.42 21.83 -11.13
C GLY K 17 -7.94 21.63 -11.40
N GLY K 18 -7.12 22.60 -11.01
CA GLY K 18 -5.68 22.43 -11.11
C GLY K 18 -5.19 21.27 -10.28
N LEU K 19 -5.70 21.14 -9.05
CA LEU K 19 -5.34 20.00 -8.23
C LEU K 19 -5.79 18.69 -8.87
N ILE K 20 -6.99 18.69 -9.46
CA ILE K 20 -7.53 17.48 -10.07
C ILE K 20 -6.63 17.03 -11.21
N MET K 21 -6.26 17.96 -12.09
CA MET K 21 -5.35 17.62 -13.19
C MET K 21 -3.96 17.27 -12.69
N GLY K 22 -3.48 17.92 -11.64
CA GLY K 22 -2.17 17.54 -11.12
C GLY K 22 -2.15 16.10 -10.65
N GLY K 23 -3.15 15.72 -9.86
CA GLY K 23 -3.23 14.35 -9.38
C GLY K 23 -3.44 13.35 -10.51
N GLY K 24 -4.34 13.67 -11.44
CA GLY K 24 -4.54 12.80 -12.58
C GLY K 24 -3.28 12.62 -13.39
N ALA K 25 -2.54 13.71 -13.61
CA ALA K 25 -1.30 13.63 -14.38
C ALA K 25 -0.28 12.76 -13.67
N ILE K 26 -0.10 12.97 -12.36
CA ILE K 26 0.86 12.16 -11.63
C ILE K 26 0.49 10.69 -11.73
N GLY K 27 -0.77 10.37 -11.42
CA GLY K 27 -1.18 8.98 -11.45
C GLY K 27 -1.04 8.36 -12.82
N ALA K 28 -1.52 9.05 -13.85
CA ALA K 28 -1.46 8.49 -15.20
C ALA K 28 -0.03 8.29 -15.63
N GLY K 29 0.82 9.31 -15.48
CA GLY K 29 2.19 9.19 -15.92
C GLY K 29 2.92 8.06 -15.22
N ILE K 30 2.83 8.00 -13.89
CA ILE K 30 3.59 7.01 -13.16
C ILE K 30 3.04 5.61 -13.41
N GLY K 31 1.72 5.45 -13.43
CA GLY K 31 1.15 4.14 -13.69
C GLY K 31 1.48 3.63 -15.08
N ASP K 32 1.35 4.48 -16.08
CA ASP K 32 1.71 4.08 -17.44
C ASP K 32 3.19 3.75 -17.53
N GLY K 33 4.04 4.54 -16.87
CA GLY K 33 5.45 4.22 -16.85
C GLY K 33 5.74 2.85 -16.25
N ILE K 34 5.07 2.53 -15.15
CA ILE K 34 5.31 1.24 -14.50
C ILE K 34 4.81 0.09 -15.38
N ALA K 35 3.61 0.24 -15.95
CA ALA K 35 3.09 -0.80 -16.83
C ALA K 35 3.98 -1.00 -18.04
N GLY K 36 4.46 0.10 -18.63
CA GLY K 36 5.37 0.00 -19.75
C GLY K 36 6.71 -0.60 -19.37
N ASN K 37 7.17 -0.34 -18.14
CA ASN K 37 8.38 -0.99 -17.66
C ASN K 37 8.19 -2.50 -17.64
N ALA K 38 7.06 -2.95 -17.11
CA ALA K 38 6.77 -4.38 -17.11
C ALA K 38 6.74 -4.93 -18.53
N LEU K 39 6.05 -4.23 -19.44
CA LEU K 39 5.93 -4.70 -20.82
C LEU K 39 7.30 -4.77 -21.49
N ILE K 40 8.12 -3.74 -21.31
CA ILE K 40 9.43 -3.71 -21.94
C ILE K 40 10.31 -4.83 -21.41
N SER K 41 10.30 -5.06 -20.09
CA SER K 41 11.07 -6.16 -19.54
C SER K 41 10.60 -7.49 -20.10
N GLY K 42 9.29 -7.71 -20.16
CA GLY K 42 8.77 -8.95 -20.69
C GLY K 42 9.17 -9.18 -22.14
N ILE K 43 9.08 -8.13 -22.97
CA ILE K 43 9.44 -8.28 -24.37
C ILE K 43 10.93 -8.50 -24.52
N ALA K 44 11.74 -7.83 -23.70
CA ALA K 44 13.19 -8.05 -23.75
C ALA K 44 13.53 -9.50 -23.42
N ARG K 45 12.86 -10.07 -22.41
CA ARG K 45 13.13 -11.45 -22.06
C ARG K 45 12.65 -12.41 -23.16
N GLN K 46 11.43 -12.22 -23.64
CA GLN K 46 10.87 -13.05 -24.72
C GLN K 46 10.48 -12.19 -25.92
N PRO K 47 11.20 -12.25 -27.03
CA PRO K 47 10.76 -11.49 -28.21
C PRO K 47 9.38 -11.88 -28.72
N GLU K 48 8.98 -13.13 -28.55
CA GLU K 48 7.69 -13.58 -29.07
C GLU K 48 6.55 -13.41 -28.08
N ALA K 49 6.82 -13.01 -26.85
CA ALA K 49 5.75 -12.79 -25.88
C ALA K 49 5.00 -11.49 -26.14
N GLN K 50 5.46 -10.66 -27.08
CA GLN K 50 4.82 -9.35 -27.29
C GLN K 50 3.33 -9.50 -27.54
N GLY K 51 2.95 -10.41 -28.44
CA GLY K 51 1.55 -10.52 -28.81
C GLY K 51 0.64 -10.75 -27.62
N ARG K 52 1.04 -11.64 -26.72
CA ARG K 52 0.24 -11.94 -25.55
C ARG K 52 0.43 -10.93 -24.41
N LEU K 53 1.43 -10.07 -24.49
CA LEU K 53 1.68 -9.10 -23.43
C LEU K 53 0.90 -7.81 -23.61
N PHE K 54 0.34 -7.56 -24.78
CA PHE K 54 -0.47 -6.37 -24.97
C PHE K 54 -1.86 -6.52 -24.34
N THR K 55 -2.38 -7.74 -24.28
CA THR K 55 -3.69 -7.93 -23.67
C THR K 55 -3.70 -7.50 -22.20
N PRO K 56 -2.77 -7.94 -21.35
CA PRO K 56 -2.76 -7.39 -19.98
C PRO K 56 -2.34 -5.93 -19.94
N PHE K 57 -1.30 -5.56 -20.70
CA PHE K 57 -0.83 -4.19 -20.69
C PHE K 57 -1.97 -3.21 -20.97
N PHE K 58 -2.71 -3.44 -22.05
CA PHE K 58 -3.83 -2.57 -22.37
C PHE K 58 -4.78 -2.48 -21.19
N ILE K 59 -5.10 -3.63 -20.58
CA ILE K 59 -6.01 -3.63 -19.44
C ILE K 59 -5.48 -2.67 -18.38
N THR K 60 -4.20 -2.79 -18.06
CA THR K 60 -3.58 -1.86 -17.12
C THR K 60 -3.74 -0.43 -17.62
N VAL K 61 -3.32 -0.18 -18.86
CA VAL K 61 -3.47 1.16 -19.42
C VAL K 61 -4.94 1.55 -19.46
N GLY K 62 -5.83 0.58 -19.59
CA GLY K 62 -7.25 0.90 -19.53
C GLY K 62 -7.67 1.37 -18.16
N LEU K 63 -7.16 0.74 -17.11
CA LEU K 63 -7.56 1.13 -15.76
C LEU K 63 -6.95 2.47 -15.37
N VAL K 64 -5.67 2.67 -15.66
CA VAL K 64 -5.00 3.92 -15.28
C VAL K 64 -5.62 5.09 -16.05
N GLU K 65 -5.50 5.07 -17.37
CA GLU K 65 -5.98 6.20 -18.18
C GLU K 65 -7.42 6.55 -17.83
N ALA K 66 -8.28 5.55 -17.68
CA ALA K 66 -9.67 5.82 -17.36
C ALA K 66 -9.78 6.75 -16.17
N ALA K 67 -9.11 6.41 -15.07
CA ALA K 67 -9.14 7.27 -13.89
C ALA K 67 -8.74 8.69 -14.28
N TYR K 68 -7.61 8.84 -14.97
CA TYR K 68 -7.17 10.15 -15.41
C TYR K 68 -8.30 10.86 -16.16
N PHE K 69 -8.88 10.17 -17.15
CA PHE K 69 -9.90 10.84 -17.94
C PHE K 69 -11.12 11.19 -17.10
N ILE K 70 -11.46 10.35 -16.13
CA ILE K 70 -12.54 10.71 -15.23
C ILE K 70 -12.24 12.05 -14.58
N ASN K 71 -11.02 12.19 -14.04
CA ASN K 71 -10.62 13.47 -13.48
C ASN K 71 -10.87 14.59 -14.48
N LEU K 72 -10.45 14.36 -15.73
CA LEU K 72 -10.62 15.38 -16.75
C LEU K 72 -12.06 15.87 -16.76
N ALA K 73 -13.01 14.94 -16.84
CA ALA K 73 -14.42 15.33 -16.88
C ALA K 73 -14.74 16.26 -15.72
N PHE K 74 -14.41 15.84 -14.50
CA PHE K 74 -14.77 16.64 -13.35
C PHE K 74 -14.08 18.00 -13.38
N MET K 75 -12.83 18.04 -13.86
CA MET K 75 -12.17 19.33 -13.97
C MET K 75 -12.97 20.26 -14.87
N ALA K 76 -13.45 19.75 -16.00
CA ALA K 76 -14.33 20.56 -16.83
C ALA K 76 -15.53 21.01 -16.02
N LEU K 77 -16.18 20.08 -15.32
CA LEU K 77 -17.30 20.44 -14.45
C LEU K 77 -16.87 21.52 -13.47
N PHE K 78 -15.65 21.44 -12.96
CA PHE K 78 -15.18 22.43 -11.99
C PHE K 78 -15.03 23.80 -12.63
N VAL K 79 -14.58 23.86 -13.88
CA VAL K 79 -14.16 25.12 -14.49
C VAL K 79 -15.11 25.59 -15.58
N PHE K 80 -16.15 24.84 -15.89
CA PHE K 80 -17.11 25.24 -16.91
C PHE K 80 -18.54 25.30 -16.40
N ALA K 81 -18.96 24.36 -15.55
CA ALA K 81 -20.22 24.44 -14.83
C ALA K 81 -19.89 24.28 -13.35
N THR K 82 -19.51 25.38 -12.73
CA THR K 82 -18.98 25.31 -11.37
C THR K 82 -20.11 25.03 -10.39
N PRO K 83 -20.08 23.92 -9.65
CA PRO K 83 -21.11 23.70 -8.63
C PRO K 83 -21.10 24.80 -7.58
N GLY K 84 -22.28 25.20 -7.14
CA GLY K 84 -22.40 26.22 -6.12
C GLY K 84 -22.21 27.63 -6.62
N LEU K 85 -22.03 27.83 -7.92
CA LEU K 85 -21.89 29.18 -8.46
C LEU K 85 -23.24 29.89 -8.48
N GLN K 86 -23.18 31.22 -8.44
CA GLN K 86 -24.38 32.04 -8.53
C GLN K 86 -24.07 33.41 -9.10
N LEU L 3 -18.48 40.20 1.46
CA LEU L 3 -18.01 38.82 1.48
C LEU L 3 -19.12 37.88 1.95
N ASP L 4 -19.92 37.40 1.02
CA ASP L 4 -20.98 36.45 1.35
C ASP L 4 -20.34 35.17 1.89
N PRO L 5 -20.70 34.73 3.10
CA PRO L 5 -20.03 33.54 3.66
C PRO L 5 -20.16 32.32 2.77
N ASN L 6 -21.31 32.13 2.13
CA ASN L 6 -21.49 30.98 1.25
C ASN L 6 -20.43 30.95 0.16
N ALA L 7 -19.94 32.11 -0.28
CA ALA L 7 -18.89 32.14 -1.28
C ALA L 7 -17.62 31.48 -0.75
N ILE L 8 -17.22 31.83 0.47
CA ILE L 8 -16.03 31.23 1.07
C ILE L 8 -16.26 29.74 1.29
N ILE L 9 -17.46 29.36 1.74
CA ILE L 9 -17.76 27.95 1.95
C ILE L 9 -17.60 27.18 0.65
N THR L 10 -18.15 27.71 -0.44
CA THR L 10 -18.09 27.02 -1.71
C THR L 10 -16.66 26.95 -2.24
N ALA L 11 -15.89 28.03 -2.08
CA ALA L 11 -14.49 28.00 -2.51
C ALA L 11 -13.71 26.94 -1.76
N GLY L 12 -13.87 26.90 -0.43
CA GLY L 12 -13.18 25.89 0.35
C GLY L 12 -13.62 24.48 -0.02
N ALA L 13 -14.92 24.30 -0.27
CA ALA L 13 -15.41 22.98 -0.65
C ALA L 13 -14.85 22.56 -2.00
N LEU L 14 -14.77 23.49 -2.96
CA LEU L 14 -14.19 23.17 -4.25
C LEU L 14 -12.73 22.79 -4.12
N ILE L 15 -11.97 23.53 -3.29
CA ILE L 15 -10.57 23.18 -3.09
C ILE L 15 -10.44 21.81 -2.44
N GLY L 16 -11.28 21.53 -1.45
CA GLY L 16 -11.23 20.23 -0.80
C GLY L 16 -11.56 19.09 -1.74
N GLY L 17 -12.59 19.28 -2.57
CA GLY L 17 -12.93 18.25 -3.54
C GLY L 17 -11.82 18.05 -4.57
N GLY L 18 -11.19 19.15 -4.99
CA GLY L 18 -10.06 19.02 -5.88
C GLY L 18 -8.93 18.23 -5.26
N LEU L 19 -8.64 18.49 -3.98
CA LEU L 19 -7.63 17.71 -3.28
C LEU L 19 -8.02 16.25 -3.20
N ILE L 20 -9.29 15.97 -2.92
CA ILE L 20 -9.76 14.60 -2.79
C ILE L 20 -9.57 13.85 -4.11
N MET L 21 -9.97 14.46 -5.21
CA MET L 21 -9.77 13.85 -6.52
C MET L 21 -8.29 13.75 -6.89
N GLY L 22 -7.48 14.73 -6.53
CA GLY L 22 -6.05 14.61 -6.82
C GLY L 22 -5.45 13.41 -6.13
N GLY L 23 -5.71 13.27 -4.84
CA GLY L 23 -5.20 12.12 -4.10
C GLY L 23 -5.76 10.81 -4.63
N GLY L 24 -7.07 10.78 -4.92
CA GLY L 24 -7.67 9.56 -5.44
C GLY L 24 -7.09 9.16 -6.78
N ALA L 25 -6.90 10.12 -7.67
CA ALA L 25 -6.32 9.83 -8.98
C ALA L 25 -4.90 9.34 -8.85
N ILE L 26 -4.09 9.98 -8.00
CA ILE L 26 -2.72 9.53 -7.80
C ILE L 26 -2.70 8.09 -7.30
N GLY L 27 -3.47 7.84 -6.24
CA GLY L 27 -3.48 6.50 -5.66
C GLY L 27 -3.97 5.45 -6.65
N ALA L 28 -5.09 5.73 -7.32
CA ALA L 28 -5.65 4.76 -8.25
C ALA L 28 -4.69 4.51 -9.40
N GLY L 29 -4.15 5.57 -10.01
CA GLY L 29 -3.24 5.39 -11.13
C GLY L 29 -2.01 4.58 -10.75
N ILE L 30 -1.36 4.94 -9.64
CA ILE L 30 -0.12 4.28 -9.30
C ILE L 30 -0.39 2.84 -8.85
N GLY L 31 -1.44 2.62 -8.06
CA GLY L 31 -1.76 1.26 -7.64
C GLY L 31 -2.13 0.37 -8.81
N ASP L 32 -2.96 0.88 -9.72
CA ASP L 32 -3.31 0.10 -10.91
C ASP L 32 -2.08 -0.18 -11.76
N GLY L 33 -1.20 0.81 -11.91
CA GLY L 33 0.02 0.58 -12.67
C GLY L 33 0.89 -0.49 -12.05
N ILE L 34 1.04 -0.47 -10.73
CA ILE L 34 1.87 -1.46 -10.06
C ILE L 34 1.25 -2.86 -10.19
N ALA L 35 -0.06 -2.96 -9.97
CA ALA L 35 -0.72 -4.25 -10.12
C ALA L 35 -0.63 -4.75 -11.56
N GLY L 36 -0.76 -3.86 -12.52
CA GLY L 36 -0.61 -4.25 -13.91
C GLY L 36 0.81 -4.67 -14.24
N ASN L 37 1.81 -4.02 -13.63
CA ASN L 37 3.18 -4.48 -13.79
C ASN L 37 3.32 -5.91 -13.31
N ALA L 38 2.77 -6.20 -12.14
CA ALA L 38 2.83 -7.57 -11.61
C ALA L 38 2.11 -8.53 -12.55
N LEU L 39 0.94 -8.15 -13.06
CA LEU L 39 0.19 -9.02 -13.94
C LEU L 39 0.96 -9.30 -15.24
N ILE L 40 1.55 -8.26 -15.81
CA ILE L 40 2.31 -8.42 -17.06
C ILE L 40 3.51 -9.31 -16.82
N SER L 41 4.23 -9.09 -15.72
CA SER L 41 5.39 -9.93 -15.42
C SER L 41 4.97 -11.39 -15.21
N GLY L 42 3.86 -11.61 -14.52
CA GLY L 42 3.40 -12.97 -14.31
C GLY L 42 2.99 -13.65 -15.60
N ILE L 43 2.27 -12.93 -16.47
CA ILE L 43 1.86 -13.52 -17.73
C ILE L 43 3.06 -13.80 -18.61
N ALA L 44 4.07 -12.93 -18.57
CA ALA L 44 5.30 -13.20 -19.31
C ALA L 44 6.00 -14.45 -18.76
N ARG L 45 6.08 -14.57 -17.44
CA ARG L 45 6.78 -15.70 -16.85
C ARG L 45 6.02 -17.01 -17.06
N GLN L 46 4.71 -17.00 -16.77
CA GLN L 46 3.89 -18.21 -16.83
C GLN L 46 2.62 -17.89 -17.62
N PRO L 47 2.68 -17.97 -18.95
CA PRO L 47 1.49 -17.64 -19.74
C PRO L 47 0.28 -18.49 -19.40
N GLU L 48 0.48 -19.76 -19.04
CA GLU L 48 -0.65 -20.64 -18.76
C GLU L 48 -1.32 -20.31 -17.44
N ALA L 49 -0.65 -19.58 -16.56
CA ALA L 49 -1.24 -19.13 -15.31
C ALA L 49 -2.05 -17.85 -15.48
N GLN L 50 -2.11 -17.31 -16.70
CA GLN L 50 -2.83 -16.07 -16.96
C GLN L 50 -4.20 -16.07 -16.29
N GLY L 51 -5.05 -17.03 -16.64
CA GLY L 51 -6.39 -17.09 -16.11
C GLY L 51 -6.47 -16.86 -14.62
N ARG L 52 -5.90 -17.76 -13.83
CA ARG L 52 -5.99 -17.63 -12.39
C ARG L 52 -5.26 -16.38 -11.89
N LEU L 53 -4.27 -15.89 -12.62
CA LEU L 53 -3.61 -14.66 -12.23
C LEU L 53 -4.57 -13.49 -12.19
N PHE L 54 -5.68 -13.56 -12.94
CA PHE L 54 -6.67 -12.49 -12.88
C PHE L 54 -7.42 -12.48 -11.56
N THR L 55 -7.46 -13.59 -10.84
CA THR L 55 -8.16 -13.62 -9.55
C THR L 55 -7.56 -12.64 -8.55
N PRO L 56 -6.24 -12.66 -8.30
CA PRO L 56 -5.69 -11.65 -7.39
C PRO L 56 -5.69 -10.25 -7.99
N PHE L 57 -5.33 -10.12 -9.26
CA PHE L 57 -5.23 -8.80 -9.87
C PHE L 57 -6.51 -8.01 -9.68
N PHE L 58 -7.65 -8.59 -10.07
CA PHE L 58 -8.92 -7.89 -9.90
C PHE L 58 -9.17 -7.57 -8.44
N ILE L 59 -8.84 -8.50 -7.54
CA ILE L 59 -8.99 -8.21 -6.12
C ILE L 59 -8.22 -6.95 -5.77
N THR L 60 -6.95 -6.88 -6.22
CA THR L 60 -6.19 -5.65 -6.03
C THR L 60 -6.89 -4.47 -6.67
N VAL L 61 -7.32 -4.63 -7.93
CA VAL L 61 -8.03 -3.55 -8.59
C VAL L 61 -9.34 -3.26 -7.86
N GLY L 62 -9.90 -4.27 -7.19
CA GLY L 62 -11.07 -4.01 -6.38
C GLY L 62 -10.76 -3.16 -5.17
N LEU L 63 -9.62 -3.40 -4.53
CA LEU L 63 -9.26 -2.66 -3.33
C LEU L 63 -8.69 -1.29 -3.62
N VAL L 64 -8.27 -1.04 -4.86
CA VAL L 64 -7.73 0.26 -5.24
C VAL L 64 -8.87 1.13 -5.77
N GLU L 65 -9.48 0.69 -6.87
CA GLU L 65 -10.55 1.47 -7.49
C GLU L 65 -11.60 1.87 -6.47
N ALA L 66 -11.99 0.94 -5.60
CA ALA L 66 -12.94 1.26 -4.54
C ALA L 66 -12.59 2.59 -3.88
N ALA L 67 -11.39 2.67 -3.30
CA ALA L 67 -10.98 3.89 -2.63
C ALA L 67 -11.18 5.09 -3.54
N TYR L 68 -10.69 5.00 -4.77
CA TYR L 68 -10.89 6.08 -5.73
C TYR L 68 -12.36 6.50 -5.75
N PHE L 69 -13.26 5.57 -6.04
CA PHE L 69 -14.66 5.93 -6.15
C PHE L 69 -15.22 6.43 -4.82
N ILE L 70 -14.71 5.90 -3.70
CA ILE L 70 -15.12 6.45 -2.41
C ILE L 70 -14.79 7.94 -2.36
N ASN L 71 -13.55 8.28 -2.72
CA ASN L 71 -13.20 9.70 -2.82
C ASN L 71 -14.20 10.41 -3.73
N LEU L 72 -14.52 9.82 -4.88
CA LEU L 72 -15.51 10.41 -5.76
C LEU L 72 -16.79 10.73 -4.99
N ALA L 73 -17.31 9.74 -4.26
CA ALA L 73 -18.55 9.95 -3.53
C ALA L 73 -18.42 11.12 -2.58
N PHE L 74 -17.26 11.29 -1.96
CA PHE L 74 -17.07 12.38 -1.01
C PHE L 74 -16.74 13.70 -1.69
N MET L 75 -16.19 13.67 -2.91
CA MET L 75 -15.98 14.93 -3.63
C MET L 75 -17.31 15.53 -4.07
N ALA L 76 -18.16 14.71 -4.69
CA ALA L 76 -19.48 15.20 -5.10
C ALA L 76 -20.19 15.84 -3.92
N LEU L 77 -20.25 15.12 -2.80
CA LEU L 77 -20.76 15.70 -1.57
C LEU L 77 -20.21 17.11 -1.37
N PHE L 78 -18.88 17.21 -1.29
CA PHE L 78 -18.24 18.50 -1.01
C PHE L 78 -18.76 19.57 -1.95
N VAL L 79 -18.94 19.23 -3.23
CA VAL L 79 -19.30 20.22 -4.24
C VAL L 79 -20.78 20.19 -4.60
N PHE L 80 -21.57 19.33 -3.95
CA PHE L 80 -23.00 19.27 -4.24
C PHE L 80 -23.84 19.38 -2.98
N ALA L 81 -23.40 18.78 -1.87
CA ALA L 81 -24.02 18.96 -0.56
C ALA L 81 -22.89 19.30 0.41
N THR L 82 -22.55 20.58 0.45
CA THR L 82 -21.40 21.01 1.22
C THR L 82 -21.72 20.99 2.71
N PRO L 83 -21.02 20.21 3.53
CA PRO L 83 -21.26 20.25 4.97
C PRO L 83 -21.02 21.64 5.52
N GLY L 84 -21.86 22.06 6.44
CA GLY L 84 -21.73 23.37 7.05
C GLY L 84 -22.13 24.52 6.15
N LEU L 85 -22.75 24.24 5.01
CA LEU L 85 -23.17 25.31 4.11
C LEU L 85 -24.29 26.14 4.73
N GLN L 86 -24.27 27.43 4.45
CA GLN L 86 -25.25 28.36 5.01
C GLN L 86 -26.13 28.93 3.91
N ALA M 10 -28.67 17.70 2.69
CA ALA M 10 -29.02 16.95 3.89
C ALA M 10 -28.54 15.51 3.79
N ILE M 11 -27.56 15.17 4.63
CA ILE M 11 -27.01 13.82 4.66
C ILE M 11 -27.22 13.21 6.05
N HIS M 12 -27.29 14.06 7.07
CA HIS M 12 -27.55 13.62 8.43
C HIS M 12 -26.53 12.59 8.89
N VAL M 13 -25.26 13.02 8.97
CA VAL M 13 -24.24 12.16 9.56
C VAL M 13 -24.46 12.09 11.06
N GLY M 14 -24.19 10.91 11.63
CA GLY M 14 -24.53 10.70 13.03
C GLY M 14 -26.03 10.67 13.21
N HIS M 15 -26.53 11.44 14.16
CA HIS M 15 -27.96 11.54 14.43
C HIS M 15 -28.55 10.16 14.75
N HIS M 16 -28.06 9.56 15.81
CA HIS M 16 -28.58 8.27 16.24
C HIS M 16 -30.04 8.42 16.69
N THR M 17 -30.87 7.48 16.28
CA THR M 17 -32.27 7.47 16.67
C THR M 17 -32.48 6.52 17.85
N LEU M 18 -33.70 6.54 18.39
CA LEU M 18 -34.08 5.70 19.52
C LEU M 18 -33.23 5.97 20.75
N VAL M 19 -32.60 7.14 20.82
CA VAL M 19 -31.73 7.46 21.94
C VAL M 19 -32.56 7.53 23.21
N PHE M 20 -32.00 7.02 24.31
CA PHE M 20 -32.68 7.06 25.59
C PHE M 20 -31.68 7.24 26.72
N GLU M 21 -32.13 7.83 27.82
CA GLU M 21 -31.30 8.06 28.99
C GLU M 21 -31.53 6.94 30.01
N LEU M 22 -30.48 6.65 30.78
CA LEU M 22 -30.57 5.65 31.84
C LEU M 22 -29.36 5.79 32.75
N PHE M 23 -29.60 5.87 34.05
CA PHE M 23 -28.54 6.01 35.04
C PHE M 23 -27.59 7.16 34.67
N GLY M 24 -28.17 8.26 34.23
CA GLY M 24 -27.37 9.42 33.85
C GLY M 24 -26.40 9.13 32.73
N MET M 25 -26.80 8.31 31.76
CA MET M 25 -25.97 8.01 30.60
C MET M 25 -26.87 7.85 29.39
N THR M 26 -26.41 8.34 28.24
CA THR M 26 -27.15 8.23 27.00
C THR M 26 -26.84 6.91 26.31
N PHE M 27 -27.84 6.38 25.62
CA PHE M 27 -27.71 5.13 24.88
C PHE M 27 -28.35 5.31 23.52
N ASN M 28 -27.61 4.94 22.47
CA ASN M 28 -28.10 5.04 21.10
C ASN M 28 -28.94 3.80 20.81
N GLY M 29 -30.26 3.96 20.86
CA GLY M 29 -31.13 2.80 20.75
C GLY M 29 -30.96 2.05 19.44
N ASP M 30 -30.69 2.77 18.35
CA ASP M 30 -30.55 2.12 17.06
C ASP M 30 -29.38 1.14 17.05
N THR M 31 -28.24 1.55 17.59
CA THR M 31 -27.08 0.66 17.61
C THR M 31 -27.29 -0.50 18.56
N ILE M 32 -27.95 -0.27 19.69
CA ILE M 32 -28.27 -1.37 20.60
C ILE M 32 -29.17 -2.38 19.90
N LEU M 33 -30.17 -1.89 19.17
CA LEU M 33 -31.07 -2.79 18.45
C LEU M 33 -30.34 -3.58 17.38
N ALA M 34 -29.45 -2.91 16.63
CA ALA M 34 -28.68 -3.61 15.60
C ALA M 34 -27.80 -4.69 16.21
N THR M 35 -27.12 -4.35 17.31
CA THR M 35 -26.25 -5.33 17.98
C THR M 35 -27.07 -6.49 18.52
N ALA M 36 -28.26 -6.20 19.06
CA ALA M 36 -29.12 -7.26 19.57
C ALA M 36 -29.59 -8.17 18.44
N VAL M 37 -29.93 -7.60 17.30
CA VAL M 37 -30.35 -8.43 16.16
C VAL M 37 -29.19 -9.31 15.71
N THR M 38 -27.99 -8.75 15.61
CA THR M 38 -26.84 -9.55 15.22
C THR M 38 -26.58 -10.67 16.23
N ALA M 39 -26.68 -10.36 17.52
CA ALA M 39 -26.46 -11.37 18.54
C ALA M 39 -27.52 -12.46 18.48
N VAL M 40 -28.77 -12.08 18.21
CA VAL M 40 -29.83 -13.07 18.08
C VAL M 40 -29.55 -13.98 16.89
N ILE M 41 -29.11 -13.41 15.76
CA ILE M 41 -28.79 -14.23 14.60
C ILE M 41 -27.66 -15.20 14.93
N VAL M 42 -26.61 -14.71 15.59
CA VAL M 42 -25.46 -15.55 15.90
C VAL M 42 -25.87 -16.67 16.85
N ILE M 43 -26.67 -16.34 17.88
CA ILE M 43 -27.08 -17.35 18.84
C ILE M 43 -28.01 -18.37 18.20
N ALA M 44 -28.89 -17.91 17.30
CA ALA M 44 -29.75 -18.84 16.58
C ALA M 44 -28.92 -19.80 15.74
N LEU M 45 -27.90 -19.29 15.04
CA LEU M 45 -27.02 -20.17 14.30
C LEU M 45 -26.32 -21.16 15.21
N ALA M 46 -25.82 -20.68 16.36
CA ALA M 46 -25.12 -21.55 17.28
C ALA M 46 -26.01 -22.67 17.79
N PHE M 47 -27.24 -22.34 18.16
CA PHE M 47 -28.15 -23.36 18.69
C PHE M 47 -28.62 -24.30 17.59
N TYR M 48 -28.88 -23.77 16.39
CA TYR M 48 -29.21 -24.62 15.26
C TYR M 48 -28.08 -25.61 14.98
N LEU M 49 -26.84 -25.20 15.21
CA LEU M 49 -25.72 -26.15 15.14
C LEU M 49 -25.80 -27.16 16.27
N ARG M 50 -26.02 -26.69 17.50
CA ARG M 50 -26.02 -27.59 18.65
C ARG M 50 -27.06 -28.69 18.50
N ALA M 51 -28.12 -28.44 17.73
CA ALA M 51 -29.15 -29.44 17.47
C ALA M 51 -28.85 -30.26 16.21
N LYS M 52 -27.73 -30.02 15.54
CA LYS M 52 -27.43 -30.72 14.31
C LYS M 52 -25.97 -31.20 14.24
N VAL M 53 -25.19 -31.06 15.31
CA VAL M 53 -23.82 -31.55 15.29
C VAL M 53 -23.83 -33.07 15.15
N THR M 54 -23.11 -33.57 14.16
CA THR M 54 -23.03 -35.01 13.91
C THR M 54 -21.60 -35.35 13.49
N SER M 55 -20.92 -36.15 14.30
CA SER M 55 -19.61 -36.66 13.94
C SER M 55 -19.67 -37.96 13.14
N THR M 56 -20.87 -38.51 12.94
CA THR M 56 -21.03 -39.78 12.25
C THR M 56 -21.80 -39.67 10.93
N GLY M 57 -22.54 -38.59 10.71
CA GLY M 57 -23.27 -38.37 9.48
C GLY M 57 -22.70 -37.24 8.66
N VAL M 58 -23.36 -36.98 7.53
CA VAL M 58 -22.98 -35.89 6.64
C VAL M 58 -23.31 -34.58 7.34
N PRO M 59 -22.35 -33.68 7.53
CA PRO M 59 -22.65 -32.44 8.26
C PRO M 59 -23.58 -31.55 7.48
N SER M 60 -24.38 -30.77 8.21
CA SER M 60 -25.25 -29.79 7.59
C SER M 60 -24.46 -28.56 7.19
N GLY M 61 -25.08 -27.71 6.38
CA GLY M 61 -24.42 -26.50 5.93
C GLY M 61 -23.96 -25.62 7.08
N VAL M 62 -24.79 -25.51 8.12
CA VAL M 62 -24.43 -24.70 9.27
C VAL M 62 -23.21 -25.30 9.97
N GLN M 63 -23.19 -26.62 10.13
CA GLN M 63 -22.02 -27.26 10.71
C GLN M 63 -20.79 -27.05 9.85
N LEU M 64 -20.94 -27.13 8.53
CA LEU M 64 -19.81 -26.88 7.64
C LEU M 64 -19.26 -25.47 7.83
N PHE M 65 -20.15 -24.48 7.91
CA PHE M 65 -19.70 -23.09 8.09
C PHE M 65 -18.99 -22.93 9.44
N TRP M 66 -19.60 -23.44 10.51
CA TRP M 66 -18.99 -23.27 11.82
C TRP M 66 -17.64 -23.97 11.90
N GLU M 67 -17.55 -25.18 11.34
CA GLU M 67 -16.29 -25.91 11.41
C GLU M 67 -15.24 -25.30 10.49
N ALA M 68 -15.65 -24.69 9.38
CA ALA M 68 -14.70 -23.96 8.55
C ALA M 68 -14.11 -22.78 9.31
N LEU M 69 -14.98 -22.03 10.00
CA LEU M 69 -14.47 -20.92 10.81
C LEU M 69 -13.52 -21.42 11.89
N THR M 70 -13.92 -22.48 12.59
CA THR M 70 -13.09 -23.01 13.66
C THR M 70 -11.75 -23.50 13.12
N ILE M 71 -11.77 -24.17 11.97
CA ILE M 71 -10.53 -24.69 11.39
C ILE M 71 -9.62 -23.55 11.00
N GLN M 72 -10.17 -22.52 10.36
CA GLN M 72 -9.34 -21.37 9.96
C GLN M 72 -8.71 -20.71 11.17
N MET M 73 -9.50 -20.48 12.23
CA MET M 73 -8.97 -19.77 13.38
C MET M 73 -7.96 -20.65 14.14
N ARG M 74 -8.23 -21.95 14.22
CA ARG M 74 -7.27 -22.85 14.85
C ARG M 74 -5.97 -22.90 14.07
N GLN M 75 -6.05 -22.90 12.74
CA GLN M 75 -4.84 -22.87 11.92
C GLN M 75 -4.05 -21.59 12.18
N GLN M 76 -4.74 -20.45 12.25
CA GLN M 76 -4.04 -19.19 12.53
C GLN M 76 -3.36 -19.25 13.89
N ILE M 77 -4.06 -19.74 14.91
CA ILE M 77 -3.46 -19.84 16.24
C ILE M 77 -2.25 -20.75 16.20
N GLU M 78 -2.37 -21.93 15.60
CA GLU M 78 -1.24 -22.86 15.50
C GLU M 78 -0.05 -22.19 14.83
N GLY M 79 -0.30 -21.44 13.75
CA GLY M 79 0.77 -20.73 13.11
C GLY M 79 1.43 -19.73 14.04
N SER M 80 0.63 -19.05 14.87
CA SER M 80 1.15 -17.99 15.70
C SER M 80 1.60 -18.50 17.08
N ILE M 81 0.70 -19.18 17.79
CA ILE M 81 0.98 -19.63 19.15
C ILE M 81 0.23 -20.92 19.40
N GLY M 82 0.84 -21.82 20.17
CA GLY M 82 0.26 -23.14 20.36
C GLY M 82 -1.15 -23.06 20.92
N MET M 83 -2.02 -23.94 20.43
CA MET M 83 -3.39 -24.00 20.94
C MET M 83 -3.41 -24.35 22.42
N LYS M 84 -2.59 -25.33 22.82
CA LYS M 84 -2.50 -25.66 24.24
C LYS M 84 -1.99 -24.48 25.04
N ILE M 85 -1.17 -23.63 24.41
CA ILE M 85 -0.67 -22.44 25.09
C ILE M 85 -1.79 -21.42 25.27
N ALA M 86 -2.62 -21.23 24.25
CA ALA M 86 -3.70 -20.24 24.27
C ALA M 86 -4.99 -20.85 23.73
N PRO M 87 -5.59 -21.79 24.46
CA PRO M 87 -6.86 -22.34 24.00
C PRO M 87 -7.98 -21.31 23.92
N PHE M 88 -7.97 -20.32 24.81
CA PHE M 88 -9.10 -19.39 24.91
C PHE M 88 -9.16 -18.46 23.71
N VAL M 89 -8.08 -18.33 22.96
CA VAL M 89 -8.06 -17.36 21.86
C VAL M 89 -8.99 -17.80 20.74
N LEU M 90 -9.18 -19.10 20.58
CA LEU M 90 -10.00 -19.62 19.48
C LEU M 90 -11.45 -19.16 19.59
N PRO M 91 -12.11 -19.36 20.73
CA PRO M 91 -13.50 -18.86 20.84
C PRO M 91 -13.60 -17.37 20.65
N LEU M 92 -12.66 -16.60 21.19
CA LEU M 92 -12.70 -15.15 21.03
C LEU M 92 -12.58 -14.76 19.57
N SER M 93 -11.64 -15.38 18.85
CA SER M 93 -11.45 -15.05 17.44
C SER M 93 -12.70 -15.41 16.63
N VAL M 94 -13.24 -16.61 16.85
CA VAL M 94 -14.39 -17.03 16.04
C VAL M 94 -15.61 -16.16 16.35
N THR M 95 -15.84 -15.84 17.62
CA THR M 95 -16.99 -15.00 17.95
C THR M 95 -16.82 -13.60 17.39
N ILE M 96 -15.62 -13.04 17.46
CA ILE M 96 -15.39 -11.72 16.87
C ILE M 96 -15.67 -11.77 15.38
N PHE M 97 -15.14 -12.78 14.71
CA PHE M 97 -15.33 -12.89 13.26
C PHE M 97 -16.81 -12.96 12.91
N VAL M 98 -17.54 -13.87 13.56
CA VAL M 98 -18.95 -14.04 13.20
C VAL M 98 -19.75 -12.80 13.55
N PHE M 99 -19.47 -12.20 14.71
CA PHE M 99 -20.20 -11.00 15.11
C PHE M 99 -20.02 -9.89 14.09
N ILE M 100 -18.76 -9.57 13.75
CA ILE M 100 -18.52 -8.48 12.81
C ILE M 100 -19.09 -8.81 11.44
N LEU M 101 -18.92 -10.06 10.99
CA LEU M 101 -19.40 -10.43 9.67
C LEU M 101 -20.91 -10.28 9.57
N ILE M 102 -21.65 -10.79 10.57
CA ILE M 102 -23.09 -10.67 10.54
C ILE M 102 -23.52 -9.21 10.64
N SER M 103 -22.88 -8.45 11.52
CA SER M 103 -23.23 -7.04 11.66
C SER M 103 -23.07 -6.30 10.34
N ASN M 104 -21.97 -6.57 9.63
CA ASN M 104 -21.72 -5.87 8.37
C ASN M 104 -22.66 -6.36 7.27
N TRP M 105 -22.90 -7.67 7.19
CA TRP M 105 -23.69 -8.22 6.11
C TRP M 105 -25.19 -7.98 6.26
N LEU M 106 -25.66 -7.72 7.48
CA LEU M 106 -27.08 -7.42 7.65
C LEU M 106 -27.47 -6.10 6.99
N ALA M 107 -26.51 -5.27 6.61
CA ALA M 107 -26.81 -4.00 5.95
C ALA M 107 -27.20 -4.19 4.49
N VAL M 108 -26.92 -5.35 3.89
CA VAL M 108 -27.26 -5.57 2.50
C VAL M 108 -28.78 -5.59 2.32
N LEU M 109 -29.52 -5.94 3.36
CA LEU M 109 -30.96 -6.05 3.24
C LEU M 109 -31.58 -4.68 2.96
N PRO M 110 -32.71 -4.63 2.26
CA PRO M 110 -33.33 -3.33 1.91
C PRO M 110 -34.15 -2.71 3.04
N LEU M 111 -33.43 -2.12 3.99
CA LEU M 111 -34.04 -1.45 5.14
C LEU M 111 -33.95 0.06 5.05
N GLN M 112 -33.52 0.60 3.90
CA GLN M 112 -33.37 2.03 3.72
C GLN M 112 -34.62 2.61 3.07
N TYR M 113 -35.06 3.76 3.57
CA TYR M 113 -36.27 4.40 3.08
C TYR M 113 -36.07 5.92 3.16
N GLY M 114 -37.12 6.65 2.80
CA GLY M 114 -37.09 8.10 2.84
C GLY M 114 -37.85 8.63 4.05
N GLY M 115 -37.23 9.58 4.74
CA GLY M 115 -37.78 10.10 5.97
C GLY M 115 -38.72 11.28 5.78
N ALA M 116 -39.19 11.48 4.54
CA ALA M 116 -40.10 12.52 4.11
C ALA M 116 -39.42 13.88 4.01
N ASP M 117 -38.16 14.01 4.43
CA ASP M 117 -37.41 15.24 4.28
C ASP M 117 -36.41 15.18 3.13
N GLY M 118 -36.45 14.11 2.33
CA GLY M 118 -35.51 13.92 1.26
C GLY M 118 -34.20 13.28 1.68
N ALA M 119 -34.01 13.00 2.96
CA ALA M 119 -32.79 12.39 3.47
C ALA M 119 -33.07 10.93 3.81
N ALA M 120 -32.19 10.04 3.36
CA ALA M 120 -32.39 8.62 3.58
C ALA M 120 -32.28 8.28 5.07
N ALA M 121 -33.07 7.30 5.49
CA ALA M 121 -33.03 6.78 6.85
C ALA M 121 -33.01 5.26 6.77
N GLU M 122 -32.13 4.64 7.55
CA GLU M 122 -31.97 3.19 7.53
C GLU M 122 -32.67 2.59 8.75
N LEU M 123 -33.57 1.64 8.51
CA LEU M 123 -34.19 0.93 9.62
C LEU M 123 -33.14 0.13 10.40
N TYR M 124 -32.21 -0.48 9.69
CA TYR M 124 -31.06 -1.15 10.30
C TYR M 124 -29.79 -0.50 9.78
N LYS M 125 -28.93 -0.08 10.70
CA LYS M 125 -27.63 0.48 10.37
C LYS M 125 -26.55 -0.36 11.02
N ALA M 126 -25.49 -0.63 10.28
CA ALA M 126 -24.43 -1.50 10.78
C ALA M 126 -23.88 -0.95 12.09
N PRO M 127 -23.90 -1.73 13.18
CA PRO M 127 -23.45 -1.17 14.47
C PRO M 127 -22.01 -0.69 14.45
N ALA M 128 -21.16 -1.27 13.61
CA ALA M 128 -19.76 -0.86 13.55
C ALA M 128 -19.60 0.56 13.04
N SER M 129 -20.64 1.16 12.47
CA SER M 129 -20.61 2.57 12.12
C SER M 129 -20.79 3.48 13.34
N ASP M 130 -20.85 2.91 14.54
CA ASP M 130 -20.95 3.66 15.78
C ASP M 130 -19.68 3.45 16.59
N ILE M 131 -19.10 4.56 17.07
CA ILE M 131 -17.83 4.48 17.76
C ILE M 131 -17.92 3.57 18.99
N ASN M 132 -19.09 3.52 19.62
CA ASN M 132 -19.22 2.72 20.84
C ASN M 132 -19.00 1.23 20.55
N PHE M 133 -19.57 0.72 19.45
CA PHE M 133 -19.44 -0.69 19.14
C PHE M 133 -17.97 -1.07 18.89
N VAL M 134 -17.31 -0.34 17.99
CA VAL M 134 -15.92 -0.63 17.66
C VAL M 134 -15.04 -0.47 18.89
N LEU M 135 -15.29 0.57 19.69
CA LEU M 135 -14.51 0.77 20.89
C LEU M 135 -14.71 -0.39 21.87
N ALA M 136 -15.95 -0.86 22.02
CA ALA M 136 -16.20 -2.00 22.89
C ALA M 136 -15.37 -3.20 22.46
N LEU M 137 -15.47 -3.57 21.18
CA LEU M 137 -14.73 -4.75 20.71
C LEU M 137 -13.23 -4.55 20.87
N ALA M 138 -12.72 -3.39 20.44
CA ALA M 138 -11.28 -3.16 20.45
C ALA M 138 -10.73 -3.13 21.88
N LEU M 139 -11.40 -2.43 22.79
CA LEU M 139 -10.92 -2.35 24.16
C LEU M 139 -11.06 -3.68 24.88
N PHE M 140 -12.12 -4.45 24.59
CA PHE M 140 -12.22 -5.77 25.18
C PHE M 140 -11.06 -6.64 24.73
N VAL M 141 -10.73 -6.63 23.43
CA VAL M 141 -9.59 -7.40 22.96
C VAL M 141 -8.30 -6.89 23.59
N PHE M 142 -8.19 -5.57 23.74
CA PHE M 142 -7.00 -4.97 24.35
C PHE M 142 -6.78 -5.51 25.75
N VAL M 143 -7.82 -5.40 26.59
CA VAL M 143 -7.72 -5.90 27.95
C VAL M 143 -7.47 -7.40 27.94
N CYS M 144 -8.10 -8.12 27.02
CA CYS M 144 -7.94 -9.57 27.00
C CYS M 144 -6.49 -9.96 26.76
N TYR M 145 -5.86 -9.44 25.70
CA TYR M 145 -4.51 -9.93 25.45
C TYR M 145 -3.51 -9.32 26.42
N HIS M 146 -3.79 -8.15 26.99
CA HIS M 146 -2.88 -7.65 28.02
C HIS M 146 -2.98 -8.49 29.29
N ALA M 147 -4.18 -8.93 29.67
CA ALA M 147 -4.31 -9.83 30.80
C ALA M 147 -3.68 -11.18 30.51
N ALA M 148 -3.81 -11.67 29.28
CA ALA M 148 -3.15 -12.90 28.91
C ALA M 148 -1.64 -12.77 29.00
N GLY M 149 -1.10 -11.62 28.58
CA GLY M 149 0.33 -11.39 28.74
C GLY M 149 0.74 -11.30 30.20
N ILE M 150 -0.11 -10.70 31.04
CA ILE M 150 0.16 -10.67 32.47
C ILE M 150 0.26 -12.09 33.01
N TRP M 151 -0.70 -12.93 32.65
CA TRP M 151 -0.70 -14.32 33.13
C TRP M 151 0.51 -15.08 32.62
N ARG M 152 0.87 -14.85 31.35
CA ARG M 152 1.95 -15.63 30.75
C ARG M 152 3.31 -15.22 31.30
N ARG M 153 3.60 -13.92 31.32
CA ARG M 153 4.89 -13.41 31.73
C ARG M 153 4.90 -12.84 33.15
N GLY M 154 3.79 -12.95 33.88
CA GLY M 154 3.71 -12.43 35.23
C GLY M 154 3.29 -10.98 35.26
N ILE M 155 2.87 -10.54 36.45
CA ILE M 155 2.40 -9.16 36.61
C ILE M 155 3.52 -8.17 36.31
N VAL M 156 4.72 -8.45 36.80
CA VAL M 156 5.83 -7.51 36.63
C VAL M 156 6.49 -7.70 35.27
N GLY M 157 6.66 -8.95 34.85
CA GLY M 157 7.39 -9.21 33.62
C GLY M 157 6.69 -8.64 32.39
N HIS M 158 5.37 -8.74 32.34
CA HIS M 158 4.64 -8.35 31.14
C HIS M 158 4.85 -6.88 30.78
N PRO M 159 4.59 -5.92 31.65
CA PRO M 159 4.88 -4.52 31.30
C PRO M 159 6.33 -4.30 30.93
N ILE M 160 7.25 -4.96 31.64
CA ILE M 160 8.67 -4.83 31.33
C ILE M 160 8.94 -5.29 29.91
N LYS M 161 8.39 -6.43 29.53
CA LYS M 161 8.62 -6.98 28.20
C LYS M 161 7.97 -6.16 27.10
N VAL M 162 6.76 -5.65 27.30
CA VAL M 162 6.13 -4.83 26.27
C VAL M 162 6.86 -3.50 26.11
N VAL M 163 7.31 -2.90 27.23
CA VAL M 163 8.08 -1.66 27.12
C VAL M 163 9.40 -1.92 26.40
N LYS M 164 10.10 -2.99 26.77
CA LYS M 164 11.34 -3.32 26.09
C LYS M 164 11.07 -3.75 24.64
N GLY M 165 10.05 -4.56 24.43
CA GLY M 165 9.77 -5.02 23.09
C GLY M 165 10.83 -5.98 22.60
N HIS M 166 10.83 -6.20 21.28
CA HIS M 166 11.82 -7.09 20.68
C HIS M 166 13.23 -6.53 20.84
N VAL M 167 13.39 -5.22 20.71
CA VAL M 167 14.65 -4.53 20.93
C VAL M 167 14.43 -3.47 22.00
N ALA M 168 15.23 -3.52 23.06
CA ALA M 168 14.95 -2.70 24.23
C ALA M 168 15.12 -1.22 23.94
N PHE M 169 16.16 -0.83 23.19
CA PHE M 169 16.48 0.57 23.05
C PHE M 169 15.41 1.36 22.31
N LEU M 170 14.46 0.69 21.66
CA LEU M 170 13.30 1.34 21.05
C LEU M 170 12.09 1.36 21.97
N ALA M 171 12.32 1.41 23.29
CA ALA M 171 11.20 1.39 24.23
C ALA M 171 10.20 2.51 23.98
N PRO M 172 10.59 3.76 23.71
CA PRO M 172 9.59 4.80 23.43
C PRO M 172 8.63 4.39 22.34
N ILE M 173 9.18 4.05 21.17
CA ILE M 173 8.35 3.63 20.04
C ILE M 173 7.45 2.49 20.46
N ASN M 174 8.02 1.50 21.14
CA ASN M 174 7.24 0.36 21.59
C ASN M 174 6.01 0.83 22.35
N ILE M 175 6.18 1.78 23.27
CA ILE M 175 5.03 2.27 24.03
C ILE M 175 3.96 2.79 23.07
N VAL M 176 4.37 3.65 22.13
CA VAL M 176 3.41 4.16 21.15
C VAL M 176 2.76 2.99 20.43
N GLU M 177 3.57 2.01 20.02
CA GLU M 177 3.01 0.85 19.33
C GLU M 177 1.93 0.19 20.17
N GLU M 178 2.17 0.02 21.47
CA GLU M 178 1.18 -0.63 22.32
C GLU M 178 -0.08 0.20 22.43
N LEU M 179 0.03 1.52 22.36
CA LEU M 179 -1.16 2.36 22.33
C LEU M 179 -1.81 2.34 20.95
N ALA M 180 -1.03 2.09 19.89
CA ALA M 180 -1.59 2.10 18.55
C ALA M 180 -2.42 0.85 18.26
N LYS M 181 -2.13 -0.25 18.95
CA LYS M 181 -2.83 -1.49 18.68
C LYS M 181 -4.33 -1.38 18.87
N PRO M 182 -4.84 -0.91 20.01
CA PRO M 182 -6.30 -0.84 20.18
C PRO M 182 -6.94 0.16 19.24
N ILE M 183 -6.41 1.37 19.19
CA ILE M 183 -7.01 2.41 18.37
C ILE M 183 -7.11 1.96 16.92
N SER M 184 -5.99 1.48 16.37
CA SER M 184 -6.00 1.00 14.99
C SER M 184 -7.03 -0.10 14.80
N LEU M 185 -7.20 -0.95 15.81
CA LEU M 185 -8.21 -2.00 15.72
C LEU M 185 -9.61 -1.41 15.58
N ALA M 186 -9.90 -0.36 16.35
CA ALA M 186 -11.23 0.19 16.34
C ALA M 186 -11.47 1.07 15.12
N LEU M 187 -10.72 2.17 15.02
CA LEU M 187 -11.00 3.18 14.00
C LEU M 187 -11.09 2.55 12.62
N ARG M 188 -10.10 1.72 12.27
CA ARG M 188 -10.13 1.03 10.99
C ARG M 188 -11.53 0.49 10.73
N LEU M 189 -11.98 -0.44 11.57
CA LEU M 189 -13.30 -1.03 11.37
C LEU M 189 -14.34 0.06 11.25
N PHE M 190 -14.36 0.99 12.20
CA PHE M 190 -15.30 2.11 12.15
C PHE M 190 -15.34 2.70 10.75
N GLY M 191 -14.19 3.19 10.28
CA GLY M 191 -14.15 3.80 8.96
C GLY M 191 -14.75 2.89 7.91
N ASN M 192 -14.29 1.64 7.86
CA ASN M 192 -14.74 0.71 6.85
C ASN M 192 -16.25 0.68 6.77
N ILE M 193 -16.92 0.67 7.92
CA ILE M 193 -18.37 0.64 7.90
C ILE M 193 -18.93 2.05 7.79
N PHE M 194 -18.33 3.00 8.49
CA PHE M 194 -18.83 4.37 8.45
C PHE M 194 -18.90 4.87 7.03
N ALA M 195 -17.84 4.63 6.25
CA ALA M 195 -17.84 5.03 4.85
C ALA M 195 -19.09 4.53 4.15
N GLY M 196 -19.40 3.24 4.29
CA GLY M 196 -20.59 2.72 3.66
C GLY M 196 -21.83 3.47 4.09
N GLY M 197 -21.96 3.69 5.41
CA GLY M 197 -23.13 4.38 5.93
C GLY M 197 -23.34 5.73 5.28
N ILE M 198 -22.30 6.31 4.71
CA ILE M 198 -22.44 7.58 4.00
C ILE M 198 -22.70 7.36 2.52
N LEU M 199 -21.95 6.47 1.87
CA LEU M 199 -22.05 6.34 0.42
C LEU M 199 -23.47 5.98 0.01
N VAL M 200 -24.07 4.97 0.65
CA VAL M 200 -25.45 4.63 0.34
C VAL M 200 -26.33 5.85 0.52
N ALA M 201 -26.17 6.57 1.63
CA ALA M 201 -26.93 7.79 1.85
C ALA M 201 -26.72 8.75 0.69
N LEU M 202 -25.46 8.93 0.28
CA LEU M 202 -25.20 9.79 -0.88
C LEU M 202 -25.92 9.26 -2.11
N ILE M 203 -25.84 7.94 -2.34
CA ILE M 203 -26.52 7.36 -3.49
C ILE M 203 -28.01 7.57 -3.42
N ALA M 204 -28.55 7.82 -2.22
CA ALA M 204 -29.97 8.07 -2.08
C ALA M 204 -30.40 9.36 -2.77
N MET M 205 -29.48 10.28 -3.01
CA MET M 205 -29.86 11.54 -3.65
C MET M 205 -30.17 11.36 -5.13
N PHE M 206 -29.78 10.24 -5.72
CA PHE M 206 -30.12 9.97 -7.10
C PHE M 206 -31.60 9.60 -7.21
N PRO M 207 -32.20 9.79 -8.39
CA PRO M 207 -33.53 9.23 -8.62
C PRO M 207 -33.47 7.71 -8.65
N TRP M 208 -34.60 7.08 -8.31
CA TRP M 208 -34.64 5.62 -8.21
C TRP M 208 -34.11 4.97 -9.48
N TYR M 209 -34.59 5.41 -10.63
CA TYR M 209 -34.19 4.81 -11.90
C TYR M 209 -32.71 4.98 -12.18
N ILE M 210 -32.04 5.88 -11.47
CA ILE M 210 -30.58 5.95 -11.50
C ILE M 210 -29.97 5.48 -10.18
N GLN M 211 -30.70 5.56 -9.07
CA GLN M 211 -30.15 5.15 -7.78
C GLN M 211 -29.89 3.66 -7.75
N TRP M 212 -30.72 2.86 -8.41
CA TRP M 212 -30.63 1.41 -8.24
C TRP M 212 -29.23 0.88 -8.55
N PHE M 213 -28.59 1.41 -9.59
CA PHE M 213 -27.36 0.82 -10.10
C PHE M 213 -26.16 1.10 -9.19
N PRO M 214 -25.82 2.36 -8.92
CA PRO M 214 -24.68 2.61 -8.01
C PRO M 214 -24.89 2.00 -6.65
N ASN M 215 -26.12 2.02 -6.13
CA ASN M 215 -26.40 1.40 -4.84
C ASN M 215 -26.11 -0.10 -4.90
N ALA M 216 -26.55 -0.76 -5.97
CA ALA M 216 -26.30 -2.19 -6.10
C ALA M 216 -24.80 -2.47 -6.14
N VAL M 217 -24.06 -1.70 -6.93
CA VAL M 217 -22.62 -1.92 -7.03
C VAL M 217 -21.95 -1.73 -5.69
N TRP M 218 -22.28 -0.64 -5.00
CA TRP M 218 -21.62 -0.37 -3.72
C TRP M 218 -21.96 -1.42 -2.68
N LYS M 219 -23.22 -1.85 -2.61
CA LYS M 219 -23.57 -2.87 -1.64
C LYS M 219 -22.90 -4.21 -1.94
N THR M 220 -22.82 -4.56 -3.23
CA THR M 220 -22.12 -5.78 -3.60
C THR M 220 -20.66 -5.72 -3.16
N PHE M 221 -20.01 -4.58 -3.36
CA PHE M 221 -18.64 -4.44 -2.88
C PHE M 221 -18.57 -4.42 -1.35
N ASP M 222 -19.58 -3.85 -0.70
CA ASP M 222 -19.58 -3.75 0.76
C ASP M 222 -19.69 -5.14 1.39
N LEU M 223 -20.33 -6.08 0.69
CA LEU M 223 -20.29 -7.47 1.17
C LEU M 223 -18.86 -7.94 1.36
N PHE M 224 -18.03 -7.79 0.32
CA PHE M 224 -16.64 -8.18 0.41
C PHE M 224 -15.90 -7.36 1.46
N VAL M 225 -16.21 -6.07 1.55
CA VAL M 225 -15.54 -5.21 2.53
C VAL M 225 -15.81 -5.71 3.94
N GLY M 226 -17.05 -6.04 4.24
CA GLY M 226 -17.39 -6.54 5.56
C GLY M 226 -16.74 -7.87 5.86
N LEU M 227 -16.74 -8.79 4.89
CA LEU M 227 -16.06 -10.06 5.09
C LEU M 227 -14.58 -9.85 5.39
N ILE M 228 -13.93 -8.99 4.59
CA ILE M 228 -12.51 -8.75 4.76
C ILE M 228 -12.24 -8.09 6.10
N GLN M 229 -13.14 -7.20 6.54
CA GLN M 229 -12.92 -6.51 7.81
C GLN M 229 -13.06 -7.46 8.99
N ALA M 230 -14.06 -8.34 8.96
CA ALA M 230 -14.16 -9.34 10.02
C ALA M 230 -12.92 -10.22 10.04
N PHE M 231 -12.47 -10.66 8.87
CA PHE M 231 -11.28 -11.50 8.80
C PHE M 231 -10.06 -10.77 9.36
N ILE M 232 -9.87 -9.51 8.98
CA ILE M 232 -8.70 -8.76 9.43
C ILE M 232 -8.76 -8.55 10.93
N PHE M 233 -9.93 -8.21 11.47
CA PHE M 233 -10.06 -8.03 12.91
C PHE M 233 -9.69 -9.31 13.64
N SER M 234 -10.19 -10.45 13.16
CA SER M 234 -9.91 -11.72 13.83
C SER M 234 -8.42 -12.04 13.79
N LEU M 235 -7.80 -11.95 12.62
CA LEU M 235 -6.38 -12.26 12.52
C LEU M 235 -5.52 -11.32 13.35
N LEU M 236 -5.86 -10.02 13.35
CA LEU M 236 -5.08 -9.08 14.14
C LEU M 236 -5.25 -9.35 15.63
N THR M 237 -6.45 -9.73 16.07
CA THR M 237 -6.63 -10.10 17.46
C THR M 237 -5.77 -11.31 17.81
N ILE M 238 -5.79 -12.33 16.95
CA ILE M 238 -4.99 -13.52 17.20
C ILE M 238 -3.51 -13.17 17.28
N LEU M 239 -3.05 -12.31 16.36
CA LEU M 239 -1.64 -11.99 16.30
C LEU M 239 -1.20 -11.14 17.48
N TYR M 240 -2.06 -10.22 17.94
CA TYR M 240 -1.75 -9.46 19.14
C TYR M 240 -1.71 -10.37 20.36
N PHE M 241 -2.62 -11.35 20.43
CA PHE M 241 -2.55 -12.33 21.51
C PHE M 241 -1.22 -13.07 21.47
N SER M 242 -0.80 -13.48 20.28
CA SER M 242 0.46 -14.21 20.16
C SER M 242 1.64 -13.35 20.58
N GLN M 243 1.65 -12.09 20.16
CA GLN M 243 2.73 -11.18 20.56
C GLN M 243 2.76 -10.99 22.06
N SER M 244 1.59 -10.88 22.69
CA SER M 244 1.52 -10.66 24.12
C SER M 244 1.76 -11.92 24.95
N MET M 245 1.79 -13.09 24.31
CA MET M 245 2.01 -14.36 25.00
C MET M 245 3.19 -15.06 24.34
N GLU M 246 4.40 -14.74 24.80
CA GLU M 246 5.60 -15.34 24.23
C GLU M 246 6.73 -15.23 25.24
N LEU M 247 7.45 -16.33 25.44
CA LEU M 247 8.57 -16.36 26.37
C LEU M 247 8.11 -15.93 27.76
N SER N 22 -23.58 17.36 17.12
CA SER N 22 -22.44 17.13 17.99
C SER N 22 -21.52 16.06 17.40
N ASN N 23 -20.34 15.91 18.00
CA ASN N 23 -19.38 14.94 17.51
C ASN N 23 -19.94 13.53 17.64
N PHE N 24 -19.80 12.75 16.57
CA PHE N 24 -20.15 11.33 16.61
C PHE N 24 -19.02 10.46 17.15
N LEU N 25 -17.82 11.03 17.32
CA LEU N 25 -16.67 10.27 17.77
C LEU N 25 -16.63 10.11 19.29
N ILE N 26 -17.41 10.89 20.03
CA ILE N 26 -17.38 10.78 21.50
C ILE N 26 -18.07 9.50 21.92
N PRO N 27 -17.45 8.67 22.77
CA PRO N 27 -18.14 7.46 23.23
C PRO N 27 -19.38 7.77 24.03
N ASN N 28 -20.11 6.74 24.45
CA ASN N 28 -21.40 6.92 25.10
C ASN N 28 -21.61 5.76 26.06
N GLY N 29 -22.77 5.76 26.73
CA GLY N 29 -23.14 4.62 27.54
C GLY N 29 -23.39 3.38 26.72
N THR N 30 -23.73 3.56 25.43
CA THR N 30 -23.90 2.42 24.54
C THR N 30 -22.69 1.51 24.56
N PHE N 31 -21.50 2.08 24.72
CA PHE N 31 -20.29 1.27 24.79
C PHE N 31 -20.45 0.12 25.77
N PHE N 32 -21.00 0.40 26.95
CA PHE N 32 -21.24 -0.67 27.91
C PHE N 32 -22.26 -1.67 27.36
N ALA N 33 -23.41 -1.18 26.92
CA ALA N 33 -24.48 -2.07 26.50
C ALA N 33 -23.99 -3.03 25.42
N VAL N 34 -23.39 -2.48 24.35
CA VAL N 34 -22.88 -3.34 23.28
C VAL N 34 -21.95 -4.38 23.86
N LEU N 35 -21.01 -3.95 24.70
CA LEU N 35 -20.08 -4.90 25.32
C LEU N 35 -20.84 -6.05 25.93
N ILE N 36 -21.86 -5.74 26.75
CA ILE N 36 -22.61 -6.80 27.41
C ILE N 36 -23.10 -7.80 26.38
N ILE N 37 -23.74 -7.31 25.33
CA ILE N 37 -24.26 -8.21 24.31
C ILE N 37 -23.13 -9.08 23.77
N PHE N 38 -22.04 -8.45 23.36
CA PHE N 38 -20.92 -9.21 22.84
C PHE N 38 -20.55 -10.32 23.82
N LEU N 39 -20.42 -9.95 25.09
CA LEU N 39 -19.99 -10.93 26.08
C LEU N 39 -20.88 -12.17 26.04
N ILE N 40 -22.19 -11.98 26.10
CA ILE N 40 -23.06 -13.16 26.16
C ILE N 40 -22.87 -14.00 24.91
N VAL N 41 -22.78 -13.34 23.75
CA VAL N 41 -22.54 -14.09 22.52
C VAL N 41 -21.27 -14.90 22.66
N LEU N 42 -20.18 -14.26 23.11
CA LEU N 42 -18.94 -14.98 23.33
C LEU N 42 -19.19 -16.21 24.20
N GLY N 43 -19.91 -16.01 25.31
CA GLY N 43 -20.18 -17.14 26.18
C GLY N 43 -20.81 -18.29 25.42
N VAL N 44 -21.85 -17.99 24.65
CA VAL N 44 -22.51 -19.04 23.86
C VAL N 44 -21.49 -19.71 22.96
N ILE N 45 -20.73 -18.90 22.22
CA ILE N 45 -19.76 -19.47 21.28
C ILE N 45 -18.73 -20.29 22.02
N SER N 46 -18.43 -19.92 23.28
CA SER N 46 -17.44 -20.66 24.03
C SER N 46 -18.00 -21.96 24.59
N LYS N 47 -19.31 -22.03 24.83
CA LYS N 47 -19.89 -23.14 25.57
C LYS N 47 -20.82 -24.01 24.75
N TRP N 48 -21.15 -23.63 23.52
CA TRP N 48 -22.06 -24.44 22.71
C TRP N 48 -21.67 -24.52 21.24
N VAL N 49 -20.55 -23.94 20.84
CA VAL N 49 -20.14 -23.96 19.44
C VAL N 49 -18.74 -24.55 19.30
N VAL N 50 -17.77 -23.92 19.94
CA VAL N 50 -16.37 -24.28 19.74
C VAL N 50 -16.03 -25.62 20.38
N PRO N 51 -16.53 -25.95 21.57
CA PRO N 51 -16.20 -27.25 22.16
C PRO N 51 -16.79 -28.40 21.35
N PRO N 52 -18.07 -28.34 20.98
CA PRO N 52 -18.62 -29.40 20.11
C PRO N 52 -17.88 -29.50 18.78
N ILE N 53 -17.48 -28.38 18.18
CA ILE N 53 -16.81 -28.41 16.89
C ILE N 53 -15.41 -29.01 17.04
N SER N 54 -14.71 -28.64 18.11
CA SER N 54 -13.40 -29.24 18.36
C SER N 54 -13.52 -30.73 18.58
N LYS N 55 -14.55 -31.16 19.32
CA LYS N 55 -14.77 -32.59 19.52
C LYS N 55 -15.03 -33.29 18.19
N VAL N 56 -15.85 -32.67 17.33
CA VAL N 56 -16.17 -33.28 16.04
C VAL N 56 -14.90 -33.42 15.19
N LEU N 57 -14.09 -32.36 15.14
CA LEU N 57 -12.86 -32.40 14.35
C LEU N 57 -11.89 -33.44 14.89
N ALA N 58 -11.74 -33.50 16.22
CA ALA N 58 -10.86 -34.50 16.81
C ALA N 58 -11.34 -35.91 16.51
N GLU N 59 -12.66 -36.13 16.59
CA GLU N 59 -13.20 -37.45 16.29
C GLU N 59 -12.99 -37.81 14.82
N ARG N 60 -13.13 -36.84 13.92
CA ARG N 60 -12.88 -37.11 12.51
C ARG N 60 -11.42 -37.48 12.26
N GLU N 61 -10.50 -36.73 12.87
CA GLU N 61 -9.08 -37.05 12.70
C GLU N 61 -8.76 -38.42 13.29
N ALA N 62 -9.33 -38.73 14.46
CA ALA N 62 -9.12 -40.05 15.05
C ALA N 62 -9.70 -41.14 14.17
N MET N 63 -10.85 -40.88 13.54
CA MET N 63 -11.43 -41.86 12.63
C MET N 63 -10.53 -42.09 11.43
N LEU N 64 -9.94 -41.03 10.89
CA LEU N 64 -9.01 -41.20 9.77
C LEU N 64 -7.79 -42.01 10.19
N ALA N 65 -7.23 -41.71 11.38
CA ALA N 65 -6.10 -42.48 11.87
C ALA N 65 -6.48 -43.94 12.08
N LYS N 66 -7.67 -44.19 12.62
CA LYS N 66 -8.13 -45.55 12.83
C LYS N 66 -8.33 -46.26 11.50
N THR N 67 -8.80 -45.55 10.48
CA THR N 67 -8.95 -46.14 9.15
C THR N 67 -7.59 -46.57 8.60
N ALA N 68 -6.60 -45.70 8.72
CA ALA N 68 -5.25 -46.06 8.27
C ALA N 68 -4.72 -47.25 9.04
N ALA N 69 -4.91 -47.25 10.36
CA ALA N 69 -4.43 -48.37 11.17
C ALA N 69 -5.13 -49.66 10.79
N ASP N 70 -6.44 -49.60 10.54
CA ASP N 70 -7.17 -50.80 10.15
C ASP N 70 -6.71 -51.31 8.81
N ASN N 71 -6.43 -50.41 7.86
CA ASN N 71 -5.89 -50.84 6.57
C ASN N 71 -4.56 -51.55 6.75
N ARG N 72 -3.66 -50.97 7.56
CA ARG N 72 -2.36 -51.61 7.76
C ARG N 72 -2.51 -52.95 8.47
N LYS N 73 -3.38 -53.03 9.46
CA LYS N 73 -3.57 -54.29 10.17
C LYS N 73 -4.18 -55.36 9.27
N SER N 74 -5.12 -54.98 8.40
CA SER N 74 -5.64 -55.93 7.43
C SER N 74 -4.53 -56.41 6.50
N ALA N 75 -3.69 -55.48 6.03
CA ALA N 75 -2.62 -55.86 5.14
C ALA N 75 -1.65 -56.83 5.79
N GLU N 76 -1.33 -56.61 7.07
CA GLU N 76 -0.40 -57.50 7.74
C GLU N 76 -1.05 -58.83 8.13
N GLN N 77 -2.34 -58.83 8.46
CA GLN N 77 -3.02 -60.08 8.79
C GLN N 77 -3.16 -60.97 7.56
N VAL N 78 -3.51 -60.38 6.41
CA VAL N 78 -3.69 -61.19 5.20
C VAL N 78 -2.38 -61.85 4.80
N ALA N 79 -1.25 -61.32 5.26
CA ALA N 79 0.04 -61.94 5.00
C ALA N 79 0.43 -62.93 6.09
N ALA N 80 0.22 -62.57 7.36
CA ALA N 80 0.58 -63.46 8.45
C ALA N 80 -0.22 -64.75 8.40
N ALA N 81 -1.52 -64.66 8.13
CA ALA N 81 -2.35 -65.86 8.06
C ALA N 81 -1.76 -66.87 7.08
N GLN N 82 -1.41 -66.42 5.88
CA GLN N 82 -0.74 -67.31 4.93
C GLN N 82 0.60 -67.78 5.48
N ALA N 83 1.36 -66.88 6.11
CA ALA N 83 2.64 -67.26 6.69
C ALA N 83 2.45 -68.32 7.77
N ASP N 84 1.43 -68.14 8.61
CA ASP N 84 1.16 -69.08 9.70
C ASP N 84 -0.09 -69.90 9.40
N MET O 1 -39.87 7.34 -0.36
CA MET O 1 -40.41 6.15 -1.08
C MET O 1 -39.65 5.93 -2.38
N SER O 2 -39.34 7.03 -3.08
CA SER O 2 -38.59 6.92 -4.34
C SER O 2 -37.23 6.31 -4.08
N ILE O 3 -36.50 6.81 -3.07
CA ILE O 3 -35.21 6.23 -2.76
C ILE O 3 -35.37 4.80 -2.26
N PHE O 4 -36.46 4.52 -1.56
CA PHE O 4 -36.74 3.14 -1.16
C PHE O 4 -36.92 2.25 -2.37
N ILE O 5 -37.65 2.72 -3.38
CA ILE O 5 -37.86 1.92 -4.58
C ILE O 5 -36.53 1.68 -5.29
N GLY O 6 -35.71 2.72 -5.42
CA GLY O 6 -34.41 2.56 -6.06
C GLY O 6 -33.53 1.57 -5.30
N GLN O 7 -33.52 1.67 -3.98
CA GLN O 7 -32.69 0.76 -3.19
C GLN O 7 -33.20 -0.66 -3.29
N LEU O 8 -34.52 -0.84 -3.36
CA LEU O 8 -35.07 -2.18 -3.50
C LEU O 8 -34.70 -2.78 -4.86
N ILE O 9 -34.73 -1.97 -5.91
CA ILE O 9 -34.27 -2.47 -7.21
C ILE O 9 -32.80 -2.85 -7.15
N GLY O 10 -31.99 -2.03 -6.48
CA GLY O 10 -30.59 -2.37 -6.31
C GLY O 10 -30.39 -3.68 -5.55
N PHE O 11 -31.19 -3.89 -4.50
CA PHE O 11 -31.09 -5.12 -3.74
C PHE O 11 -31.52 -6.32 -4.57
N ALA O 12 -32.55 -6.14 -5.42
CA ALA O 12 -32.93 -7.21 -6.33
C ALA O 12 -31.79 -7.56 -7.26
N VAL O 13 -31.09 -6.54 -7.78
CA VAL O 13 -29.93 -6.80 -8.63
C VAL O 13 -28.86 -7.55 -7.85
N ILE O 14 -28.62 -7.14 -6.61
CA ILE O 14 -27.60 -7.81 -5.80
C ILE O 14 -27.96 -9.27 -5.60
N ALA O 15 -29.22 -9.54 -5.27
CA ALA O 15 -29.64 -10.93 -5.06
C ALA O 15 -29.53 -11.74 -6.34
N PHE O 16 -29.87 -11.13 -7.47
CA PHE O 16 -29.73 -11.82 -8.75
C PHE O 16 -28.28 -12.20 -8.99
N ILE O 17 -27.36 -11.25 -8.74
CA ILE O 17 -25.94 -11.54 -8.94
C ILE O 17 -25.50 -12.66 -8.01
N ILE O 18 -25.91 -12.60 -6.75
CA ILE O 18 -25.47 -13.59 -5.77
C ILE O 18 -25.95 -14.98 -6.18
N VAL O 19 -27.22 -15.10 -6.55
CA VAL O 19 -27.75 -16.41 -6.93
C VAL O 19 -27.15 -16.88 -8.23
N LYS O 20 -26.86 -15.97 -9.16
CA LYS O 20 -26.36 -16.38 -10.47
C LYS O 20 -24.91 -16.86 -10.40
N TRP O 21 -24.05 -16.13 -9.69
CA TRP O 21 -22.61 -16.39 -9.77
C TRP O 21 -21.94 -16.67 -8.44
N VAL O 22 -22.65 -16.56 -7.30
CA VAL O 22 -22.07 -16.83 -6.00
C VAL O 22 -22.66 -18.08 -5.37
N VAL O 23 -23.98 -18.28 -5.50
CA VAL O 23 -24.60 -19.47 -4.92
C VAL O 23 -24.07 -20.74 -5.56
N PRO O 24 -23.95 -20.86 -6.88
CA PRO O 24 -23.50 -22.12 -7.47
C PRO O 24 -22.15 -22.55 -6.96
N PRO O 25 -21.13 -21.68 -6.97
CA PRO O 25 -19.81 -22.13 -6.49
C PRO O 25 -19.79 -22.52 -5.02
N VAL O 26 -20.43 -21.74 -4.15
CA VAL O 26 -20.40 -22.07 -2.73
C VAL O 26 -21.18 -23.36 -2.47
N ARG O 27 -22.28 -23.56 -3.21
CA ARG O 27 -23.01 -24.82 -3.11
C ARG O 27 -22.14 -25.98 -3.57
N THR O 28 -21.33 -25.77 -4.61
CA THR O 28 -20.44 -26.81 -5.08
C THR O 28 -19.38 -27.16 -4.02
N LEU O 29 -18.81 -26.15 -3.37
CA LEU O 29 -17.86 -26.42 -2.30
C LEU O 29 -18.53 -27.17 -1.14
N MET O 30 -19.75 -26.77 -0.78
CA MET O 30 -20.45 -27.48 0.29
C MET O 30 -20.69 -28.94 -0.09
N ARG O 31 -21.12 -29.18 -1.32
CA ARG O 31 -21.32 -30.55 -1.79
C ARG O 31 -20.02 -31.32 -1.77
N ASN O 32 -18.92 -30.69 -2.19
CA ASN O 32 -17.63 -31.36 -2.22
C ASN O 32 -17.21 -31.78 -0.82
N GLN O 33 -17.33 -30.87 0.15
CA GLN O 33 -16.95 -31.21 1.52
C GLN O 33 -17.85 -32.30 2.09
N GLN O 34 -19.16 -32.20 1.83
CA GLN O 34 -20.08 -33.21 2.32
C GLN O 34 -19.75 -34.59 1.75
N GLU O 35 -19.48 -34.65 0.44
CA GLU O 35 -19.15 -35.93 -0.16
C GLU O 35 -17.80 -36.44 0.28
N ALA O 36 -16.84 -35.54 0.54
CA ALA O 36 -15.55 -35.98 1.06
C ALA O 36 -15.69 -36.62 2.43
N VAL O 37 -16.46 -36.00 3.31
CA VAL O 37 -16.64 -36.57 4.65
C VAL O 37 -17.46 -37.85 4.57
N ARG O 38 -18.46 -37.90 3.68
CA ARG O 38 -19.22 -39.13 3.51
C ARG O 38 -18.32 -40.26 3.01
N ALA O 39 -17.43 -39.96 2.07
CA ALA O 39 -16.51 -40.97 1.57
C ALA O 39 -15.55 -41.40 2.66
N ALA O 40 -15.13 -40.48 3.53
CA ALA O 40 -14.28 -40.85 4.65
C ALA O 40 -15.01 -41.81 5.59
N LEU O 41 -16.29 -41.52 5.87
CA LEU O 41 -17.06 -42.41 6.74
C LEU O 41 -17.22 -43.79 6.11
N ALA O 42 -17.51 -43.84 4.80
CA ALA O 42 -17.63 -45.11 4.12
C ALA O 42 -16.30 -45.86 4.13
N GLU O 43 -15.20 -45.13 3.94
CA GLU O 43 -13.88 -45.75 3.98
C GLU O 43 -13.61 -46.36 5.35
N SER O 44 -13.97 -45.64 6.41
CA SER O 44 -13.78 -46.18 7.76
C SER O 44 -14.62 -47.44 7.97
N ALA O 45 -15.88 -47.39 7.56
CA ALA O 45 -16.75 -48.56 7.74
C ALA O 45 -16.22 -49.77 6.99
N GLU O 46 -15.83 -49.56 5.73
CA GLU O 46 -15.35 -50.69 4.94
C GLU O 46 -14.00 -51.17 5.43
N ALA O 47 -13.18 -50.28 6.00
CA ALA O 47 -11.91 -50.72 6.58
C ALA O 47 -12.15 -51.55 7.83
N ALA O 48 -13.13 -51.18 8.64
CA ALA O 48 -13.48 -52.02 9.79
C ALA O 48 -13.97 -53.38 9.33
N LYS O 49 -14.82 -53.41 8.29
CA LYS O 49 -15.28 -54.69 7.75
C LYS O 49 -14.12 -55.50 7.19
N LYS O 50 -13.17 -54.83 6.53
CA LYS O 50 -12.00 -55.51 5.98
C LYS O 50 -11.16 -56.12 7.10
N LEU O 51 -10.98 -55.39 8.19
CA LEU O 51 -10.22 -55.94 9.32
C LEU O 51 -10.95 -57.13 9.93
N ALA O 52 -12.28 -57.05 10.01
CA ALA O 52 -13.05 -58.18 10.50
C ALA O 52 -12.86 -59.40 9.60
N ASP O 53 -12.93 -59.20 8.29
CA ASP O 53 -12.75 -60.30 7.35
C ASP O 53 -11.34 -60.89 7.44
N ALA O 54 -10.33 -60.02 7.56
CA ALA O 54 -8.97 -60.50 7.69
C ALA O 54 -8.78 -61.30 8.97
N ASP O 55 -9.38 -60.84 10.08
CA ASP O 55 -9.31 -61.59 11.32
C ASP O 55 -9.98 -62.95 11.17
N ALA O 56 -11.15 -62.99 10.51
CA ALA O 56 -11.83 -64.26 10.31
C ALA O 56 -10.99 -65.21 9.47
N MET O 57 -10.38 -64.70 8.40
CA MET O 57 -9.57 -65.56 7.54
C MET O 57 -8.33 -66.05 8.29
N HIS O 58 -7.70 -65.18 9.09
CA HIS O 58 -6.54 -65.60 9.86
C HIS O 58 -6.91 -66.68 10.87
N ALA O 59 -8.05 -66.51 11.55
CA ALA O 59 -8.51 -67.54 12.46
C ALA O 59 -8.78 -68.85 11.74
N LYS O 60 -9.38 -68.77 10.55
CA LYS O 60 -9.61 -69.97 9.76
C LYS O 60 -8.29 -70.64 9.39
N ALA O 61 -7.31 -69.85 8.99
CA ALA O 61 -6.01 -70.38 8.60
C ALA O 61 -5.09 -70.47 9.82
#